data_1K4U
#
_entry.id   1K4U
#
loop_
_entity.id
_entity.type
_entity.pdbx_description
1 polymer 'PHAGOCYTE NADPH OXIDASE SUBUNIT P67PHOX'
2 polymer 'PHAGOCYTE NADPH OXIDASE SUBUNIT P47PHOX'
#
loop_
_entity_poly.entity_id
_entity_poly.type
_entity_poly.pdbx_seq_one_letter_code
_entity_poly.pdbx_strand_id
1 'polypeptide(L)' QLKKGSQVEALFSYEATQPEDLEFQEGDIILVLSKVNEEWLEGESKGKVGIFPKVFVEDSAT S
2 'polypeptide(L)' SKPQPAVPPRPSADLILNRCSESTKRKLASAV P
#
# COMPACT_ATOMS: atom_id res chain seq x y z
N GLN A 1 13.35 12.16 16.58
CA GLN A 1 13.72 10.83 16.02
C GLN A 1 12.88 10.50 14.80
N LEU A 2 13.07 9.28 14.27
CA LEU A 2 12.32 8.84 13.10
C LEU A 2 12.01 7.35 13.18
N LYS A 3 10.75 7.00 12.91
CA LYS A 3 10.33 5.61 12.96
C LYS A 3 10.15 5.05 11.55
N LYS A 4 10.05 3.72 11.46
CA LYS A 4 9.86 3.07 10.16
C LYS A 4 9.07 1.78 10.31
N GLY A 5 8.32 1.42 9.27
CA GLY A 5 7.52 0.22 9.30
C GLY A 5 8.23 -0.96 8.68
N SER A 6 8.40 -0.92 7.36
CA SER A 6 9.08 -1.97 6.62
C SER A 6 9.41 -1.48 5.21
N GLN A 7 9.77 -2.40 4.33
CA GLN A 7 10.11 -2.02 2.95
C GLN A 7 9.84 -3.16 1.98
N VAL A 8 9.48 -2.79 0.75
CA VAL A 8 9.21 -3.77 -0.30
C VAL A 8 9.32 -3.13 -1.69
N GLU A 9 10.29 -3.56 -2.47
CA GLU A 9 10.47 -3.03 -3.81
C GLU A 9 9.25 -3.33 -4.67
N ALA A 10 8.95 -2.46 -5.63
CA ALA A 10 7.81 -2.66 -6.50
C ALA A 10 8.19 -3.45 -7.75
N LEU A 11 7.20 -3.80 -8.54
CA LEU A 11 7.44 -4.56 -9.76
C LEU A 11 6.51 -4.12 -10.89
N PHE A 12 5.30 -3.70 -10.54
CA PHE A 12 4.34 -3.25 -11.55
C PHE A 12 3.79 -1.87 -11.23
N SER A 13 3.41 -1.13 -12.26
CA SER A 13 2.83 0.19 -12.09
C SER A 13 1.34 0.03 -11.78
N TYR A 14 0.99 0.17 -10.51
CA TYR A 14 -0.39 0.01 -10.08
C TYR A 14 -1.24 1.24 -10.37
N GLU A 15 -2.29 1.03 -11.17
CA GLU A 15 -3.20 2.11 -11.51
C GLU A 15 -4.09 2.43 -10.31
N ALA A 16 -3.87 3.59 -9.72
CA ALA A 16 -4.62 4.00 -8.54
C ALA A 16 -5.88 4.78 -8.93
N THR A 17 -7.04 4.21 -8.61
CA THR A 17 -8.33 4.83 -8.92
C THR A 17 -8.98 5.37 -7.64
N GLN A 18 -8.72 4.70 -6.53
CA GLN A 18 -9.28 5.10 -5.24
C GLN A 18 -8.25 5.88 -4.42
N PRO A 19 -8.71 6.63 -3.40
CA PRO A 19 -7.83 7.44 -2.55
C PRO A 19 -6.79 6.63 -1.78
N GLU A 20 -7.23 5.94 -0.72
CA GLU A 20 -6.32 5.14 0.12
C GLU A 20 -5.34 4.32 -0.72
N ASP A 21 -5.75 3.93 -1.91
CA ASP A 21 -4.89 3.15 -2.79
C ASP A 21 -3.66 3.94 -3.19
N LEU A 22 -2.50 3.50 -2.71
CA LEU A 22 -1.24 4.15 -3.03
C LEU A 22 -0.76 3.73 -4.41
N GLU A 23 -0.60 4.70 -5.29
CA GLU A 23 -0.15 4.44 -6.65
C GLU A 23 1.36 4.40 -6.74
N PHE A 24 1.88 3.44 -7.48
CA PHE A 24 3.32 3.31 -7.66
C PHE A 24 3.64 2.71 -9.02
N GLN A 25 4.79 3.08 -9.57
CA GLN A 25 5.21 2.59 -10.89
C GLN A 25 6.09 1.34 -10.76
N GLU A 26 6.30 0.67 -11.89
CA GLU A 26 7.11 -0.53 -11.93
C GLU A 26 8.44 -0.34 -11.22
N GLY A 27 8.94 -1.41 -10.61
CA GLY A 27 10.21 -1.36 -9.90
C GLY A 27 10.40 -0.07 -9.12
N ASP A 28 9.92 -0.04 -7.88
CA ASP A 28 10.05 1.14 -7.05
C ASP A 28 10.36 0.81 -5.60
N ILE A 29 10.87 1.80 -4.89
CA ILE A 29 11.23 1.63 -3.49
C ILE A 29 10.30 2.42 -2.58
N ILE A 30 9.11 1.89 -2.34
CA ILE A 30 8.12 2.53 -1.48
C ILE A 30 8.46 2.30 -0.02
N LEU A 31 7.94 3.15 0.85
CA LEU A 31 8.19 3.02 2.27
C LEU A 31 7.01 2.34 2.96
N VAL A 32 7.12 1.03 3.15
CA VAL A 32 6.06 0.29 3.80
C VAL A 32 5.97 0.70 5.25
N LEU A 33 4.85 1.27 5.63
CA LEU A 33 4.68 1.71 7.00
C LEU A 33 4.25 0.57 7.91
N SER A 34 3.74 -0.51 7.33
CA SER A 34 3.28 -1.67 8.10
C SER A 34 2.49 -2.65 7.25
N LYS A 35 2.08 -3.76 7.87
CA LYS A 35 1.26 -4.76 7.20
C LYS A 35 -0.19 -4.41 7.45
N VAL A 36 -1.03 -4.50 6.42
CA VAL A 36 -2.43 -4.12 6.58
C VAL A 36 -3.38 -5.33 6.55
N ASN A 37 -3.05 -6.38 5.81
CA ASN A 37 -3.89 -7.58 5.77
C ASN A 37 -3.24 -8.69 4.95
N GLU A 38 -1.91 -8.75 4.97
CA GLU A 38 -1.18 -9.77 4.23
C GLU A 38 -1.17 -9.49 2.73
N GLU A 39 -2.36 -9.38 2.14
CA GLU A 39 -2.48 -9.11 0.71
C GLU A 39 -2.29 -7.62 0.41
N TRP A 40 -2.14 -6.83 1.47
CA TRP A 40 -1.94 -5.39 1.35
C TRP A 40 -1.20 -4.88 2.57
N LEU A 41 -0.78 -3.62 2.50
CA LEU A 41 -0.07 -3.00 3.59
C LEU A 41 -0.13 -1.48 3.49
N GLU A 42 0.40 -0.80 4.49
CA GLU A 42 0.39 0.65 4.49
C GLU A 42 1.49 1.20 3.58
N GLY A 43 1.15 2.22 2.82
CA GLY A 43 2.10 2.80 1.89
C GLY A 43 2.23 4.30 1.97
N GLU A 44 3.40 4.78 2.36
CA GLU A 44 3.65 6.21 2.45
C GLU A 44 4.84 6.58 1.57
N SER A 45 4.55 7.11 0.37
CA SER A 45 5.61 7.48 -0.57
C SER A 45 5.40 8.89 -1.12
N LYS A 46 6.33 9.78 -0.80
CA LYS A 46 6.28 11.16 -1.27
C LYS A 46 5.17 11.95 -0.60
N GLY A 47 5.41 12.37 0.64
CA GLY A 47 4.43 13.16 1.39
C GLY A 47 2.99 12.76 1.11
N LYS A 48 2.76 11.45 1.00
CA LYS A 48 1.42 10.94 0.74
C LYS A 48 1.25 9.56 1.38
N VAL A 49 0.20 9.40 2.16
CA VAL A 49 -0.06 8.14 2.82
C VAL A 49 -1.22 7.39 2.18
N GLY A 50 -0.96 6.14 1.83
CA GLY A 50 -1.96 5.29 1.22
C GLY A 50 -1.65 3.84 1.49
N ILE A 51 -2.04 2.95 0.58
CA ILE A 51 -1.78 1.53 0.76
C ILE A 51 -1.64 0.82 -0.57
N PHE A 52 -1.06 -0.38 -0.53
CA PHE A 52 -0.87 -1.16 -1.76
C PHE A 52 -0.79 -2.65 -1.46
N PRO A 53 -1.07 -3.48 -2.49
CA PRO A 53 -1.04 -4.94 -2.35
C PRO A 53 0.37 -5.49 -2.49
N LYS A 54 0.80 -6.26 -1.49
CA LYS A 54 2.12 -6.86 -1.47
C LYS A 54 2.44 -7.62 -2.77
N VAL A 55 1.40 -8.07 -3.47
CA VAL A 55 1.60 -8.80 -4.72
C VAL A 55 2.42 -7.98 -5.72
N PHE A 56 2.34 -6.65 -5.61
CA PHE A 56 3.08 -5.76 -6.49
C PHE A 56 4.43 -5.40 -5.89
N VAL A 57 4.83 -6.10 -4.84
CA VAL A 57 6.09 -5.83 -4.18
C VAL A 57 6.62 -7.06 -3.44
N GLU A 58 7.23 -7.97 -4.17
CA GLU A 58 7.79 -9.18 -3.58
C GLU A 58 8.91 -8.85 -2.61
N ASP A 59 9.17 -7.57 -2.44
CA ASP A 59 10.18 -7.07 -1.53
C ASP A 59 11.60 -7.46 -1.96
N SER A 60 12.57 -6.73 -1.45
CA SER A 60 13.98 -6.97 -1.77
C SER A 60 14.83 -6.91 -0.51
N ALA A 61 14.56 -5.93 0.36
CA ALA A 61 15.31 -5.77 1.59
C ALA A 61 14.55 -4.90 2.59
N THR A 62 14.04 -5.54 3.64
CA THR A 62 13.29 -4.83 4.67
C THR A 62 14.22 -4.33 5.78
N SER B 1 8.62 -6.00 -20.51
CA SER B 1 7.13 -5.97 -20.51
C SER B 1 6.55 -7.08 -19.64
N LYS B 2 5.68 -6.70 -18.71
CA LYS B 2 5.06 -7.65 -17.80
C LYS B 2 3.62 -7.25 -17.49
N PRO B 3 2.71 -8.23 -17.50
CA PRO B 3 1.29 -8.01 -17.21
C PRO B 3 1.01 -7.99 -15.72
N GLN B 4 0.91 -6.79 -15.15
CA GLN B 4 0.67 -6.64 -13.72
C GLN B 4 -0.50 -7.51 -13.26
N PRO B 5 -0.51 -7.84 -11.96
CA PRO B 5 -1.54 -8.66 -11.36
C PRO B 5 -2.85 -7.90 -11.17
N ALA B 6 -3.94 -8.44 -11.70
CA ALA B 6 -5.24 -7.79 -11.52
C ALA B 6 -5.47 -7.50 -10.05
N VAL B 7 -5.24 -6.26 -9.64
CA VAL B 7 -5.38 -5.90 -8.23
C VAL B 7 -6.72 -6.37 -7.66
N PRO B 8 -6.70 -6.93 -6.44
CA PRO B 8 -7.89 -7.46 -5.77
C PRO B 8 -8.62 -6.40 -4.94
N PRO B 9 -9.80 -6.76 -4.38
CA PRO B 9 -10.58 -5.85 -3.53
C PRO B 9 -9.84 -5.55 -2.25
N ARG B 10 -9.07 -4.47 -2.28
CA ARG B 10 -8.26 -4.04 -1.14
C ARG B 10 -8.99 -4.21 0.20
N PRO B 11 -8.23 -4.64 1.23
CA PRO B 11 -8.72 -4.85 2.59
C PRO B 11 -9.81 -3.89 3.00
N SER B 12 -10.70 -4.35 3.88
CA SER B 12 -11.79 -3.53 4.36
C SER B 12 -11.23 -2.32 5.11
N ALA B 13 -11.56 -1.13 4.63
CA ALA B 13 -11.09 0.12 5.23
C ALA B 13 -10.83 -0.04 6.73
N ASP B 14 -11.78 -0.66 7.41
CA ASP B 14 -11.66 -0.87 8.85
C ASP B 14 -10.38 -1.61 9.23
N LEU B 15 -10.19 -2.84 8.74
CA LEU B 15 -8.96 -3.56 9.09
C LEU B 15 -7.76 -2.70 8.76
N ILE B 16 -7.91 -1.84 7.75
CA ILE B 16 -6.84 -0.93 7.39
C ILE B 16 -6.73 0.09 8.51
N LEU B 17 -7.89 0.57 8.96
CA LEU B 17 -7.95 1.50 10.07
C LEU B 17 -7.32 0.86 11.30
N ASN B 18 -7.29 -0.47 11.29
CA ASN B 18 -6.71 -1.26 12.37
C ASN B 18 -5.23 -1.52 12.13
N ARG B 19 -4.78 -1.38 10.88
CA ARG B 19 -3.39 -1.64 10.53
C ARG B 19 -2.78 -0.55 9.65
N CYS B 20 -3.18 0.70 9.85
CA CYS B 20 -2.62 1.81 9.05
C CYS B 20 -2.50 3.08 9.89
N SER B 21 -1.95 4.11 9.26
CA SER B 21 -1.77 5.41 9.92
C SER B 21 -3.02 6.26 9.75
N GLU B 22 -3.21 7.22 10.66
CA GLU B 22 -4.37 8.10 10.60
C GLU B 22 -4.48 8.76 9.23
N SER B 23 -3.35 8.89 8.55
CA SER B 23 -3.32 9.51 7.22
C SER B 23 -4.11 8.67 6.22
N THR B 24 -3.69 7.44 6.01
CA THR B 24 -4.37 6.54 5.08
C THR B 24 -5.81 6.33 5.53
N LYS B 25 -6.02 6.30 6.83
CA LYS B 25 -7.34 6.10 7.40
C LYS B 25 -8.29 7.20 6.93
N ARG B 26 -7.75 8.41 6.77
CA ARG B 26 -8.56 9.54 6.31
C ARG B 26 -9.17 9.24 4.95
N LYS B 27 -8.42 8.48 4.14
CA LYS B 27 -8.87 8.10 2.82
C LYS B 27 -10.10 7.20 2.92
N LEU B 28 -10.08 6.30 3.88
CA LEU B 28 -11.20 5.39 4.12
C LEU B 28 -12.10 5.91 5.23
N ALA B 29 -11.70 5.66 6.48
CA ALA B 29 -12.47 6.12 7.64
C ALA B 29 -13.94 5.71 7.51
N SER B 30 -14.20 4.64 6.77
CA SER B 30 -15.56 4.15 6.59
C SER B 30 -15.81 2.94 7.47
N ALA B 31 -14.79 2.11 7.63
CA ALA B 31 -14.89 0.91 8.46
C ALA B 31 -16.01 0.00 7.97
N VAL B 32 -16.21 -1.11 8.68
CA VAL B 32 -17.25 -2.08 8.34
C VAL B 32 -17.28 -2.36 6.83
N GLN A 1 -0.35 -2.42 16.79
CA GLN A 1 -1.33 -1.44 16.26
C GLN A 1 -0.63 -0.34 15.47
N LEU A 2 0.29 0.36 16.12
CA LEU A 2 1.04 1.43 15.48
C LEU A 2 2.54 1.27 15.69
N LYS A 3 3.25 0.90 14.63
CA LYS A 3 4.69 0.71 14.71
C LYS A 3 5.35 1.03 13.38
N LYS A 4 6.66 0.83 13.30
CA LYS A 4 7.42 1.11 12.08
C LYS A 4 6.87 0.30 10.91
N GLY A 5 7.62 0.32 9.81
CA GLY A 5 7.23 -0.40 8.63
C GLY A 5 8.41 -0.68 7.74
N SER A 6 8.47 -1.89 7.23
CA SER A 6 9.54 -2.31 6.34
C SER A 6 9.38 -1.70 4.96
N GLN A 7 10.08 -2.25 3.97
CA GLN A 7 9.98 -1.72 2.61
C GLN A 7 10.20 -2.82 1.57
N VAL A 8 9.72 -2.57 0.35
CA VAL A 8 9.85 -3.50 -0.76
C VAL A 8 9.67 -2.78 -2.08
N GLU A 9 10.68 -2.84 -2.94
CA GLU A 9 10.60 -2.19 -4.24
C GLU A 9 9.35 -2.65 -4.98
N ALA A 10 8.88 -1.83 -5.91
CA ALA A 10 7.70 -2.18 -6.68
C ALA A 10 8.09 -2.96 -7.93
N LEU A 11 7.15 -3.74 -8.45
CA LEU A 11 7.41 -4.54 -9.64
C LEU A 11 6.42 -4.22 -10.75
N PHE A 12 5.43 -3.40 -10.46
CA PHE A 12 4.42 -3.04 -11.46
C PHE A 12 3.82 -1.67 -11.16
N SER A 13 3.41 -0.99 -12.23
CA SER A 13 2.78 0.32 -12.09
C SER A 13 1.30 0.13 -11.79
N TYR A 14 0.92 0.31 -10.53
CA TYR A 14 -0.45 0.15 -10.10
C TYR A 14 -1.27 1.39 -10.46
N GLU A 15 -2.32 1.18 -11.26
CA GLU A 15 -3.19 2.27 -11.70
C GLU A 15 -4.11 2.78 -10.61
N ALA A 16 -3.80 2.45 -9.37
CA ALA A 16 -4.60 2.87 -8.22
C ALA A 16 -5.11 4.29 -8.37
N THR A 17 -6.42 4.42 -8.56
CA THR A 17 -7.04 5.73 -8.73
C THR A 17 -7.69 6.18 -7.42
N GLN A 18 -8.31 5.24 -6.71
CA GLN A 18 -8.96 5.55 -5.44
C GLN A 18 -8.01 6.31 -4.52
N PRO A 19 -8.54 6.85 -3.41
CA PRO A 19 -7.75 7.64 -2.45
C PRO A 19 -6.71 6.81 -1.68
N GLU A 20 -7.17 5.96 -0.77
CA GLU A 20 -6.27 5.15 0.05
C GLU A 20 -5.27 4.36 -0.80
N ASP A 21 -5.73 3.76 -1.89
CA ASP A 21 -4.87 2.98 -2.77
C ASP A 21 -3.61 3.76 -3.13
N LEU A 22 -2.46 3.24 -2.71
CA LEU A 22 -1.18 3.88 -2.99
C LEU A 22 -0.74 3.54 -4.41
N GLU A 23 -0.75 4.55 -5.27
CA GLU A 23 -0.37 4.37 -6.67
C GLU A 23 1.13 4.52 -6.87
N PHE A 24 1.71 3.69 -7.73
CA PHE A 24 3.14 3.74 -8.02
C PHE A 24 3.43 3.15 -9.39
N GLN A 25 4.66 3.37 -9.87
CA GLN A 25 5.06 2.86 -11.18
C GLN A 25 6.03 1.69 -11.04
N GLU A 26 6.20 0.94 -12.12
CA GLU A 26 7.10 -0.21 -12.13
C GLU A 26 8.44 0.13 -11.49
N GLY A 27 9.05 -0.85 -10.83
CA GLY A 27 10.32 -0.66 -10.18
C GLY A 27 10.37 0.62 -9.36
N ASP A 28 9.74 0.60 -8.20
CA ASP A 28 9.72 1.77 -7.33
C ASP A 28 10.21 1.44 -5.92
N ILE A 29 10.59 2.47 -5.17
CA ILE A 29 11.08 2.29 -3.82
C ILE A 29 10.01 2.70 -2.80
N ILE A 30 9.03 1.82 -2.61
CA ILE A 30 7.95 2.08 -1.68
C ILE A 30 8.38 1.78 -0.25
N LEU A 31 7.67 2.38 0.71
CA LEU A 31 7.96 2.18 2.11
C LEU A 31 6.76 1.57 2.81
N VAL A 32 6.86 0.30 3.16
CA VAL A 32 5.78 -0.40 3.85
C VAL A 32 5.70 0.09 5.28
N LEU A 33 4.64 0.80 5.62
CA LEU A 33 4.52 1.28 7.00
C LEU A 33 4.04 0.18 7.95
N SER A 34 3.41 -0.86 7.39
CA SER A 34 2.91 -1.97 8.20
C SER A 34 2.06 -2.93 7.36
N LYS A 35 1.85 -4.13 7.90
CA LYS A 35 1.03 -5.12 7.22
C LYS A 35 -0.43 -4.80 7.49
N VAL A 36 -1.23 -4.69 6.43
CA VAL A 36 -2.64 -4.33 6.61
C VAL A 36 -3.57 -5.54 6.46
N ASN A 37 -3.20 -6.52 5.65
CA ASN A 37 -4.04 -7.71 5.48
C ASN A 37 -3.36 -8.76 4.59
N GLU A 38 -2.04 -8.82 4.66
CA GLU A 38 -1.28 -9.79 3.86
C GLU A 38 -1.21 -9.36 2.39
N GLU A 39 -2.38 -9.20 1.77
CA GLU A 39 -2.45 -8.79 0.37
C GLU A 39 -2.60 -7.27 0.26
N TRP A 40 -2.35 -6.58 1.38
CA TRP A 40 -2.44 -5.13 1.45
C TRP A 40 -1.72 -4.64 2.69
N LEU A 41 -1.08 -3.49 2.59
CA LEU A 41 -0.35 -2.93 3.70
C LEU A 41 -0.36 -1.42 3.67
N GLU A 42 0.25 -0.81 4.68
CA GLU A 42 0.29 0.64 4.77
C GLU A 42 1.37 1.17 3.86
N GLY A 43 0.96 2.03 2.93
CA GLY A 43 1.90 2.58 1.98
C GLY A 43 2.17 4.05 2.17
N GLU A 44 3.39 4.37 2.57
CA GLU A 44 3.81 5.76 2.78
C GLU A 44 5.08 6.02 1.97
N SER A 45 4.90 6.41 0.72
CA SER A 45 6.04 6.67 -0.17
C SER A 45 6.51 8.13 -0.06
N LYS A 46 6.92 8.71 -1.20
CA LYS A 46 7.42 10.10 -1.23
C LYS A 46 6.65 11.01 -0.28
N GLY A 47 5.54 11.56 -0.76
CA GLY A 47 4.75 12.46 0.07
C GLY A 47 3.27 12.16 0.01
N LYS A 48 2.91 10.90 0.28
CA LYS A 48 1.52 10.48 0.26
C LYS A 48 1.33 9.21 1.06
N VAL A 49 0.42 9.25 2.02
CA VAL A 49 0.15 8.09 2.85
C VAL A 49 -1.12 7.38 2.40
N GLY A 50 -0.94 6.13 1.98
CA GLY A 50 -2.06 5.33 1.52
C GLY A 50 -1.80 3.86 1.77
N ILE A 51 -2.36 2.99 0.95
CA ILE A 51 -2.15 1.55 1.12
C ILE A 51 -2.16 0.83 -0.22
N PHE A 52 -1.46 -0.29 -0.25
CA PHE A 52 -1.37 -1.08 -1.47
C PHE A 52 -1.12 -2.55 -1.18
N PRO A 53 -1.32 -3.43 -2.19
CA PRO A 53 -1.12 -4.85 -2.04
C PRO A 53 0.34 -5.26 -2.27
N LYS A 54 0.96 -5.80 -1.23
CA LYS A 54 2.35 -6.22 -1.26
C LYS A 54 2.68 -7.00 -2.53
N VAL A 55 1.68 -7.62 -3.16
CA VAL A 55 1.90 -8.38 -4.38
C VAL A 55 2.69 -7.57 -5.41
N PHE A 56 2.59 -6.24 -5.32
CA PHE A 56 3.30 -5.35 -6.23
C PHE A 56 4.65 -4.94 -5.67
N VAL A 57 5.11 -5.65 -4.64
CA VAL A 57 6.37 -5.34 -4.01
C VAL A 57 6.93 -6.56 -3.28
N GLU A 58 7.11 -7.65 -4.00
CA GLU A 58 7.64 -8.88 -3.42
C GLU A 58 9.16 -8.89 -3.38
N ASP A 59 9.77 -7.72 -3.56
CA ASP A 59 11.22 -7.62 -3.56
C ASP A 59 11.74 -6.64 -2.51
N SER A 60 13.00 -6.81 -2.12
CA SER A 60 13.65 -5.96 -1.12
C SER A 60 13.21 -6.35 0.29
N ALA A 61 13.37 -5.42 1.24
CA ALA A 61 13.00 -5.67 2.64
C ALA A 61 14.03 -6.57 3.31
N THR A 62 15.12 -5.96 3.78
CA THR A 62 16.18 -6.71 4.45
C THR A 62 16.56 -6.04 5.77
N SER B 1 5.62 -3.91 -20.21
CA SER B 1 6.24 -5.17 -20.68
C SER B 1 5.73 -6.38 -19.90
N LYS B 2 5.46 -6.16 -18.61
CA LYS B 2 4.97 -7.23 -17.75
C LYS B 2 3.52 -6.98 -17.34
N PRO B 3 2.73 -8.05 -17.28
CA PRO B 3 1.31 -7.98 -16.91
C PRO B 3 1.13 -7.96 -15.40
N GLN B 4 1.03 -6.75 -14.84
CA GLN B 4 0.85 -6.59 -13.40
C GLN B 4 -0.20 -7.53 -12.85
N PRO B 5 -0.09 -7.86 -11.55
CA PRO B 5 -1.03 -8.74 -10.88
C PRO B 5 -2.41 -8.11 -10.76
N ALA B 6 -3.42 -8.77 -11.33
CA ALA B 6 -4.78 -8.26 -11.24
C ALA B 6 -5.10 -7.95 -9.78
N VAL B 7 -5.05 -6.68 -9.42
CA VAL B 7 -5.29 -6.28 -8.04
C VAL B 7 -6.56 -6.92 -7.49
N PRO B 8 -6.49 -7.43 -6.26
CA PRO B 8 -7.62 -8.10 -5.59
C PRO B 8 -8.45 -7.14 -4.76
N PRO B 9 -9.58 -7.61 -4.20
CA PRO B 9 -10.43 -6.78 -3.35
C PRO B 9 -9.60 -6.18 -2.23
N ARG B 10 -9.74 -4.89 -2.03
CA ARG B 10 -8.97 -4.21 -1.01
C ARG B 10 -9.69 -4.20 0.34
N PRO B 11 -8.93 -4.44 1.42
CA PRO B 11 -9.40 -4.48 2.80
C PRO B 11 -10.66 -3.63 3.02
N SER B 12 -11.46 -4.04 4.00
CA SER B 12 -12.71 -3.33 4.31
C SER B 12 -12.45 -2.02 5.04
N ALA B 13 -11.35 -1.34 4.70
CA ALA B 13 -11.01 -0.06 5.31
C ALA B 13 -10.71 -0.19 6.80
N ASP B 14 -11.70 -0.60 7.58
CA ASP B 14 -11.55 -0.75 9.02
C ASP B 14 -10.24 -1.47 9.39
N LEU B 15 -10.05 -2.71 8.93
CA LEU B 15 -8.81 -3.40 9.28
C LEU B 15 -7.62 -2.55 8.86
N ILE B 16 -7.82 -1.70 7.85
CA ILE B 16 -6.78 -0.79 7.43
C ILE B 16 -6.64 0.24 8.54
N LEU B 17 -7.79 0.74 8.96
CA LEU B 17 -7.85 1.71 10.05
C LEU B 17 -7.24 1.09 11.30
N ASN B 18 -7.24 -0.24 11.32
CA ASN B 18 -6.68 -1.01 12.42
C ASN B 18 -5.20 -1.30 12.19
N ARG B 19 -4.77 -1.20 10.93
CA ARG B 19 -3.38 -1.50 10.57
C ARG B 19 -2.76 -0.40 9.69
N CYS B 20 -3.05 0.87 9.98
CA CYS B 20 -2.48 1.96 9.18
C CYS B 20 -2.44 3.28 9.97
N SER B 21 -1.93 4.32 9.29
CA SER B 21 -1.83 5.64 9.88
C SER B 21 -3.14 6.40 9.74
N GLU B 22 -3.23 7.55 10.42
CA GLU B 22 -4.43 8.37 10.37
C GLU B 22 -4.63 8.93 8.96
N SER B 23 -3.53 9.19 8.27
CA SER B 23 -3.59 9.73 6.90
C SER B 23 -4.38 8.79 5.99
N THR B 24 -3.85 7.60 5.76
CA THR B 24 -4.51 6.61 4.91
C THR B 24 -5.90 6.30 5.45
N LYS B 25 -6.04 6.39 6.77
CA LYS B 25 -7.32 6.12 7.43
C LYS B 25 -8.38 7.09 6.94
N ARG B 26 -8.02 8.37 6.88
CA ARG B 26 -8.95 9.40 6.42
C ARG B 26 -9.48 9.06 5.04
N LYS B 27 -8.67 8.38 4.25
CA LYS B 27 -9.05 7.99 2.90
C LYS B 27 -10.21 7.00 2.94
N LEU B 28 -10.30 6.25 4.04
CA LEU B 28 -11.36 5.26 4.22
C LEU B 28 -12.21 5.59 5.44
N ALA B 29 -12.46 6.87 5.67
CA ALA B 29 -13.25 7.30 6.80
C ALA B 29 -14.67 6.73 6.73
N SER B 30 -15.16 6.56 5.52
CA SER B 30 -16.50 6.01 5.30
C SER B 30 -16.44 4.52 5.00
N ALA B 31 -15.31 4.07 4.44
CA ALA B 31 -15.12 2.67 4.10
C ALA B 31 -16.03 2.26 2.94
N VAL B 32 -17.33 2.19 3.21
CA VAL B 32 -18.31 1.82 2.19
C VAL B 32 -19.43 2.85 2.09
N GLN A 1 1.37 0.98 14.21
CA GLN A 1 1.27 2.24 15.00
C GLN A 1 2.50 3.12 14.80
N LEU A 2 3.67 2.50 14.76
CA LEU A 2 4.92 3.23 14.58
C LEU A 2 4.91 4.00 13.25
N LYS A 3 5.99 4.71 12.97
CA LYS A 3 6.11 5.49 11.75
C LYS A 3 7.36 5.11 10.97
N LYS A 4 7.76 3.84 11.08
CA LYS A 4 8.93 3.35 10.39
C LYS A 4 8.55 2.50 9.19
N GLY A 5 8.05 1.31 9.49
CA GLY A 5 7.65 0.39 8.47
C GLY A 5 8.81 -0.10 7.63
N SER A 6 8.71 -1.35 7.21
CA SER A 6 9.75 -1.96 6.38
C SER A 6 9.71 -1.40 4.97
N GLN A 7 10.30 -2.12 4.01
CA GLN A 7 10.31 -1.67 2.62
C GLN A 7 10.25 -2.83 1.64
N VAL A 8 9.85 -2.52 0.41
CA VAL A 8 9.74 -3.51 -0.65
C VAL A 8 9.74 -2.84 -2.01
N GLU A 9 10.74 -3.15 -2.84
CA GLU A 9 10.84 -2.56 -4.16
C GLU A 9 9.56 -2.81 -4.96
N ALA A 10 9.26 -1.92 -5.90
CA ALA A 10 8.08 -2.06 -6.72
C ALA A 10 8.39 -2.85 -7.99
N LEU A 11 7.38 -3.51 -8.54
CA LEU A 11 7.57 -4.30 -9.74
C LEU A 11 6.43 -4.11 -10.74
N PHE A 12 5.43 -3.32 -10.36
CA PHE A 12 4.28 -3.08 -11.22
C PHE A 12 3.75 -1.66 -11.10
N SER A 13 2.96 -1.27 -12.09
CA SER A 13 2.33 0.04 -12.12
C SER A 13 0.85 -0.12 -11.78
N TYR A 14 0.54 0.03 -10.49
CA TYR A 14 -0.83 -0.14 -10.02
C TYR A 14 -1.67 1.10 -10.28
N GLU A 15 -2.63 0.96 -11.19
CA GLU A 15 -3.53 2.06 -11.50
C GLU A 15 -4.51 2.26 -10.35
N ALA A 16 -4.24 3.27 -9.55
CA ALA A 16 -5.05 3.58 -8.39
C ALA A 16 -6.18 4.54 -8.74
N THR A 17 -7.41 4.08 -8.58
CA THR A 17 -8.58 4.90 -8.87
C THR A 17 -9.17 5.47 -7.58
N GLN A 18 -8.95 4.78 -6.47
CA GLN A 18 -9.45 5.23 -5.18
C GLN A 18 -8.36 5.94 -4.39
N PRO A 19 -8.75 6.72 -3.37
CA PRO A 19 -7.80 7.49 -2.55
C PRO A 19 -6.79 6.64 -1.78
N GLU A 20 -7.22 6.02 -0.68
CA GLU A 20 -6.32 5.20 0.15
C GLU A 20 -5.36 4.36 -0.68
N ASP A 21 -5.83 3.84 -1.81
CA ASP A 21 -4.99 3.04 -2.69
C ASP A 21 -3.77 3.82 -3.14
N LEU A 22 -2.61 3.39 -2.65
CA LEU A 22 -1.36 4.03 -2.99
C LEU A 22 -0.88 3.56 -4.35
N GLU A 23 -0.87 4.47 -5.32
CA GLU A 23 -0.43 4.15 -6.66
C GLU A 23 1.08 4.17 -6.77
N PHE A 24 1.62 3.30 -7.59
CA PHE A 24 3.07 3.24 -7.79
C PHE A 24 3.42 2.62 -9.13
N GLN A 25 4.69 2.70 -9.50
CA GLN A 25 5.17 2.14 -10.77
C GLN A 25 6.01 0.89 -10.53
N GLU A 26 6.51 0.31 -11.62
CA GLU A 26 7.34 -0.88 -11.54
C GLU A 26 8.78 -0.51 -11.20
N GLY A 27 9.51 -1.47 -10.64
CA GLY A 27 10.90 -1.22 -10.26
C GLY A 27 11.09 0.06 -9.49
N ASP A 28 10.37 0.19 -8.38
CA ASP A 28 10.46 1.40 -7.56
C ASP A 28 10.90 1.07 -6.14
N ILE A 29 11.02 2.11 -5.33
CA ILE A 29 11.43 1.97 -3.94
C ILE A 29 10.38 2.52 -2.99
N ILE A 30 9.27 1.81 -2.86
CA ILE A 30 8.20 2.24 -1.97
C ILE A 30 8.53 1.88 -0.53
N LEU A 31 7.97 2.63 0.41
CA LEU A 31 8.23 2.39 1.82
C LEU A 31 7.02 1.74 2.49
N VAL A 32 7.21 0.53 2.99
CA VAL A 32 6.14 -0.18 3.67
C VAL A 32 6.03 0.33 5.09
N LEU A 33 4.95 1.01 5.42
CA LEU A 33 4.79 1.53 6.77
C LEU A 33 4.35 0.45 7.75
N SER A 34 3.74 -0.61 7.23
CA SER A 34 3.26 -1.72 8.07
C SER A 34 2.35 -2.65 7.29
N LYS A 35 2.08 -3.81 7.87
CA LYS A 35 1.18 -4.79 7.25
C LYS A 35 -0.26 -4.38 7.53
N VAL A 36 -1.12 -4.41 6.50
CA VAL A 36 -2.50 -3.99 6.70
C VAL A 36 -3.50 -5.15 6.58
N ASN A 37 -3.19 -6.17 5.77
CA ASN A 37 -4.09 -7.31 5.65
C ASN A 37 -3.51 -8.41 4.75
N GLU A 38 -2.18 -8.58 4.80
CA GLU A 38 -1.51 -9.60 4.01
C GLU A 38 -1.54 -9.27 2.51
N GLU A 39 -2.73 -9.09 1.97
CA GLU A 39 -2.89 -8.77 0.56
C GLU A 39 -2.72 -7.27 0.32
N TRP A 40 -2.47 -6.54 1.39
CA TRP A 40 -2.27 -5.10 1.34
C TRP A 40 -1.50 -4.66 2.57
N LEU A 41 -1.00 -3.44 2.54
CA LEU A 41 -0.25 -2.90 3.65
C LEU A 41 -0.20 -1.39 3.62
N GLU A 42 0.50 -0.81 4.59
CA GLU A 42 0.62 0.63 4.69
C GLU A 42 1.63 1.15 3.70
N GLY A 43 1.20 2.11 2.88
CA GLY A 43 2.07 2.67 1.88
C GLY A 43 2.32 4.15 2.04
N GLU A 44 3.58 4.50 2.30
CA GLU A 44 3.96 5.89 2.47
C GLU A 44 5.12 6.25 1.53
N SER A 45 4.82 6.98 0.46
CA SER A 45 5.84 7.36 -0.51
C SER A 45 5.81 8.84 -0.82
N LYS A 46 6.87 9.55 -0.42
CA LYS A 46 6.99 10.98 -0.67
C LYS A 46 5.85 11.77 -0.04
N GLY A 47 6.06 12.22 1.20
CA GLY A 47 5.06 13.00 1.91
C GLY A 47 3.63 12.63 1.56
N LYS A 48 3.34 11.33 1.56
CA LYS A 48 2.00 10.84 1.24
C LYS A 48 1.77 9.48 1.90
N VAL A 49 0.63 9.33 2.54
CA VAL A 49 0.30 8.08 3.21
C VAL A 49 -0.92 7.41 2.57
N GLY A 50 -0.77 6.12 2.29
CA GLY A 50 -1.83 5.35 1.68
C GLY A 50 -1.65 3.88 1.95
N ILE A 51 -1.91 3.05 0.94
CA ILE A 51 -1.74 1.61 1.10
C ILE A 51 -1.63 0.91 -0.24
N PHE A 52 -0.93 -0.22 -0.25
CA PHE A 52 -0.75 -0.96 -1.49
C PHE A 52 -0.68 -2.47 -1.25
N PRO A 53 -1.01 -3.26 -2.29
CA PRO A 53 -0.98 -4.73 -2.21
C PRO A 53 0.43 -5.28 -2.30
N LYS A 54 0.86 -5.96 -1.24
CA LYS A 54 2.19 -6.56 -1.19
C LYS A 54 2.52 -7.33 -2.46
N VAL A 55 1.50 -7.92 -3.07
CA VAL A 55 1.68 -8.68 -4.30
C VAL A 55 2.19 -7.81 -5.44
N PHE A 56 2.08 -6.49 -5.28
CA PHE A 56 2.53 -5.56 -6.32
C PHE A 56 3.93 -5.03 -6.07
N VAL A 57 4.64 -5.60 -5.11
CA VAL A 57 5.98 -5.14 -4.80
C VAL A 57 6.92 -6.28 -4.43
N GLU A 58 6.48 -7.53 -4.62
CA GLU A 58 7.32 -8.68 -4.31
C GLU A 58 8.22 -8.38 -3.11
N ASP A 59 9.43 -8.90 -3.08
CA ASP A 59 10.32 -8.64 -1.96
C ASP A 59 11.69 -8.16 -2.43
N SER A 60 12.25 -7.19 -1.71
CA SER A 60 13.55 -6.63 -2.04
C SER A 60 14.29 -6.18 -0.78
N ALA A 61 13.79 -5.14 -0.14
CA ALA A 61 14.40 -4.62 1.08
C ALA A 61 15.81 -4.10 0.80
N THR A 62 16.22 -3.09 1.56
CA THR A 62 17.55 -2.52 1.40
C THR A 62 18.38 -2.70 2.66
N SER B 1 9.07 -3.35 -17.96
CA SER B 1 8.13 -4.03 -18.89
C SER B 1 7.58 -5.31 -18.29
N LYS B 2 6.33 -5.24 -17.82
CA LYS B 2 5.68 -6.40 -17.21
C LYS B 2 4.20 -6.13 -16.98
N PRO B 3 3.36 -7.15 -17.22
CA PRO B 3 1.90 -7.05 -17.05
C PRO B 3 1.50 -7.25 -15.59
N GLN B 4 1.31 -6.15 -14.88
CA GLN B 4 0.94 -6.20 -13.47
C GLN B 4 -0.20 -7.18 -13.23
N PRO B 5 -0.27 -7.70 -11.99
CA PRO B 5 -1.30 -8.65 -11.60
C PRO B 5 -2.67 -7.99 -11.45
N ALA B 6 -3.70 -8.81 -11.33
CA ALA B 6 -5.04 -8.30 -11.12
C ALA B 6 -5.15 -7.93 -9.65
N VAL B 7 -5.29 -6.64 -9.36
CA VAL B 7 -5.34 -6.20 -7.96
C VAL B 7 -6.34 -7.04 -7.17
N PRO B 8 -5.95 -7.45 -5.94
CA PRO B 8 -6.78 -8.29 -5.08
C PRO B 8 -7.88 -7.52 -4.36
N PRO B 9 -8.87 -8.26 -3.81
CA PRO B 9 -10.00 -7.68 -3.08
C PRO B 9 -9.54 -6.71 -2.00
N ARG B 10 -9.38 -5.48 -2.41
CA ARG B 10 -8.96 -4.41 -1.52
C ARG B 10 -9.68 -4.48 -0.17
N PRO B 11 -8.98 -4.09 0.91
CA PRO B 11 -9.54 -4.12 2.28
C PRO B 11 -10.85 -3.38 2.42
N SER B 12 -11.55 -3.63 3.52
CA SER B 12 -12.82 -2.99 3.80
C SER B 12 -12.60 -1.70 4.60
N ALA B 13 -11.43 -1.09 4.43
CA ALA B 13 -11.09 0.15 5.12
C ALA B 13 -10.88 -0.09 6.61
N ASP B 14 -11.91 -0.57 7.30
CA ASP B 14 -11.83 -0.83 8.74
C ASP B 14 -10.54 -1.54 9.12
N LEU B 15 -10.30 -2.75 8.61
CA LEU B 15 -9.07 -3.45 8.97
C LEU B 15 -7.87 -2.55 8.65
N ILE B 16 -8.04 -1.68 7.67
CA ILE B 16 -6.98 -0.73 7.33
C ILE B 16 -6.88 0.23 8.50
N LEU B 17 -8.04 0.70 8.94
CA LEU B 17 -8.14 1.58 10.08
C LEU B 17 -7.59 0.88 11.31
N ASN B 18 -7.58 -0.45 11.24
CA ASN B 18 -7.07 -1.30 12.31
C ASN B 18 -5.58 -1.58 12.13
N ARG B 19 -5.06 -1.38 10.92
CA ARG B 19 -3.65 -1.67 10.63
C ARG B 19 -2.96 -0.57 9.81
N CYS B 20 -3.38 0.69 9.96
CA CYS B 20 -2.74 1.78 9.23
C CYS B 20 -2.45 2.98 10.13
N SER B 21 -1.65 3.91 9.62
CA SER B 21 -1.29 5.11 10.38
C SER B 21 -2.52 5.93 10.75
N GLU B 22 -2.91 6.86 9.88
CA GLU B 22 -4.06 7.71 10.11
C GLU B 22 -4.44 8.46 8.84
N SER B 23 -3.42 9.00 8.17
CA SER B 23 -3.64 9.74 6.92
C SER B 23 -4.34 8.85 5.91
N THR B 24 -3.89 7.60 5.80
CA THR B 24 -4.48 6.65 4.88
C THR B 24 -5.93 6.39 5.26
N LYS B 25 -6.19 6.41 6.57
CA LYS B 25 -7.52 6.16 7.10
C LYS B 25 -8.46 7.31 6.72
N ARG B 26 -7.94 8.53 6.73
CA ARG B 26 -8.73 9.71 6.39
C ARG B 26 -9.41 9.52 5.03
N LYS B 27 -8.80 8.69 4.19
CA LYS B 27 -9.33 8.41 2.86
C LYS B 27 -10.55 7.50 2.96
N LEU B 28 -10.47 6.52 3.85
CA LEU B 28 -11.57 5.58 4.06
C LEU B 28 -12.46 6.03 5.21
N ALA B 29 -12.18 5.52 6.42
CA ALA B 29 -12.97 5.89 7.60
C ALA B 29 -14.46 5.96 7.31
N SER B 30 -14.93 5.09 6.42
CA SER B 30 -16.34 5.06 6.06
C SER B 30 -16.64 3.92 5.08
N ALA B 31 -15.69 3.65 4.18
CA ALA B 31 -15.85 2.59 3.19
C ALA B 31 -16.38 1.31 3.82
N VAL B 32 -16.04 1.10 5.09
CA VAL B 32 -16.48 -0.09 5.81
C VAL B 32 -18.00 -0.15 5.90
N GLN A 1 9.47 2.69 19.58
CA GLN A 1 8.35 3.65 19.41
C GLN A 1 8.35 4.24 18.00
N LEU A 2 7.40 5.15 17.76
CA LEU A 2 7.28 5.78 16.45
C LEU A 2 7.02 4.75 15.36
N LYS A 3 6.83 5.22 14.14
CA LYS A 3 6.57 4.34 13.00
C LYS A 3 7.73 4.37 12.01
N LYS A 4 8.11 3.19 11.51
CA LYS A 4 9.21 3.09 10.55
C LYS A 4 8.78 2.28 9.33
N GLY A 5 8.15 1.16 9.59
CA GLY A 5 7.70 0.29 8.54
C GLY A 5 8.83 -0.23 7.68
N SER A 6 8.69 -1.47 7.24
CA SER A 6 9.70 -2.10 6.39
C SER A 6 9.59 -1.55 4.98
N GLN A 7 10.42 -2.07 4.06
CA GLN A 7 10.38 -1.59 2.68
C GLN A 7 10.58 -2.74 1.69
N VAL A 8 10.15 -2.50 0.45
CA VAL A 8 10.26 -3.48 -0.61
C VAL A 8 10.15 -2.82 -1.98
N GLU A 9 11.11 -3.09 -2.86
CA GLU A 9 11.09 -2.51 -4.20
C GLU A 9 9.82 -2.99 -4.93
N ALA A 10 9.31 -2.16 -5.83
CA ALA A 10 8.12 -2.52 -6.57
C ALA A 10 8.48 -3.26 -7.86
N LEU A 11 7.47 -3.72 -8.57
CA LEU A 11 7.70 -4.45 -9.81
C LEU A 11 6.66 -4.13 -10.89
N PHE A 12 5.65 -3.34 -10.54
CA PHE A 12 4.60 -2.98 -11.48
C PHE A 12 4.10 -1.56 -11.25
N SER A 13 3.29 -1.09 -12.19
CA SER A 13 2.68 0.22 -12.10
C SER A 13 1.23 0.06 -11.68
N TYR A 14 0.97 0.27 -10.40
CA TYR A 14 -0.36 0.11 -9.85
C TYR A 14 -1.25 1.31 -10.17
N GLU A 15 -2.37 1.04 -10.84
CA GLU A 15 -3.31 2.08 -11.19
C GLU A 15 -4.19 2.41 -9.99
N ALA A 16 -3.99 3.59 -9.42
CA ALA A 16 -4.73 4.02 -8.25
C ALA A 16 -6.08 4.62 -8.63
N THR A 17 -7.15 3.88 -8.36
CA THR A 17 -8.49 4.34 -8.67
C THR A 17 -9.17 4.90 -7.41
N GLN A 18 -8.77 4.36 -6.25
CA GLN A 18 -9.32 4.82 -4.98
C GLN A 18 -8.31 5.69 -4.24
N PRO A 19 -8.78 6.48 -3.27
CA PRO A 19 -7.91 7.39 -2.50
C PRO A 19 -6.85 6.66 -1.68
N GLU A 20 -7.28 5.96 -0.62
CA GLU A 20 -6.35 5.23 0.25
C GLU A 20 -5.31 4.44 -0.54
N ASP A 21 -5.71 3.91 -1.69
CA ASP A 21 -4.80 3.13 -2.52
C ASP A 21 -3.60 3.96 -2.96
N LEU A 22 -2.41 3.52 -2.57
CA LEU A 22 -1.18 4.21 -2.92
C LEU A 22 -0.78 3.86 -4.35
N GLU A 23 -0.68 4.87 -5.20
CA GLU A 23 -0.31 4.66 -6.59
C GLU A 23 1.21 4.66 -6.75
N PHE A 24 1.72 3.78 -7.60
CA PHE A 24 3.16 3.70 -7.83
C PHE A 24 3.47 2.98 -9.14
N GLN A 25 4.66 3.25 -9.68
CA GLN A 25 5.09 2.64 -10.93
C GLN A 25 5.87 1.35 -10.65
N GLU A 26 6.27 0.65 -11.71
CA GLU A 26 7.02 -0.58 -11.58
C GLU A 26 8.45 -0.30 -11.13
N GLY A 27 9.07 -1.28 -10.49
CA GLY A 27 10.43 -1.12 -10.02
C GLY A 27 10.64 0.19 -9.28
N ASP A 28 10.02 0.30 -8.10
CA ASP A 28 10.16 1.51 -7.30
C ASP A 28 10.54 1.21 -5.86
N ILE A 29 11.08 2.21 -5.19
CA ILE A 29 11.50 2.07 -3.81
C ILE A 29 10.42 2.57 -2.85
N ILE A 30 9.38 1.76 -2.67
CA ILE A 30 8.28 2.11 -1.79
C ILE A 30 8.65 1.84 -0.33
N LEU A 31 7.94 2.51 0.58
CA LEU A 31 8.18 2.34 2.01
C LEU A 31 6.98 1.68 2.67
N VAL A 32 7.16 0.45 3.11
CA VAL A 32 6.08 -0.29 3.78
C VAL A 32 5.94 0.20 5.20
N LEU A 33 4.88 0.92 5.49
CA LEU A 33 4.69 1.41 6.85
C LEU A 33 4.14 0.33 7.77
N SER A 34 3.56 -0.71 7.19
CA SER A 34 3.00 -1.81 8.00
C SER A 34 2.16 -2.77 7.15
N LYS A 35 1.91 -3.95 7.68
CA LYS A 35 1.09 -4.95 7.01
C LYS A 35 -0.38 -4.62 7.29
N VAL A 36 -1.20 -4.59 6.25
CA VAL A 36 -2.60 -4.24 6.43
C VAL A 36 -3.54 -5.45 6.36
N ASN A 37 -3.24 -6.42 5.49
CA ASN A 37 -4.07 -7.61 5.39
C ASN A 37 -3.36 -8.72 4.62
N GLU A 38 -4.13 -9.74 4.20
CA GLU A 38 -3.58 -10.88 3.47
C GLU A 38 -2.78 -10.44 2.25
N GLU A 39 -3.18 -9.35 1.62
CA GLU A 39 -2.49 -8.86 0.43
C GLU A 39 -2.55 -7.33 0.34
N TRP A 40 -2.24 -6.67 1.45
CA TRP A 40 -2.25 -5.21 1.50
C TRP A 40 -1.41 -4.72 2.68
N LEU A 41 -0.97 -3.48 2.59
CA LEU A 41 -0.15 -2.88 3.63
C LEU A 41 -0.19 -1.37 3.55
N GLU A 42 0.39 -0.71 4.54
CA GLU A 42 0.41 0.74 4.56
C GLU A 42 1.51 1.24 3.63
N GLY A 43 1.15 2.19 2.78
CA GLY A 43 2.11 2.69 1.82
C GLY A 43 2.33 4.19 1.91
N GLU A 44 3.54 4.58 2.28
CA GLU A 44 3.92 5.98 2.38
C GLU A 44 5.07 6.26 1.41
N SER A 45 4.76 6.87 0.28
CA SER A 45 5.78 7.16 -0.72
C SER A 45 5.60 8.57 -1.30
N LYS A 46 6.65 9.37 -1.18
CA LYS A 46 6.66 10.74 -1.70
C LYS A 46 5.67 11.63 -0.95
N GLY A 47 6.03 12.00 0.29
CA GLY A 47 5.19 12.86 1.10
C GLY A 47 3.71 12.56 0.97
N LYS A 48 3.34 11.29 1.14
CA LYS A 48 1.95 10.89 1.04
C LYS A 48 1.73 9.56 1.75
N VAL A 49 0.50 9.32 2.18
CA VAL A 49 0.18 8.08 2.88
C VAL A 49 -1.02 7.38 2.26
N GLY A 50 -0.79 6.15 1.83
CA GLY A 50 -1.83 5.35 1.23
C GLY A 50 -1.60 3.89 1.52
N ILE A 51 -2.09 3.00 0.65
CA ILE A 51 -1.89 1.57 0.85
C ILE A 51 -1.86 0.81 -0.46
N PHE A 52 -1.21 -0.35 -0.45
CA PHE A 52 -1.11 -1.16 -1.66
C PHE A 52 -0.83 -2.62 -1.35
N PRO A 53 -1.12 -3.52 -2.30
CA PRO A 53 -0.90 -4.96 -2.14
C PRO A 53 0.57 -5.34 -2.25
N LYS A 54 1.04 -6.13 -1.29
CA LYS A 54 2.43 -6.57 -1.26
C LYS A 54 2.79 -7.33 -2.53
N VAL A 55 1.80 -7.94 -3.18
CA VAL A 55 2.05 -8.68 -4.41
C VAL A 55 2.78 -7.81 -5.43
N PHE A 56 2.63 -6.50 -5.30
CA PHE A 56 3.28 -5.55 -6.21
C PHE A 56 4.68 -5.20 -5.71
N VAL A 57 5.14 -5.89 -4.67
CA VAL A 57 6.44 -5.63 -4.10
C VAL A 57 7.01 -6.87 -3.40
N GLU A 58 7.20 -7.93 -4.17
CA GLU A 58 7.73 -9.18 -3.62
C GLU A 58 9.18 -9.03 -3.14
N ASP A 59 9.64 -7.80 -3.01
CA ASP A 59 10.99 -7.52 -2.56
C ASP A 59 11.14 -7.79 -1.07
N SER A 60 12.23 -7.29 -0.49
CA SER A 60 12.50 -7.46 0.94
C SER A 60 13.75 -6.71 1.36
N ALA A 61 13.61 -5.41 1.59
CA ALA A 61 14.74 -4.58 1.99
C ALA A 61 14.40 -3.74 3.22
N THR A 62 15.40 -3.06 3.76
CA THR A 62 15.21 -2.22 4.95
C THR A 62 15.69 -0.80 4.69
N SER B 1 7.76 -6.19 -21.25
CA SER B 1 6.32 -5.91 -20.95
C SER B 1 5.76 -6.97 -20.00
N LYS B 2 5.27 -6.52 -18.85
CA LYS B 2 4.70 -7.44 -17.86
C LYS B 2 3.35 -6.94 -17.38
N PRO B 3 2.35 -7.84 -17.32
CA PRO B 3 1.00 -7.51 -16.88
C PRO B 3 0.88 -7.54 -15.36
N GLN B 4 0.79 -6.36 -14.75
CA GLN B 4 0.69 -6.26 -13.30
C GLN B 4 -0.35 -7.21 -12.74
N PRO B 5 -0.21 -7.55 -11.46
CA PRO B 5 -1.14 -8.45 -10.78
C PRO B 5 -2.51 -7.84 -10.64
N ALA B 6 -3.53 -8.50 -11.20
CA ALA B 6 -4.89 -8.00 -11.10
C ALA B 6 -5.19 -7.68 -9.63
N VAL B 7 -5.18 -6.40 -9.29
CA VAL B 7 -5.40 -5.99 -7.92
C VAL B 7 -6.64 -6.65 -7.33
N PRO B 8 -6.52 -7.20 -6.12
CA PRO B 8 -7.62 -7.89 -5.43
C PRO B 8 -8.58 -6.94 -4.74
N PRO B 9 -9.69 -7.47 -4.19
CA PRO B 9 -10.68 -6.67 -3.47
C PRO B 9 -10.08 -6.09 -2.20
N ARG B 10 -9.60 -4.87 -2.32
CA ARG B 10 -8.95 -4.17 -1.21
C ARG B 10 -9.66 -4.41 0.11
N PRO B 11 -8.91 -4.16 1.20
CA PRO B 11 -9.39 -4.36 2.58
C PRO B 11 -10.75 -3.70 2.81
N SER B 12 -11.32 -3.94 3.99
CA SER B 12 -12.61 -3.37 4.34
C SER B 12 -12.46 -2.01 5.02
N ALA B 13 -11.34 -1.34 4.74
CA ALA B 13 -11.07 -0.02 5.32
C ALA B 13 -10.79 -0.11 6.83
N ASP B 14 -11.73 -0.68 7.57
CA ASP B 14 -11.57 -0.81 9.01
C ASP B 14 -10.27 -1.52 9.36
N LEU B 15 -10.06 -2.74 8.87
CA LEU B 15 -8.81 -3.44 9.18
C LEU B 15 -7.64 -2.56 8.79
N ILE B 16 -7.85 -1.71 7.78
CA ILE B 16 -6.84 -0.77 7.36
C ILE B 16 -6.67 0.22 8.50
N LEU B 17 -7.81 0.72 8.97
CA LEU B 17 -7.86 1.64 10.08
C LEU B 17 -7.23 0.98 11.30
N ASN B 18 -7.22 -0.35 11.28
CA ASN B 18 -6.63 -1.15 12.34
C ASN B 18 -5.15 -1.42 12.06
N ARG B 19 -4.77 -1.33 10.79
CA ARG B 19 -3.39 -1.59 10.39
C ARG B 19 -2.80 -0.47 9.52
N CYS B 20 -3.13 0.79 9.84
CA CYS B 20 -2.58 1.92 9.07
C CYS B 20 -2.57 3.20 9.90
N SER B 21 -2.12 4.28 9.27
CA SER B 21 -2.05 5.59 9.92
C SER B 21 -3.32 6.38 9.69
N GLU B 22 -3.47 7.47 10.42
CA GLU B 22 -4.66 8.32 10.29
C GLU B 22 -4.76 8.91 8.88
N SER B 23 -3.61 9.16 8.26
CA SER B 23 -3.58 9.72 6.92
C SER B 23 -4.31 8.81 5.94
N THR B 24 -3.77 7.62 5.71
CA THR B 24 -4.38 6.65 4.82
C THR B 24 -5.78 6.28 5.29
N LYS B 25 -6.04 6.51 6.57
CA LYS B 25 -7.35 6.20 7.16
C LYS B 25 -8.38 7.25 6.76
N ARG B 26 -7.94 8.50 6.69
CA ARG B 26 -8.83 9.60 6.32
C ARG B 26 -9.56 9.31 5.02
N LYS B 27 -8.95 8.49 4.17
CA LYS B 27 -9.55 8.12 2.90
C LYS B 27 -10.69 7.13 3.09
N LEU B 28 -10.57 6.29 4.12
CA LEU B 28 -11.59 5.30 4.43
C LEU B 28 -12.33 5.66 5.71
N ALA B 29 -12.54 6.96 5.93
CA ALA B 29 -13.23 7.43 7.12
C ALA B 29 -14.65 6.89 7.18
N SER B 30 -15.26 6.69 6.01
CA SER B 30 -16.62 6.17 5.92
C SER B 30 -16.82 5.35 4.66
N ALA B 31 -15.78 4.61 4.27
CA ALA B 31 -15.84 3.78 3.07
C ALA B 31 -16.62 2.50 3.33
N VAL B 32 -17.89 2.49 2.95
CA VAL B 32 -18.75 1.34 3.14
C VAL B 32 -19.93 1.35 2.17
N GLN A 1 12.56 -0.08 11.91
CA GLN A 1 11.60 -0.21 13.03
C GLN A 1 11.34 1.13 13.69
N LEU A 2 12.41 1.80 14.11
CA LEU A 2 12.29 3.10 14.76
C LEU A 2 12.07 4.21 13.73
N LYS A 3 10.98 4.93 13.87
CA LYS A 3 10.65 6.02 12.96
C LYS A 3 10.53 5.51 11.52
N LYS A 4 10.13 4.25 11.38
CA LYS A 4 9.97 3.64 10.07
C LYS A 4 9.35 2.26 10.17
N GLY A 5 8.70 1.83 9.09
CA GLY A 5 8.08 0.52 9.06
C GLY A 5 8.99 -0.53 8.45
N SER A 6 8.94 -0.62 7.12
CA SER A 6 9.76 -1.58 6.38
C SER A 6 9.87 -1.11 4.93
N GLN A 7 10.30 -2.00 4.04
CA GLN A 7 10.43 -1.62 2.63
C GLN A 7 10.28 -2.82 1.71
N VAL A 8 9.83 -2.53 0.48
CA VAL A 8 9.64 -3.56 -0.53
C VAL A 8 9.61 -2.94 -1.93
N GLU A 9 10.69 -3.10 -2.67
CA GLU A 9 10.78 -2.54 -4.02
C GLU A 9 9.51 -2.83 -4.81
N ALA A 10 9.19 -1.94 -5.75
CA ALA A 10 8.00 -2.10 -6.57
C ALA A 10 8.33 -2.89 -7.82
N LEU A 11 7.32 -3.49 -8.43
CA LEU A 11 7.52 -4.29 -9.62
C LEU A 11 6.42 -4.06 -10.66
N PHE A 12 5.43 -3.24 -10.31
CA PHE A 12 4.32 -2.97 -11.21
C PHE A 12 3.80 -1.54 -11.03
N SER A 13 3.33 -0.97 -12.13
CA SER A 13 2.77 0.37 -12.13
C SER A 13 1.29 0.29 -11.76
N TYR A 14 1.01 0.31 -10.46
CA TYR A 14 -0.36 0.20 -9.98
C TYR A 14 -1.11 1.52 -10.08
N GLU A 15 -1.74 1.76 -11.23
CA GLU A 15 -2.51 2.97 -11.40
C GLU A 15 -3.70 2.93 -10.47
N ALA A 16 -3.56 3.61 -9.35
CA ALA A 16 -4.59 3.65 -8.32
C ALA A 16 -5.71 4.61 -8.69
N THR A 17 -6.94 4.12 -8.63
CA THR A 17 -8.11 4.93 -8.94
C THR A 17 -8.77 5.44 -7.66
N GLN A 18 -8.69 4.64 -6.60
CA GLN A 18 -9.28 5.02 -5.33
C GLN A 18 -8.27 5.76 -4.47
N PRO A 19 -8.74 6.60 -3.54
CA PRO A 19 -7.88 7.41 -2.66
C PRO A 19 -6.84 6.59 -1.88
N GLU A 20 -7.29 5.87 -0.86
CA GLU A 20 -6.40 5.08 -0.01
C GLU A 20 -5.38 4.25 -0.81
N ASP A 21 -5.76 3.83 -2.02
CA ASP A 21 -4.86 3.04 -2.84
C ASP A 21 -3.62 3.84 -3.25
N LEU A 22 -2.48 3.45 -2.70
CA LEU A 22 -1.22 4.11 -3.02
C LEU A 22 -0.69 3.61 -4.34
N GLU A 23 -0.77 4.45 -5.37
CA GLU A 23 -0.28 4.05 -6.68
C GLU A 23 1.22 4.16 -6.76
N PHE A 24 1.78 3.46 -7.73
CA PHE A 24 3.22 3.50 -7.95
C PHE A 24 3.58 3.03 -9.35
N GLN A 25 4.86 3.09 -9.68
CA GLN A 25 5.34 2.68 -11.00
C GLN A 25 6.25 1.46 -10.90
N GLU A 26 6.31 0.69 -11.98
CA GLU A 26 7.14 -0.51 -12.02
C GLU A 26 8.54 -0.24 -11.50
N GLY A 27 9.12 -1.24 -10.84
CA GLY A 27 10.46 -1.10 -10.29
C GLY A 27 10.64 0.20 -9.52
N ASP A 28 10.17 0.22 -8.27
CA ASP A 28 10.28 1.41 -7.45
C ASP A 28 10.77 1.10 -6.04
N ILE A 29 10.94 2.15 -5.25
CA ILE A 29 11.41 2.01 -3.88
C ILE A 29 10.41 2.63 -2.90
N ILE A 30 9.27 1.98 -2.74
CA ILE A 30 8.24 2.46 -1.83
C ILE A 30 8.58 2.10 -0.39
N LEU A 31 8.12 2.91 0.55
CA LEU A 31 8.38 2.67 1.96
C LEU A 31 7.19 2.01 2.63
N VAL A 32 7.38 0.80 3.11
CA VAL A 32 6.31 0.08 3.78
C VAL A 32 6.16 0.58 5.20
N LEU A 33 5.08 1.29 5.46
CA LEU A 33 4.86 1.81 6.79
C LEU A 33 4.31 0.75 7.73
N SER A 34 3.80 -0.33 7.18
CA SER A 34 3.23 -1.40 8.00
C SER A 34 2.61 -2.51 7.15
N LYS A 35 2.01 -3.47 7.84
CA LYS A 35 1.31 -4.56 7.20
C LYS A 35 -0.18 -4.42 7.48
N VAL A 36 -1.02 -4.57 6.45
CA VAL A 36 -2.45 -4.39 6.64
C VAL A 36 -3.21 -5.72 6.63
N ASN A 37 -3.77 -6.12 5.48
CA ASN A 37 -4.51 -7.38 5.42
C ASN A 37 -3.66 -8.50 4.84
N GLU A 38 -4.30 -9.60 4.47
CA GLU A 38 -3.61 -10.77 3.92
C GLU A 38 -2.89 -10.45 2.60
N GLU A 39 -3.36 -9.44 1.89
CA GLU A 39 -2.76 -9.06 0.62
C GLU A 39 -2.74 -7.54 0.45
N TRP A 40 -2.41 -6.84 1.52
CA TRP A 40 -2.35 -5.38 1.51
C TRP A 40 -1.50 -4.88 2.67
N LEU A 41 -1.05 -3.64 2.57
CA LEU A 41 -0.24 -3.03 3.60
C LEU A 41 -0.26 -1.52 3.49
N GLU A 42 0.36 -0.85 4.46
CA GLU A 42 0.39 0.60 4.46
C GLU A 42 1.46 1.10 3.50
N GLY A 43 1.17 2.23 2.87
CA GLY A 43 2.10 2.79 1.91
C GLY A 43 2.35 4.28 2.11
N GLU A 44 3.61 4.65 2.29
CA GLU A 44 3.98 6.05 2.48
C GLU A 44 5.23 6.39 1.67
N SER A 45 5.04 7.10 0.56
CA SER A 45 6.16 7.47 -0.30
C SER A 45 6.36 8.98 -0.33
N LYS A 46 7.44 9.42 0.32
CA LYS A 46 7.79 10.84 0.39
C LYS A 46 6.77 11.64 1.21
N GLY A 47 5.80 12.25 0.53
CA GLY A 47 4.80 13.04 1.22
C GLY A 47 3.38 12.65 0.85
N LYS A 48 3.11 11.35 0.83
CA LYS A 48 1.80 10.84 0.50
C LYS A 48 1.56 9.49 1.14
N VAL A 49 0.44 9.36 1.84
CA VAL A 49 0.11 8.10 2.51
C VAL A 49 -1.02 7.38 1.79
N GLY A 50 -0.90 6.06 1.73
CA GLY A 50 -1.89 5.22 1.09
C GLY A 50 -1.63 3.77 1.39
N ILE A 51 -2.16 2.87 0.57
CA ILE A 51 -1.94 1.45 0.78
C ILE A 51 -1.91 0.67 -0.53
N PHE A 52 -1.43 -0.57 -0.45
CA PHE A 52 -1.36 -1.41 -1.64
C PHE A 52 -1.13 -2.87 -1.28
N PRO A 53 -1.32 -3.77 -2.26
CA PRO A 53 -1.15 -5.20 -2.08
C PRO A 53 0.32 -5.62 -2.20
N LYS A 54 0.81 -6.32 -1.18
CA LYS A 54 2.20 -6.78 -1.15
C LYS A 54 2.59 -7.47 -2.46
N VAL A 55 1.61 -8.08 -3.12
CA VAL A 55 1.87 -8.76 -4.38
C VAL A 55 2.38 -7.77 -5.44
N PHE A 56 2.14 -6.48 -5.20
CA PHE A 56 2.56 -5.45 -6.13
C PHE A 56 3.93 -4.89 -5.81
N VAL A 57 4.70 -5.62 -5.01
CA VAL A 57 6.03 -5.15 -4.64
C VAL A 57 6.97 -6.31 -4.30
N GLU A 58 6.54 -7.55 -4.55
CA GLU A 58 7.37 -8.72 -4.26
C GLU A 58 8.26 -8.45 -3.05
N ASP A 59 9.48 -8.98 -3.04
CA ASP A 59 10.37 -8.74 -1.92
C ASP A 59 11.76 -8.31 -2.38
N SER A 60 12.35 -7.37 -1.63
CA SER A 60 13.68 -6.86 -1.94
C SER A 60 14.43 -6.50 -0.67
N ALA A 61 14.05 -5.38 -0.05
CA ALA A 61 14.69 -4.92 1.17
C ALA A 61 16.20 -4.78 0.99
N THR A 62 16.62 -4.49 -0.24
CA THR A 62 18.03 -4.33 -0.54
C THR A 62 18.23 -3.45 -1.78
N SER B 1 8.06 -4.27 -19.05
CA SER B 1 7.39 -5.26 -19.93
C SER B 1 6.82 -6.42 -19.11
N LYS B 2 5.98 -6.10 -18.14
CA LYS B 2 5.37 -7.12 -17.29
C LYS B 2 3.90 -6.77 -17.00
N PRO B 3 3.02 -7.77 -17.07
CA PRO B 3 1.59 -7.60 -16.82
C PRO B 3 1.27 -7.63 -15.32
N GLN B 4 1.10 -6.46 -14.73
CA GLN B 4 0.80 -6.36 -13.31
C GLN B 4 -0.30 -7.33 -12.89
N PRO B 5 -0.31 -7.71 -11.61
CA PRO B 5 -1.30 -8.61 -11.06
C PRO B 5 -2.68 -7.99 -10.99
N ALA B 6 -3.72 -8.80 -11.18
CA ALA B 6 -5.07 -8.31 -11.08
C ALA B 6 -5.34 -7.93 -9.63
N VAL B 7 -5.33 -6.64 -9.34
CA VAL B 7 -5.53 -6.19 -7.96
C VAL B 7 -6.75 -6.86 -7.34
N PRO B 8 -6.63 -7.30 -6.08
CA PRO B 8 -7.70 -8.00 -5.35
C PRO B 8 -8.66 -7.04 -4.63
N PRO B 9 -9.75 -7.59 -4.07
CA PRO B 9 -10.73 -6.79 -3.32
C PRO B 9 -10.12 -6.22 -2.05
N ARG B 10 -9.66 -5.00 -2.16
CA ARG B 10 -9.01 -4.30 -1.05
C ARG B 10 -9.68 -4.57 0.29
N PRO B 11 -8.93 -4.34 1.36
CA PRO B 11 -9.38 -4.55 2.75
C PRO B 11 -10.74 -3.94 3.03
N SER B 12 -11.23 -4.13 4.23
CA SER B 12 -12.54 -3.60 4.62
C SER B 12 -12.40 -2.21 5.24
N ALA B 13 -11.33 -1.51 4.87
CA ALA B 13 -11.08 -0.16 5.38
C ALA B 13 -10.79 -0.18 6.88
N ASP B 14 -11.76 -0.58 7.67
CA ASP B 14 -11.58 -0.64 9.12
C ASP B 14 -10.31 -1.39 9.49
N LEU B 15 -10.14 -2.62 9.01
CA LEU B 15 -8.93 -3.37 9.32
C LEU B 15 -7.73 -2.53 8.92
N ILE B 16 -7.92 -1.71 7.89
CA ILE B 16 -6.87 -0.80 7.44
C ILE B 16 -6.68 0.22 8.54
N LEU B 17 -7.80 0.78 8.98
CA LEU B 17 -7.81 1.74 10.05
C LEU B 17 -7.21 1.10 11.30
N ASN B 18 -7.25 -0.23 11.32
CA ASN B 18 -6.69 -1.01 12.41
C ASN B 18 -5.24 -1.36 12.13
N ARG B 19 -4.85 -1.31 10.85
CA ARG B 19 -3.50 -1.67 10.44
C ARG B 19 -2.87 -0.60 9.53
N CYS B 20 -3.15 0.68 9.78
CA CYS B 20 -2.58 1.77 8.98
C CYS B 20 -2.46 3.07 9.78
N SER B 21 -1.97 4.11 9.10
CA SER B 21 -1.80 5.42 9.70
C SER B 21 -3.07 6.25 9.58
N GLU B 22 -3.10 7.39 10.27
CA GLU B 22 -4.26 8.28 10.23
C GLU B 22 -4.48 8.82 8.83
N SER B 23 -3.39 9.03 8.09
CA SER B 23 -3.46 9.55 6.74
C SER B 23 -4.31 8.65 5.85
N THR B 24 -3.81 7.44 5.58
CA THR B 24 -4.53 6.48 4.75
C THR B 24 -5.90 6.18 5.35
N LYS B 25 -5.99 6.26 6.67
CA LYS B 25 -7.24 6.00 7.37
C LYS B 25 -8.33 6.96 6.90
N ARG B 26 -7.95 8.22 6.71
CA ARG B 26 -8.89 9.24 6.26
C ARG B 26 -9.46 8.89 4.88
N LYS B 27 -8.79 7.97 4.18
CA LYS B 27 -9.22 7.56 2.86
C LYS B 27 -10.13 6.32 2.93
N LEU B 28 -10.83 6.17 4.06
CA LEU B 28 -11.72 5.04 4.27
C LEU B 28 -12.51 5.20 5.56
N ALA B 29 -12.88 6.44 5.88
CA ALA B 29 -13.62 6.73 7.09
C ALA B 29 -15.00 6.06 7.07
N SER B 30 -15.03 4.79 7.45
CA SER B 30 -16.28 4.04 7.47
C SER B 30 -16.90 3.97 6.07
N ALA B 31 -16.05 3.96 5.06
CA ALA B 31 -16.51 3.90 3.67
C ALA B 31 -17.13 2.55 3.36
N VAL B 32 -17.66 2.42 2.15
CA VAL B 32 -18.29 1.17 1.73
C VAL B 32 -17.24 0.08 1.52
N GLN A 1 15.12 8.59 8.70
CA GLN A 1 13.92 7.80 9.12
C GLN A 1 14.28 6.81 10.23
N LEU A 2 13.29 6.47 11.04
CA LEU A 2 13.50 5.54 12.14
C LEU A 2 12.17 4.95 12.61
N LYS A 3 12.23 3.73 13.14
CA LYS A 3 11.03 3.05 13.63
C LYS A 3 10.01 2.88 12.51
N LYS A 4 10.50 2.62 11.30
CA LYS A 4 9.62 2.43 10.15
C LYS A 4 8.91 1.08 10.21
N GLY A 5 8.08 0.81 9.21
CA GLY A 5 7.36 -0.44 9.16
C GLY A 5 8.14 -1.55 8.49
N SER A 6 8.26 -1.45 7.17
CA SER A 6 8.98 -2.42 6.36
C SER A 6 9.20 -1.85 4.96
N GLN A 7 9.81 -2.64 4.08
CA GLN A 7 10.05 -2.17 2.71
C GLN A 7 10.20 -3.32 1.73
N VAL A 8 9.79 -3.05 0.48
CA VAL A 8 9.87 -4.03 -0.59
C VAL A 8 9.80 -3.33 -1.95
N GLU A 9 10.85 -3.48 -2.76
CA GLU A 9 10.87 -2.85 -4.07
C GLU A 9 9.61 -3.23 -4.86
N ALA A 10 9.20 -2.34 -5.77
CA ALA A 10 8.01 -2.60 -6.58
C ALA A 10 8.38 -3.33 -7.86
N LEU A 11 7.38 -3.78 -8.59
CA LEU A 11 7.61 -4.51 -9.83
C LEU A 11 6.62 -4.11 -10.94
N PHE A 12 5.64 -3.29 -10.59
CA PHE A 12 4.64 -2.87 -11.57
C PHE A 12 4.16 -1.44 -11.29
N SER A 13 3.37 -0.93 -12.22
CA SER A 13 2.78 0.40 -12.07
C SER A 13 1.32 0.23 -11.69
N TYR A 14 1.03 0.44 -10.42
CA TYR A 14 -0.31 0.27 -9.89
C TYR A 14 -1.19 1.48 -10.23
N GLU A 15 -2.27 1.24 -10.97
CA GLU A 15 -3.20 2.28 -11.33
C GLU A 15 -4.13 2.58 -10.15
N ALA A 16 -3.96 3.75 -9.56
CA ALA A 16 -4.77 4.14 -8.42
C ALA A 16 -6.04 4.86 -8.84
N THR A 17 -7.18 4.20 -8.62
CA THR A 17 -8.47 4.76 -8.98
C THR A 17 -9.15 5.36 -7.76
N GLN A 18 -8.86 4.81 -6.58
CA GLN A 18 -9.43 5.30 -5.34
C GLN A 18 -8.41 6.07 -4.53
N PRO A 19 -8.84 6.76 -3.46
CA PRO A 19 -7.96 7.56 -2.60
C PRO A 19 -6.96 6.74 -1.78
N GLU A 20 -7.47 5.99 -0.80
CA GLU A 20 -6.61 5.19 0.08
C GLU A 20 -5.54 4.42 -0.69
N ASP A 21 -5.92 3.86 -1.84
CA ASP A 21 -4.98 3.10 -2.65
C ASP A 21 -3.78 3.94 -3.05
N LEU A 22 -2.60 3.50 -2.63
CA LEU A 22 -1.36 4.20 -2.93
C LEU A 22 -0.90 3.87 -4.34
N GLU A 23 -0.77 4.90 -5.17
CA GLU A 23 -0.34 4.72 -6.55
C GLU A 23 1.18 4.72 -6.65
N PHE A 24 1.71 3.87 -7.52
CA PHE A 24 3.17 3.78 -7.70
C PHE A 24 3.52 3.11 -9.02
N GLN A 25 4.76 3.30 -9.45
CA GLN A 25 5.24 2.71 -10.70
C GLN A 25 5.97 1.39 -10.43
N GLU A 26 6.44 0.76 -11.50
CA GLU A 26 7.15 -0.51 -11.38
C GLU A 26 8.59 -0.28 -10.93
N GLY A 27 9.19 -1.31 -10.32
CA GLY A 27 10.56 -1.19 -9.84
C GLY A 27 10.79 0.07 -9.03
N ASP A 28 10.14 0.17 -7.88
CA ASP A 28 10.28 1.34 -7.03
C ASP A 28 10.61 0.96 -5.60
N ILE A 29 11.16 1.91 -4.86
CA ILE A 29 11.55 1.69 -3.47
C ILE A 29 10.47 2.22 -2.52
N ILE A 30 9.42 1.43 -2.33
CA ILE A 30 8.32 1.81 -1.45
C ILE A 30 8.68 1.54 0.01
N LEU A 31 8.19 2.40 0.90
CA LEU A 31 8.45 2.24 2.32
C LEU A 31 7.19 1.70 2.99
N VAL A 32 7.11 0.39 3.06
CA VAL A 32 5.97 -0.27 3.68
C VAL A 32 5.81 0.22 5.11
N LEU A 33 4.67 0.79 5.41
CA LEU A 33 4.43 1.30 6.74
C LEU A 33 4.03 0.17 7.69
N SER A 34 3.50 -0.91 7.14
CA SER A 34 3.07 -2.06 7.94
C SER A 34 2.18 -2.99 7.12
N LYS A 35 1.93 -4.19 7.66
CA LYS A 35 1.06 -5.15 7.00
C LYS A 35 -0.39 -4.76 7.26
N VAL A 36 -1.21 -4.72 6.22
CA VAL A 36 -2.61 -4.32 6.38
C VAL A 36 -3.59 -5.49 6.24
N ASN A 37 -3.21 -6.53 5.51
CA ASN A 37 -4.09 -7.69 5.36
C ASN A 37 -3.45 -8.78 4.50
N GLU A 38 -2.13 -8.93 4.61
CA GLU A 38 -1.41 -9.94 3.84
C GLU A 38 -1.30 -9.50 2.37
N GLU A 39 -2.44 -9.28 1.74
CA GLU A 39 -2.48 -8.85 0.35
C GLU A 39 -2.56 -7.32 0.27
N TRP A 40 -2.25 -6.66 1.39
CA TRP A 40 -2.26 -5.21 1.46
C TRP A 40 -1.44 -4.73 2.63
N LEU A 41 -1.02 -3.48 2.57
CA LEU A 41 -0.22 -2.89 3.62
C LEU A 41 -0.28 -1.37 3.57
N GLU A 42 0.24 -0.72 4.60
CA GLU A 42 0.23 0.73 4.65
C GLU A 42 1.33 1.29 3.78
N GLY A 43 0.94 2.10 2.81
CA GLY A 43 1.89 2.67 1.88
C GLY A 43 2.15 4.15 2.09
N GLU A 44 3.43 4.53 2.09
CA GLU A 44 3.83 5.92 2.25
C GLU A 44 5.08 6.19 1.41
N SER A 45 4.89 6.80 0.24
CA SER A 45 6.00 7.08 -0.65
C SER A 45 5.98 8.53 -1.15
N LYS A 46 6.99 9.29 -0.75
CA LYS A 46 7.12 10.69 -1.16
C LYS A 46 5.95 11.54 -0.65
N GLY A 47 6.10 12.05 0.58
CA GLY A 47 5.07 12.91 1.18
C GLY A 47 3.67 12.54 0.75
N LYS A 48 3.35 11.25 0.77
CA LYS A 48 2.03 10.77 0.39
C LYS A 48 1.71 9.46 1.08
N VAL A 49 0.59 9.42 1.77
CA VAL A 49 0.19 8.22 2.49
C VAL A 49 -0.99 7.52 1.81
N GLY A 50 -0.96 6.20 1.84
CA GLY A 50 -2.00 5.40 1.24
C GLY A 50 -1.77 3.93 1.51
N ILE A 51 -2.32 3.05 0.69
CA ILE A 51 -2.13 1.62 0.89
C ILE A 51 -2.12 0.87 -0.44
N PHE A 52 -1.38 -0.24 -0.46
CA PHE A 52 -1.27 -1.04 -1.67
C PHE A 52 -1.02 -2.52 -1.34
N PRO A 53 -1.28 -3.41 -2.31
CA PRO A 53 -1.07 -4.84 -2.12
C PRO A 53 0.37 -5.26 -2.36
N LYS A 54 0.95 -5.94 -1.37
CA LYS A 54 2.33 -6.39 -1.43
C LYS A 54 2.63 -7.16 -2.72
N VAL A 55 1.60 -7.67 -3.38
CA VAL A 55 1.78 -8.41 -4.63
C VAL A 55 2.62 -7.61 -5.63
N PHE A 56 2.57 -6.29 -5.51
CA PHE A 56 3.34 -5.41 -6.40
C PHE A 56 4.71 -5.11 -5.81
N VAL A 57 5.07 -5.82 -4.75
CA VAL A 57 6.34 -5.62 -4.09
C VAL A 57 6.80 -6.90 -3.39
N GLU A 58 6.93 -7.98 -4.15
CA GLU A 58 7.36 -9.25 -3.61
C GLU A 58 8.82 -9.23 -3.16
N ASP A 59 9.39 -8.05 -3.06
CA ASP A 59 10.78 -7.88 -2.65
C ASP A 59 10.95 -8.29 -1.18
N SER A 60 12.07 -7.90 -0.58
CA SER A 60 12.35 -8.22 0.81
C SER A 60 13.55 -7.42 1.32
N ALA A 61 13.31 -6.17 1.69
CA ALA A 61 14.36 -5.29 2.21
C ALA A 61 15.36 -4.95 1.11
N THR A 62 16.17 -5.94 0.73
CA THR A 62 17.18 -5.75 -0.31
C THR A 62 17.06 -6.82 -1.39
N SER B 1 5.55 -3.87 -20.51
CA SER B 1 5.74 -5.20 -21.14
C SER B 1 5.11 -6.30 -20.29
N LYS B 2 5.07 -6.08 -18.99
CA LYS B 2 4.50 -7.06 -18.06
C LYS B 2 3.14 -6.61 -17.55
N PRO B 3 2.17 -7.53 -17.49
CA PRO B 3 0.82 -7.25 -17.02
C PRO B 3 0.72 -7.31 -15.50
N GLN B 4 0.67 -6.14 -14.86
CA GLN B 4 0.60 -6.06 -13.40
C GLN B 4 -0.43 -7.04 -12.84
N PRO B 5 -0.26 -7.40 -11.57
CA PRO B 5 -1.17 -8.31 -10.88
C PRO B 5 -2.56 -7.73 -10.72
N ALA B 6 -3.56 -8.43 -11.25
CA ALA B 6 -4.94 -7.96 -11.13
C ALA B 6 -5.23 -7.65 -9.67
N VAL B 7 -5.25 -6.36 -9.34
CA VAL B 7 -5.48 -5.94 -7.96
C VAL B 7 -6.71 -6.63 -7.36
N PRO B 8 -6.56 -7.15 -6.13
CA PRO B 8 -7.62 -7.87 -5.42
C PRO B 8 -8.59 -6.94 -4.68
N PRO B 9 -9.66 -7.50 -4.10
CA PRO B 9 -10.65 -6.73 -3.34
C PRO B 9 -10.02 -6.16 -2.08
N ARG B 10 -9.61 -4.91 -2.17
CA ARG B 10 -8.96 -4.21 -1.06
C ARG B 10 -9.57 -4.52 0.29
N PRO B 11 -8.80 -4.25 1.35
CA PRO B 11 -9.18 -4.50 2.74
C PRO B 11 -10.56 -3.94 3.08
N SER B 12 -11.00 -4.19 4.32
CA SER B 12 -12.30 -3.73 4.77
C SER B 12 -12.21 -2.34 5.40
N ALA B 13 -11.18 -1.58 5.02
CA ALA B 13 -10.98 -0.23 5.54
C ALA B 13 -10.62 -0.24 7.02
N ASP B 14 -11.53 -0.75 7.85
CA ASP B 14 -11.29 -0.81 9.28
C ASP B 14 -9.96 -1.48 9.61
N LEU B 15 -9.74 -2.71 9.14
CA LEU B 15 -8.47 -3.37 9.43
C LEU B 15 -7.33 -2.48 8.98
N ILE B 16 -7.62 -1.64 7.96
CA ILE B 16 -6.64 -0.68 7.48
C ILE B 16 -6.46 0.34 8.59
N LEU B 17 -7.60 0.79 9.10
CA LEU B 17 -7.62 1.74 10.20
C LEU B 17 -6.97 1.12 11.42
N ASN B 18 -6.92 -0.21 11.41
CA ASN B 18 -6.30 -0.98 12.47
C ASN B 18 -4.82 -1.21 12.17
N ARG B 19 -4.44 -1.07 10.90
CA ARG B 19 -3.07 -1.30 10.48
C ARG B 19 -2.56 -0.21 9.52
N CYS B 20 -2.90 1.05 9.79
CA CYS B 20 -2.45 2.16 8.93
C CYS B 20 -2.41 3.48 9.70
N SER B 21 -2.00 4.53 9.00
CA SER B 21 -1.91 5.86 9.59
C SER B 21 -3.24 6.59 9.48
N GLU B 22 -3.32 7.79 10.07
CA GLU B 22 -4.53 8.59 10.03
C GLU B 22 -4.80 9.10 8.61
N SER B 23 -3.73 9.33 7.87
CA SER B 23 -3.84 9.82 6.50
C SER B 23 -4.66 8.87 5.65
N THR B 24 -4.13 7.66 5.44
CA THR B 24 -4.82 6.65 4.64
C THR B 24 -6.17 6.31 5.26
N LYS B 25 -6.23 6.37 6.59
CA LYS B 25 -7.46 6.07 7.31
C LYS B 25 -8.59 7.02 6.90
N ARG B 26 -8.23 8.27 6.63
CA ARG B 26 -9.22 9.26 6.23
C ARG B 26 -9.84 8.92 4.87
N LYS B 27 -9.20 8.00 4.15
CA LYS B 27 -9.69 7.60 2.83
C LYS B 27 -10.57 6.35 2.93
N LEU B 28 -11.12 6.11 4.11
CA LEU B 28 -11.98 4.94 4.33
C LEU B 28 -12.86 5.13 5.56
N ALA B 29 -12.23 5.14 6.73
CA ALA B 29 -12.96 5.32 7.98
C ALA B 29 -14.03 4.24 8.16
N SER B 30 -13.74 3.05 7.63
CA SER B 30 -14.67 1.92 7.73
C SER B 30 -15.97 2.22 6.99
N ALA B 31 -15.99 1.93 5.69
CA ALA B 31 -17.16 2.17 4.87
C ALA B 31 -17.94 0.88 4.64
N VAL B 32 -18.66 0.43 5.67
CA VAL B 32 -19.45 -0.79 5.57
C VAL B 32 -20.92 -0.51 5.82
N GLN A 1 11.23 3.92 20.51
CA GLN A 1 10.51 5.16 20.10
C GLN A 1 10.49 5.30 18.58
N LEU A 2 11.52 4.77 17.92
CA LEU A 2 11.61 4.83 16.47
C LEU A 2 10.43 4.13 15.82
N LYS A 3 9.61 4.89 15.10
CA LYS A 3 8.44 4.33 14.42
C LYS A 3 8.67 4.26 12.92
N LYS A 4 8.71 3.05 12.39
CA LYS A 4 8.93 2.84 10.96
C LYS A 4 8.42 1.47 10.52
N GLY A 5 8.03 1.38 9.26
CA GLY A 5 7.55 0.12 8.72
C GLY A 5 8.66 -0.69 8.09
N SER A 6 8.54 -0.95 6.79
CA SER A 6 9.53 -1.70 6.04
C SER A 6 9.65 -1.12 4.63
N GLN A 7 10.35 -1.82 3.74
CA GLN A 7 10.50 -1.32 2.37
C GLN A 7 10.77 -2.45 1.38
N VAL A 8 10.27 -2.29 0.16
CA VAL A 8 10.45 -3.27 -0.90
C VAL A 8 10.20 -2.66 -2.28
N GLU A 9 10.80 -3.25 -3.31
CA GLU A 9 10.60 -2.78 -4.67
C GLU A 9 9.13 -2.91 -5.04
N ALA A 10 8.68 -2.15 -6.02
CA ALA A 10 7.27 -2.20 -6.43
C ALA A 10 7.04 -3.23 -7.53
N LEU A 11 8.05 -3.41 -8.36
CA LEU A 11 8.01 -4.37 -9.48
C LEU A 11 6.84 -4.16 -10.43
N PHE A 12 5.92 -3.26 -10.10
CA PHE A 12 4.75 -3.04 -10.96
C PHE A 12 4.25 -1.61 -10.91
N SER A 13 3.45 -1.25 -11.91
CA SER A 13 2.86 0.09 -11.99
C SER A 13 1.37 0.01 -11.70
N TYR A 14 1.01 0.17 -10.44
CA TYR A 14 -0.40 0.11 -10.03
C TYR A 14 -1.10 1.43 -10.34
N GLU A 15 -2.15 1.35 -11.15
CA GLU A 15 -2.93 2.53 -11.55
C GLU A 15 -3.88 3.01 -10.48
N ALA A 16 -3.63 2.61 -9.24
CA ALA A 16 -4.47 3.01 -8.11
C ALA A 16 -4.91 4.46 -8.21
N THR A 17 -6.19 4.66 -8.47
CA THR A 17 -6.74 6.01 -8.59
C THR A 17 -7.44 6.43 -7.30
N GLN A 18 -8.16 5.48 -6.68
CA GLN A 18 -8.87 5.75 -5.44
C GLN A 18 -7.96 6.45 -4.42
N PRO A 19 -8.53 6.94 -3.32
CA PRO A 19 -7.77 7.66 -2.28
C PRO A 19 -6.76 6.79 -1.53
N GLU A 20 -7.25 5.91 -0.65
CA GLU A 20 -6.38 5.06 0.15
C GLU A 20 -5.37 4.28 -0.72
N ASP A 21 -5.82 3.78 -1.86
CA ASP A 21 -4.97 3.02 -2.75
C ASP A 21 -3.76 3.84 -3.18
N LEU A 22 -2.58 3.43 -2.72
CA LEU A 22 -1.35 4.12 -3.07
C LEU A 22 -0.89 3.72 -4.46
N GLU A 23 -0.72 4.71 -5.34
CA GLU A 23 -0.28 4.45 -6.70
C GLU A 23 1.25 4.45 -6.77
N PHE A 24 1.81 3.47 -7.48
CA PHE A 24 3.25 3.37 -7.62
C PHE A 24 3.63 2.81 -8.99
N GLN A 25 4.85 3.12 -9.42
CA GLN A 25 5.33 2.66 -10.72
C GLN A 25 6.07 1.34 -10.59
N GLU A 26 6.46 0.77 -11.73
CA GLU A 26 7.18 -0.50 -11.75
C GLU A 26 8.57 -0.36 -11.15
N GLY A 27 9.04 -1.44 -10.53
CA GLY A 27 10.36 -1.45 -9.93
C GLY A 27 10.67 -0.17 -9.16
N ASP A 28 9.79 0.18 -8.22
CA ASP A 28 9.99 1.39 -7.44
C ASP A 28 10.30 1.08 -5.98
N ILE A 29 11.03 1.99 -5.34
CA ILE A 29 11.41 1.84 -3.95
C ILE A 29 10.34 2.43 -3.03
N ILE A 30 9.30 1.66 -2.77
CA ILE A 30 8.21 2.10 -1.91
C ILE A 30 8.59 1.94 -0.44
N LEU A 31 8.03 2.80 0.40
CA LEU A 31 8.30 2.76 1.82
C LEU A 31 7.13 2.08 2.53
N VAL A 32 7.27 0.79 2.77
CA VAL A 32 6.22 0.04 3.44
C VAL A 32 6.09 0.55 4.86
N LEU A 33 4.90 0.95 5.24
CA LEU A 33 4.70 1.46 6.59
C LEU A 33 4.31 0.37 7.57
N SER A 34 3.79 -0.75 7.05
CA SER A 34 3.37 -1.86 7.90
C SER A 34 2.64 -2.93 7.09
N LYS A 35 1.99 -3.84 7.81
CA LYS A 35 1.19 -4.90 7.20
C LYS A 35 -0.28 -4.63 7.48
N VAL A 36 -1.11 -4.61 6.44
CA VAL A 36 -2.52 -4.31 6.64
C VAL A 36 -3.40 -5.57 6.59
N ASN A 37 -3.35 -6.34 5.50
CA ASN A 37 -4.16 -7.55 5.42
C ASN A 37 -3.43 -8.66 4.65
N GLU A 38 -4.17 -9.71 4.30
CA GLU A 38 -3.60 -10.86 3.60
C GLU A 38 -2.86 -10.44 2.33
N GLU A 39 -3.32 -9.39 1.66
CA GLU A 39 -2.69 -8.92 0.44
C GLU A 39 -2.72 -7.40 0.34
N TRP A 40 -2.41 -6.74 1.45
CA TRP A 40 -2.39 -5.28 1.50
C TRP A 40 -1.57 -4.80 2.68
N LEU A 41 -1.13 -3.55 2.60
CA LEU A 41 -0.33 -2.97 3.66
C LEU A 41 -0.36 -1.45 3.58
N GLU A 42 0.25 -0.81 4.57
CA GLU A 42 0.29 0.64 4.61
C GLU A 42 1.37 1.17 3.68
N GLY A 43 0.98 2.07 2.80
CA GLY A 43 1.91 2.62 1.83
C GLY A 43 2.12 4.11 1.97
N GLU A 44 3.38 4.54 2.03
CA GLU A 44 3.72 5.95 2.14
C GLU A 44 4.89 6.27 1.21
N SER A 45 4.59 6.88 0.06
CA SER A 45 5.63 7.21 -0.90
C SER A 45 5.57 8.68 -1.32
N LYS A 46 6.58 9.44 -0.92
CA LYS A 46 6.69 10.85 -1.26
C LYS A 46 5.51 11.66 -0.70
N GLY A 47 5.69 12.18 0.52
CA GLY A 47 4.66 12.97 1.17
C GLY A 47 3.24 12.58 0.81
N LYS A 48 3.00 11.27 0.76
CA LYS A 48 1.68 10.75 0.43
C LYS A 48 1.44 9.43 1.12
N VAL A 49 0.35 9.35 1.88
CA VAL A 49 0.02 8.14 2.60
C VAL A 49 -1.16 7.41 1.97
N GLY A 50 -1.01 6.11 1.83
CA GLY A 50 -2.04 5.27 1.26
C GLY A 50 -1.76 3.80 1.55
N ILE A 51 -2.20 2.90 0.70
CA ILE A 51 -1.96 1.49 0.90
C ILE A 51 -1.88 0.74 -0.41
N PHE A 52 -1.30 -0.46 -0.37
CA PHE A 52 -1.16 -1.27 -1.57
C PHE A 52 -0.91 -2.74 -1.25
N PRO A 53 -1.17 -3.64 -2.22
CA PRO A 53 -0.97 -5.07 -2.05
C PRO A 53 0.49 -5.49 -2.13
N LYS A 54 0.95 -6.22 -1.12
CA LYS A 54 2.33 -6.68 -1.07
C LYS A 54 2.70 -7.47 -2.33
N VAL A 55 1.78 -8.30 -2.79
CA VAL A 55 1.99 -9.11 -3.99
C VAL A 55 2.68 -8.31 -5.09
N PHE A 56 2.41 -7.00 -5.11
CA PHE A 56 2.97 -6.12 -6.13
C PHE A 56 4.45 -5.81 -5.85
N VAL A 57 4.71 -5.26 -4.69
CA VAL A 57 6.05 -4.87 -4.29
C VAL A 57 6.89 -6.06 -3.83
N GLU A 58 6.23 -7.03 -3.17
CA GLU A 58 6.91 -8.23 -2.66
C GLU A 58 8.33 -7.88 -2.20
N ASP A 59 9.28 -8.79 -2.37
CA ASP A 59 10.66 -8.53 -1.98
C ASP A 59 10.78 -8.30 -0.48
N SER A 60 11.91 -7.75 -0.06
CA SER A 60 12.16 -7.47 1.36
C SER A 60 13.41 -6.62 1.53
N ALA A 61 13.23 -5.30 1.67
CA ALA A 61 14.36 -4.39 1.84
C ALA A 61 14.26 -3.64 3.17
N THR A 62 15.13 -3.98 4.11
CA THR A 62 15.15 -3.35 5.42
C THR A 62 16.29 -2.35 5.53
N SER B 1 9.40 -4.02 -19.26
CA SER B 1 7.95 -3.93 -18.97
C SER B 1 7.44 -5.21 -18.31
N LYS B 2 6.22 -5.15 -17.78
CA LYS B 2 5.62 -6.30 -17.13
C LYS B 2 4.14 -6.06 -16.83
N PRO B 3 3.30 -7.09 -17.02
CA PRO B 3 1.86 -7.01 -16.78
C PRO B 3 1.54 -7.19 -15.30
N GLN B 4 1.42 -6.08 -14.58
CA GLN B 4 1.13 -6.11 -13.15
C GLN B 4 -0.02 -7.07 -12.83
N PRO B 5 -0.04 -7.57 -11.59
CA PRO B 5 -1.08 -8.49 -11.13
C PRO B 5 -2.45 -7.84 -11.06
N ALA B 6 -3.49 -8.65 -11.20
CA ALA B 6 -4.84 -8.15 -11.11
C ALA B 6 -5.15 -7.80 -9.67
N VAL B 7 -5.12 -6.51 -9.35
CA VAL B 7 -5.36 -6.08 -7.97
C VAL B 7 -6.62 -6.72 -7.39
N PRO B 8 -6.53 -7.19 -6.13
CA PRO B 8 -7.65 -7.85 -5.45
C PRO B 8 -8.59 -6.88 -4.75
N PRO B 9 -9.71 -7.39 -4.21
CA PRO B 9 -10.69 -6.57 -3.48
C PRO B 9 -10.11 -6.05 -2.18
N ARG B 10 -9.62 -4.83 -2.23
CA ARG B 10 -8.99 -4.18 -1.08
C ARG B 10 -9.72 -4.47 0.22
N PRO B 11 -8.99 -4.29 1.33
CA PRO B 11 -9.49 -4.52 2.69
C PRO B 11 -10.84 -3.88 2.95
N SER B 12 -11.37 -4.09 4.15
CA SER B 12 -12.66 -3.53 4.52
C SER B 12 -12.50 -2.15 5.15
N ALA B 13 -11.38 -1.50 4.86
CA ALA B 13 -11.09 -0.17 5.40
C ALA B 13 -10.81 -0.21 6.90
N ASP B 14 -11.76 -0.73 7.66
CA ASP B 14 -11.60 -0.81 9.11
C ASP B 14 -10.31 -1.52 9.49
N LEU B 15 -10.11 -2.76 9.04
CA LEU B 15 -8.86 -3.44 9.38
C LEU B 15 -7.68 -2.59 8.95
N ILE B 16 -7.88 -1.77 7.91
CA ILE B 16 -6.85 -0.86 7.47
C ILE B 16 -6.68 0.18 8.56
N LEU B 17 -7.83 0.69 9.00
CA LEU B 17 -7.87 1.66 10.09
C LEU B 17 -7.24 1.04 11.33
N ASN B 18 -7.22 -0.29 11.34
CA ASN B 18 -6.64 -1.06 12.43
C ASN B 18 -5.16 -1.34 12.16
N ARG B 19 -4.77 -1.30 10.89
CA ARG B 19 -3.39 -1.59 10.51
C ARG B 19 -2.79 -0.50 9.62
N CYS B 20 -3.10 0.76 9.87
CA CYS B 20 -2.54 1.86 9.07
C CYS B 20 -2.46 3.16 9.86
N SER B 21 -1.99 4.21 9.19
CA SER B 21 -1.86 5.53 9.79
C SER B 21 -3.15 6.32 9.66
N GLU B 22 -3.24 7.44 10.38
CA GLU B 22 -4.42 8.28 10.33
C GLU B 22 -4.63 8.86 8.95
N SER B 23 -3.53 9.08 8.23
CA SER B 23 -3.60 9.63 6.88
C SER B 23 -4.41 8.72 5.97
N THR B 24 -3.93 7.50 5.78
CA THR B 24 -4.62 6.52 4.93
C THR B 24 -6.00 6.21 5.49
N LYS B 25 -6.12 6.30 6.82
CA LYS B 25 -7.38 6.03 7.48
C LYS B 25 -8.47 7.01 7.04
N ARG B 26 -8.13 8.29 7.03
CA ARG B 26 -9.06 9.34 6.63
C ARG B 26 -9.72 9.00 5.30
N LYS B 27 -8.98 8.36 4.42
CA LYS B 27 -9.49 7.97 3.11
C LYS B 27 -10.61 6.95 3.25
N LEU B 28 -10.59 6.20 4.36
CA LEU B 28 -11.61 5.19 4.62
C LEU B 28 -12.29 5.45 5.96
N ALA B 29 -12.53 6.72 6.26
CA ALA B 29 -13.19 7.11 7.50
C ALA B 29 -14.60 6.55 7.58
N SER B 30 -15.24 6.40 6.42
CA SER B 30 -16.60 5.88 6.36
C SER B 30 -16.61 4.38 6.07
N ALA B 31 -15.50 3.72 6.37
CA ALA B 31 -15.38 2.29 6.15
C ALA B 31 -15.53 1.93 4.67
N VAL B 32 -16.78 1.85 4.21
CA VAL B 32 -17.06 1.52 2.82
C VAL B 32 -17.77 2.69 2.12
N GLN A 1 17.21 4.67 13.60
CA GLN A 1 17.74 3.71 12.60
C GLN A 1 16.64 2.81 12.06
N LEU A 2 15.63 2.55 12.88
CA LEU A 2 14.52 1.70 12.48
C LEU A 2 13.18 2.40 12.72
N LYS A 3 13.19 3.73 12.58
CA LYS A 3 11.98 4.52 12.78
C LYS A 3 11.05 4.41 11.57
N LYS A 4 10.52 3.22 11.34
CA LYS A 4 9.63 2.98 10.22
C LYS A 4 9.08 1.56 10.25
N GLY A 5 8.34 1.19 9.20
CA GLY A 5 7.76 -0.13 9.12
C GLY A 5 8.70 -1.11 8.43
N SER A 6 8.63 -1.16 7.11
CA SER A 6 9.47 -2.04 6.30
C SER A 6 9.55 -1.50 4.88
N GLN A 7 10.18 -2.23 3.98
CA GLN A 7 10.29 -1.77 2.59
C GLN A 7 10.50 -2.93 1.62
N VAL A 8 10.04 -2.72 0.39
CA VAL A 8 10.17 -3.72 -0.67
C VAL A 8 10.00 -3.08 -2.03
N GLU A 9 11.04 -3.18 -2.87
CA GLU A 9 11.00 -2.61 -4.20
C GLU A 9 9.72 -3.02 -4.93
N ALA A 10 9.27 -2.17 -5.84
CA ALA A 10 8.05 -2.46 -6.59
C ALA A 10 8.37 -3.23 -7.86
N LEU A 11 7.33 -3.64 -8.58
CA LEU A 11 7.52 -4.40 -9.80
C LEU A 11 6.47 -4.06 -10.87
N PHE A 12 5.50 -3.22 -10.52
CA PHE A 12 4.45 -2.84 -11.46
C PHE A 12 3.93 -1.44 -11.18
N SER A 13 3.22 -0.90 -12.17
CA SER A 13 2.62 0.43 -12.04
C SER A 13 1.14 0.29 -11.73
N TYR A 14 0.80 0.42 -10.46
CA TYR A 14 -0.58 0.28 -10.02
C TYR A 14 -1.39 1.55 -10.26
N GLU A 15 -2.62 1.36 -10.72
CA GLU A 15 -3.52 2.47 -10.99
C GLU A 15 -4.40 2.74 -9.77
N ALA A 16 -4.12 3.85 -9.10
CA ALA A 16 -4.86 4.22 -7.91
C ALA A 16 -6.07 5.09 -8.24
N THR A 17 -7.15 4.90 -7.48
CA THR A 17 -8.37 5.67 -7.68
C THR A 17 -8.48 6.82 -6.67
N GLN A 18 -7.66 6.74 -5.61
CA GLN A 18 -7.61 7.76 -4.56
C GLN A 18 -8.49 7.44 -3.33
N PRO A 19 -9.15 6.27 -3.27
CA PRO A 19 -9.99 5.92 -2.11
C PRO A 19 -9.16 5.51 -0.91
N GLU A 20 -7.89 5.16 -1.16
CA GLU A 20 -6.93 4.75 -0.13
C GLU A 20 -5.73 4.07 -0.80
N ASP A 21 -6.00 3.43 -1.93
CA ASP A 21 -4.97 2.73 -2.69
C ASP A 21 -3.83 3.67 -3.07
N LEU A 22 -2.62 3.34 -2.62
CA LEU A 22 -1.44 4.13 -2.92
C LEU A 22 -0.94 3.80 -4.32
N GLU A 23 -0.87 4.81 -5.18
CA GLU A 23 -0.41 4.61 -6.54
C GLU A 23 1.11 4.54 -6.60
N PHE A 24 1.64 3.64 -7.39
CA PHE A 24 3.10 3.51 -7.53
C PHE A 24 3.47 2.79 -8.82
N GLN A 25 4.61 3.20 -9.40
CA GLN A 25 5.08 2.61 -10.64
C GLN A 25 5.79 1.30 -10.38
N GLU A 26 6.36 0.71 -11.44
CA GLU A 26 7.06 -0.55 -11.32
C GLU A 26 8.53 -0.33 -10.94
N GLY A 27 9.13 -1.35 -10.33
CA GLY A 27 10.53 -1.24 -9.92
C GLY A 27 10.83 0.05 -9.20
N ASP A 28 10.17 0.27 -8.07
CA ASP A 28 10.38 1.49 -7.29
C ASP A 28 10.60 1.19 -5.81
N ILE A 29 11.19 2.14 -5.11
CA ILE A 29 11.46 2.01 -3.68
C ILE A 29 10.29 2.52 -2.86
N ILE A 30 9.64 1.60 -2.15
CA ILE A 30 8.50 1.94 -1.31
C ILE A 30 8.81 1.69 0.16
N LEU A 31 8.29 2.55 1.03
CA LEU A 31 8.51 2.41 2.46
C LEU A 31 7.26 1.83 3.10
N VAL A 32 7.21 0.50 3.15
CA VAL A 32 6.08 -0.19 3.75
C VAL A 32 5.87 0.30 5.16
N LEU A 33 4.71 0.86 5.43
CA LEU A 33 4.43 1.36 6.76
C LEU A 33 4.03 0.23 7.71
N SER A 34 3.50 -0.86 7.15
CA SER A 34 3.07 -2.01 7.96
C SER A 34 2.22 -2.97 7.13
N LYS A 35 1.94 -4.13 7.69
CA LYS A 35 1.08 -5.11 7.03
C LYS A 35 -0.37 -4.73 7.29
N VAL A 36 -1.18 -4.67 6.23
CA VAL A 36 -2.57 -4.27 6.38
C VAL A 36 -3.54 -5.45 6.29
N ASN A 37 -3.15 -6.52 5.60
CA ASN A 37 -4.02 -7.69 5.51
C ASN A 37 -3.33 -8.83 4.76
N GLU A 38 -4.12 -9.84 4.37
CA GLU A 38 -3.60 -11.01 3.67
C GLU A 38 -2.78 -10.63 2.43
N GLU A 39 -3.11 -9.51 1.81
CA GLU A 39 -2.40 -9.06 0.62
C GLU A 39 -2.47 -7.55 0.46
N TRP A 40 -2.14 -6.84 1.55
CA TRP A 40 -2.15 -5.39 1.54
C TRP A 40 -1.31 -4.85 2.70
N LEU A 41 -0.92 -3.59 2.59
CA LEU A 41 -0.11 -2.96 3.61
C LEU A 41 -0.21 -1.44 3.52
N GLU A 42 0.30 -0.76 4.55
CA GLU A 42 0.26 0.69 4.57
C GLU A 42 1.38 1.26 3.72
N GLY A 43 0.99 2.08 2.75
CA GLY A 43 1.96 2.65 1.85
C GLY A 43 2.19 4.14 2.06
N GLU A 44 3.45 4.55 2.06
CA GLU A 44 3.83 5.95 2.23
C GLU A 44 5.10 6.24 1.44
N SER A 45 4.92 6.79 0.23
CA SER A 45 6.07 7.09 -0.62
C SER A 45 5.96 8.49 -1.22
N LYS A 46 6.91 9.35 -0.85
CA LYS A 46 6.96 10.72 -1.35
C LYS A 46 5.82 11.57 -0.80
N GLY A 47 5.97 12.04 0.44
CA GLY A 47 4.96 12.88 1.07
C GLY A 47 3.54 12.51 0.67
N LYS A 48 3.26 11.21 0.63
CA LYS A 48 1.93 10.73 0.26
C LYS A 48 1.64 9.40 0.94
N VAL A 49 0.52 9.34 1.65
CA VAL A 49 0.14 8.13 2.35
C VAL A 49 -1.01 7.41 1.67
N GLY A 50 -0.94 6.09 1.67
CA GLY A 50 -1.95 5.26 1.06
C GLY A 50 -1.71 3.80 1.37
N ILE A 51 -2.20 2.91 0.53
CA ILE A 51 -1.99 1.48 0.75
C ILE A 51 -1.93 0.70 -0.55
N PHE A 52 -1.19 -0.39 -0.53
CA PHE A 52 -1.04 -1.21 -1.74
C PHE A 52 -0.79 -2.68 -1.39
N PRO A 53 -1.02 -3.58 -2.37
CA PRO A 53 -0.83 -5.01 -2.19
C PRO A 53 0.64 -5.41 -2.28
N LYS A 54 1.11 -6.15 -1.30
CA LYS A 54 2.50 -6.60 -1.24
C LYS A 54 2.90 -7.32 -2.53
N VAL A 55 1.93 -7.96 -3.17
CA VAL A 55 2.20 -8.69 -4.41
C VAL A 55 2.89 -7.78 -5.44
N PHE A 56 2.69 -6.48 -5.30
CA PHE A 56 3.29 -5.50 -6.20
C PHE A 56 4.69 -5.11 -5.72
N VAL A 57 5.19 -5.80 -4.71
CA VAL A 57 6.51 -5.51 -4.17
C VAL A 57 7.12 -6.75 -3.53
N GLU A 58 7.17 -7.84 -4.31
CA GLU A 58 7.74 -9.10 -3.83
C GLU A 58 9.26 -9.06 -3.73
N ASP A 59 9.83 -7.86 -3.80
CA ASP A 59 11.28 -7.71 -3.73
C ASP A 59 11.68 -6.55 -2.82
N SER A 60 12.95 -6.52 -2.44
CA SER A 60 13.47 -5.46 -1.58
C SER A 60 14.40 -4.53 -2.34
N ALA A 61 14.70 -3.38 -1.74
CA ALA A 61 15.59 -2.40 -2.35
C ALA A 61 17.01 -2.53 -1.81
N THR A 62 17.39 -3.74 -1.46
CA THR A 62 18.73 -3.99 -0.93
C THR A 62 19.69 -4.38 -2.04
N SER B 1 5.16 -3.81 -20.77
CA SER B 1 6.32 -4.72 -20.59
C SER B 1 5.94 -5.94 -19.75
N LYS B 2 5.04 -5.73 -18.79
CA LYS B 2 4.60 -6.82 -17.92
C LYS B 2 3.17 -6.57 -17.43
N PRO B 3 2.36 -7.64 -17.38
CA PRO B 3 0.97 -7.57 -16.92
C PRO B 3 0.87 -7.60 -15.40
N GLN B 4 0.76 -6.42 -14.81
CA GLN B 4 0.67 -6.30 -13.35
C GLN B 4 -0.35 -7.28 -12.77
N PRO B 5 -0.16 -7.64 -11.50
CA PRO B 5 -1.06 -8.56 -10.81
C PRO B 5 -2.45 -7.98 -10.63
N ALA B 6 -3.46 -8.64 -11.17
CA ALA B 6 -4.83 -8.18 -11.02
C ALA B 6 -5.10 -7.90 -9.54
N VAL B 7 -5.06 -6.62 -9.17
CA VAL B 7 -5.25 -6.25 -7.77
C VAL B 7 -6.50 -6.92 -7.20
N PRO B 8 -6.40 -7.43 -5.96
CA PRO B 8 -7.49 -8.13 -5.28
C PRO B 8 -8.41 -7.19 -4.50
N PRO B 9 -9.64 -7.65 -4.19
CA PRO B 9 -10.60 -6.86 -3.43
C PRO B 9 -9.97 -6.28 -2.18
N ARG B 10 -9.50 -5.06 -2.32
CA ARG B 10 -8.83 -4.34 -1.24
C ARG B 10 -9.52 -4.57 0.11
N PRO B 11 -8.77 -4.29 1.19
CA PRO B 11 -9.22 -4.45 2.57
C PRO B 11 -10.59 -3.81 2.81
N SER B 12 -11.13 -4.04 4.00
CA SER B 12 -12.44 -3.49 4.35
C SER B 12 -12.30 -2.11 5.00
N ALA B 13 -11.21 -1.41 4.68
CA ALA B 13 -10.95 -0.08 5.23
C ALA B 13 -10.65 -0.13 6.73
N ASP B 14 -11.60 -0.64 7.51
CA ASP B 14 -11.42 -0.74 8.96
C ASP B 14 -10.11 -1.42 9.32
N LEU B 15 -9.89 -2.67 8.88
CA LEU B 15 -8.62 -3.32 9.21
C LEU B 15 -7.47 -2.44 8.78
N ILE B 16 -7.71 -1.63 7.75
CA ILE B 16 -6.72 -0.69 7.28
C ILE B 16 -6.56 0.35 8.37
N LEU B 17 -7.70 0.83 8.83
CA LEU B 17 -7.74 1.79 9.93
C LEU B 17 -7.10 1.18 11.16
N ASN B 18 -7.08 -0.15 11.17
CA ASN B 18 -6.49 -0.92 12.26
C ASN B 18 -5.02 -1.20 11.97
N ARG B 19 -4.63 -1.12 10.69
CA ARG B 19 -3.27 -1.40 10.29
C ARG B 19 -2.68 -0.32 9.38
N CYS B 20 -3.05 0.95 9.61
CA CYS B 20 -2.53 2.05 8.81
C CYS B 20 -2.46 3.36 9.59
N SER B 21 -1.98 4.41 8.93
CA SER B 21 -1.86 5.73 9.54
C SER B 21 -3.16 6.52 9.38
N GLU B 22 -3.24 7.65 10.07
CA GLU B 22 -4.43 8.50 10.00
C GLU B 22 -4.63 9.04 8.59
N SER B 23 -3.54 9.23 7.87
CA SER B 23 -3.60 9.75 6.51
C SER B 23 -4.45 8.85 5.62
N THR B 24 -3.96 7.63 5.36
CA THR B 24 -4.68 6.68 4.54
C THR B 24 -6.04 6.37 5.14
N LYS B 25 -6.11 6.39 6.46
CA LYS B 25 -7.35 6.12 7.18
C LYS B 25 -8.46 7.07 6.74
N ARG B 26 -8.11 8.35 6.60
CA ARG B 26 -9.08 9.36 6.19
C ARG B 26 -9.72 9.00 4.86
N LYS B 27 -8.93 8.40 3.97
CA LYS B 27 -9.43 8.01 2.66
C LYS B 27 -10.53 6.95 2.78
N LEU B 28 -10.55 6.26 3.91
CA LEU B 28 -11.56 5.22 4.15
C LEU B 28 -12.37 5.53 5.41
N ALA B 29 -12.64 6.82 5.62
CA ALA B 29 -13.41 7.25 6.79
C ALA B 29 -14.89 6.98 6.59
N SER B 30 -15.33 7.03 5.34
CA SER B 30 -16.74 6.79 5.01
C SER B 30 -16.96 5.36 4.52
N ALA B 31 -15.87 4.71 4.11
CA ALA B 31 -15.95 3.33 3.61
C ALA B 31 -16.64 2.41 4.62
N VAL B 32 -16.52 2.75 5.90
CA VAL B 32 -17.13 1.95 6.96
C VAL B 32 -18.63 2.23 7.05
N GLN A 1 1.91 -0.48 21.17
CA GLN A 1 1.82 0.59 20.15
C GLN A 1 3.15 0.82 19.46
N LEU A 2 3.23 0.49 18.17
CA LEU A 2 4.45 0.65 17.40
C LEU A 2 4.25 1.65 16.26
N LYS A 3 5.35 2.11 15.69
CA LYS A 3 5.29 3.06 14.59
C LYS A 3 6.47 2.88 13.64
N LYS A 4 6.43 1.79 12.87
CA LYS A 4 7.50 1.50 11.91
C LYS A 4 7.00 0.63 10.79
N GLY A 5 7.77 0.57 9.71
CA GLY A 5 7.41 -0.21 8.57
C GLY A 5 8.61 -0.49 7.69
N SER A 6 8.68 -1.71 7.19
CA SER A 6 9.78 -2.12 6.33
C SER A 6 9.58 -1.59 4.91
N GLN A 7 10.35 -2.13 3.96
CA GLN A 7 10.25 -1.69 2.58
C GLN A 7 10.37 -2.87 1.61
N VAL A 8 9.92 -2.66 0.38
CA VAL A 8 9.98 -3.70 -0.65
C VAL A 8 9.86 -3.10 -2.05
N GLU A 9 10.92 -3.22 -2.84
CA GLU A 9 10.92 -2.70 -4.19
C GLU A 9 9.66 -3.15 -4.94
N ALA A 10 9.20 -2.30 -5.86
CA ALA A 10 8.00 -2.62 -6.63
C ALA A 10 8.36 -3.34 -7.92
N LEU A 11 7.35 -3.75 -8.67
CA LEU A 11 7.56 -4.47 -9.91
C LEU A 11 6.54 -4.10 -10.99
N PHE A 12 5.54 -3.29 -10.62
CA PHE A 12 4.51 -2.88 -11.56
C PHE A 12 3.97 -1.50 -11.24
N SER A 13 3.20 -0.96 -12.18
CA SER A 13 2.57 0.34 -12.01
C SER A 13 1.11 0.14 -11.66
N TYR A 14 0.80 0.31 -10.38
CA TYR A 14 -0.57 0.12 -9.91
C TYR A 14 -1.45 1.31 -10.20
N GLU A 15 -2.46 1.11 -11.06
CA GLU A 15 -3.39 2.15 -11.40
C GLU A 15 -4.32 2.42 -10.22
N ALA A 16 -4.14 3.59 -9.61
CA ALA A 16 -4.93 3.96 -8.45
C ALA A 16 -6.23 4.64 -8.84
N THR A 17 -7.35 3.96 -8.61
CA THR A 17 -8.66 4.50 -8.93
C THR A 17 -9.33 5.06 -7.68
N GLN A 18 -9.02 4.47 -6.54
CA GLN A 18 -9.58 4.91 -5.27
C GLN A 18 -8.55 5.71 -4.47
N PRO A 19 -9.01 6.56 -3.55
CA PRO A 19 -8.14 7.41 -2.72
C PRO A 19 -7.12 6.61 -1.89
N GLU A 20 -7.59 5.99 -0.82
CA GLU A 20 -6.71 5.22 0.08
C GLU A 20 -5.65 4.42 -0.69
N ASP A 21 -6.03 3.90 -1.85
CA ASP A 21 -5.11 3.13 -2.67
C ASP A 21 -3.86 3.93 -3.03
N LEU A 22 -2.71 3.46 -2.57
CA LEU A 22 -1.45 4.12 -2.84
C LEU A 22 -0.97 3.75 -4.24
N GLU A 23 -0.92 4.75 -5.12
CA GLU A 23 -0.49 4.53 -6.50
C GLU A 23 1.02 4.57 -6.61
N PHE A 24 1.57 3.68 -7.43
CA PHE A 24 3.02 3.62 -7.64
C PHE A 24 3.36 2.93 -8.96
N GLN A 25 4.53 3.24 -9.49
CA GLN A 25 4.98 2.66 -10.76
C GLN A 25 5.69 1.33 -10.51
N GLU A 26 6.22 0.75 -11.58
CA GLU A 26 6.91 -0.53 -11.49
C GLU A 26 8.37 -0.32 -11.07
N GLY A 27 8.96 -1.32 -10.43
CA GLY A 27 10.34 -1.22 -10.00
C GLY A 27 10.63 0.05 -9.24
N ASP A 28 10.00 0.20 -8.08
CA ASP A 28 10.20 1.40 -7.26
C ASP A 28 10.50 1.05 -5.82
N ILE A 29 11.12 2.00 -5.12
CA ILE A 29 11.48 1.82 -3.72
C ILE A 29 10.39 2.36 -2.80
N ILE A 30 9.34 1.56 -2.61
CA ILE A 30 8.23 1.96 -1.75
C ILE A 30 8.57 1.72 -0.29
N LEU A 31 7.87 2.42 0.59
CA LEU A 31 8.08 2.29 2.03
C LEU A 31 6.89 1.63 2.70
N VAL A 32 7.06 0.37 3.09
CA VAL A 32 5.99 -0.36 3.77
C VAL A 32 5.88 0.13 5.18
N LEU A 33 4.80 0.84 5.51
CA LEU A 33 4.66 1.33 6.87
C LEU A 33 4.16 0.24 7.82
N SER A 34 3.55 -0.80 7.26
CA SER A 34 3.03 -1.91 8.06
C SER A 34 2.15 -2.84 7.23
N LYS A 35 1.86 -4.02 7.78
CA LYS A 35 0.98 -4.98 7.12
C LYS A 35 -0.46 -4.57 7.35
N VAL A 36 -1.27 -4.58 6.30
CA VAL A 36 -2.66 -4.16 6.43
C VAL A 36 -3.65 -5.32 6.30
N ASN A 37 -3.27 -6.38 5.59
CA ASN A 37 -4.17 -7.53 5.44
C ASN A 37 -3.52 -8.65 4.61
N GLU A 38 -2.21 -8.83 4.77
CA GLU A 38 -1.48 -9.86 4.04
C GLU A 38 -1.32 -9.47 2.57
N GLU A 39 -2.45 -9.25 1.90
CA GLU A 39 -2.43 -8.86 0.49
C GLU A 39 -2.49 -7.34 0.36
N TRP A 40 -2.22 -6.66 1.47
CA TRP A 40 -2.22 -5.20 1.50
C TRP A 40 -1.42 -4.71 2.70
N LEU A 41 -1.00 -3.47 2.63
CA LEU A 41 -0.22 -2.86 3.69
C LEU A 41 -0.29 -1.35 3.61
N GLU A 42 0.25 -0.68 4.62
CA GLU A 42 0.23 0.77 4.64
C GLU A 42 1.31 1.32 3.74
N GLY A 43 0.99 2.39 3.05
CA GLY A 43 1.93 2.98 2.13
C GLY A 43 2.25 4.43 2.42
N GLU A 44 3.54 4.72 2.55
CA GLU A 44 4.01 6.08 2.82
C GLU A 44 5.24 6.38 1.97
N SER A 45 5.01 6.81 0.73
CA SER A 45 6.10 7.11 -0.19
C SER A 45 6.24 8.60 -0.47
N LYS A 46 7.22 9.22 0.16
CA LYS A 46 7.49 10.64 -0.03
C LYS A 46 6.26 11.50 0.23
N GLY A 47 6.16 12.04 1.44
CA GLY A 47 5.04 12.90 1.81
C GLY A 47 3.72 12.47 1.19
N LYS A 48 3.50 11.16 1.09
CA LYS A 48 2.27 10.64 0.52
C LYS A 48 1.86 9.36 1.24
N VAL A 49 0.67 9.38 1.82
CA VAL A 49 0.16 8.22 2.55
C VAL A 49 -0.91 7.49 1.74
N GLY A 50 -0.96 6.18 1.92
CA GLY A 50 -1.92 5.35 1.22
C GLY A 50 -1.69 3.90 1.55
N ILE A 51 -2.06 3.00 0.64
CA ILE A 51 -1.87 1.58 0.86
C ILE A 51 -1.70 0.83 -0.45
N PHE A 52 -0.98 -0.28 -0.40
CA PHE A 52 -0.74 -1.07 -1.60
C PHE A 52 -0.58 -2.55 -1.28
N PRO A 53 -0.98 -3.43 -2.22
CA PRO A 53 -0.86 -4.88 -2.04
C PRO A 53 0.56 -5.38 -2.23
N LYS A 54 1.03 -6.16 -1.27
CA LYS A 54 2.38 -6.71 -1.30
C LYS A 54 2.68 -7.45 -2.61
N VAL A 55 1.64 -7.84 -3.34
CA VAL A 55 1.83 -8.55 -4.60
C VAL A 55 2.55 -7.68 -5.63
N PHE A 56 2.60 -6.37 -5.39
CA PHE A 56 3.26 -5.46 -6.33
C PHE A 56 4.65 -5.07 -5.83
N VAL A 57 5.25 -5.90 -5.00
CA VAL A 57 6.58 -5.63 -4.49
C VAL A 57 7.33 -6.93 -4.18
N GLU A 58 6.72 -7.79 -3.36
CA GLU A 58 7.32 -9.09 -2.99
C GLU A 58 8.83 -8.97 -2.74
N ASP A 59 9.30 -7.77 -2.48
CA ASP A 59 10.73 -7.54 -2.25
C ASP A 59 11.06 -7.57 -0.77
N SER A 60 12.18 -6.95 -0.40
CA SER A 60 12.62 -6.90 0.99
C SER A 60 13.53 -5.69 1.23
N ALA A 61 13.22 -4.93 2.28
CA ALA A 61 14.00 -3.74 2.62
C ALA A 61 15.50 -4.02 2.55
N THR A 62 16.25 -3.09 1.96
CA THR A 62 17.70 -3.23 1.83
C THR A 62 18.39 -2.84 3.13
N SER B 1 7.27 -5.48 -21.33
CA SER B 1 5.84 -5.77 -21.07
C SER B 1 5.67 -6.78 -19.95
N LYS B 2 4.95 -6.39 -18.89
CA LYS B 2 4.72 -7.27 -17.75
C LYS B 2 3.36 -7.00 -17.13
N PRO B 3 2.31 -7.65 -17.65
CA PRO B 3 0.94 -7.51 -17.15
C PRO B 3 0.89 -7.57 -15.62
N GLN B 4 0.75 -6.40 -15.00
CA GLN B 4 0.68 -6.31 -13.54
C GLN B 4 -0.36 -7.27 -12.97
N PRO B 5 -0.18 -7.65 -11.70
CA PRO B 5 -1.10 -8.56 -11.03
C PRO B 5 -2.47 -7.94 -10.83
N ALA B 6 -3.51 -8.58 -11.35
CA ALA B 6 -4.87 -8.08 -11.19
C ALA B 6 -5.12 -7.79 -9.71
N VAL B 7 -5.05 -6.51 -9.35
CA VAL B 7 -5.24 -6.12 -7.96
C VAL B 7 -6.50 -6.75 -7.37
N PRO B 8 -6.41 -7.25 -6.12
CA PRO B 8 -7.53 -7.91 -5.44
C PRO B 8 -8.47 -6.93 -4.75
N PRO B 9 -9.61 -7.44 -4.21
CA PRO B 9 -10.58 -6.61 -3.50
C PRO B 9 -9.99 -6.05 -2.23
N ARG B 10 -9.47 -4.84 -2.33
CA ARG B 10 -8.83 -4.15 -1.21
C ARG B 10 -9.55 -4.38 0.11
N PRO B 11 -8.80 -4.15 1.20
CA PRO B 11 -9.29 -4.32 2.58
C PRO B 11 -10.63 -3.65 2.82
N SER B 12 -11.22 -3.92 3.98
CA SER B 12 -12.52 -3.35 4.33
C SER B 12 -12.36 -2.01 5.04
N ALA B 13 -11.25 -1.32 4.79
CA ALA B 13 -10.98 -0.03 5.40
C ALA B 13 -10.72 -0.16 6.90
N ASP B 14 -11.70 -0.66 7.63
CA ASP B 14 -11.56 -0.82 9.08
C ASP B 14 -10.24 -1.48 9.45
N LEU B 15 -9.98 -2.70 8.97
CA LEU B 15 -8.71 -3.35 9.29
C LEU B 15 -7.56 -2.43 8.88
N ILE B 16 -7.81 -1.60 7.87
CA ILE B 16 -6.83 -0.63 7.42
C ILE B 16 -6.69 0.39 8.55
N LEU B 17 -7.83 0.81 9.04
CA LEU B 17 -7.92 1.74 10.15
C LEU B 17 -7.32 1.10 11.38
N ASN B 18 -7.27 -0.22 11.35
CA ASN B 18 -6.71 -1.01 12.43
C ASN B 18 -5.22 -1.28 12.21
N ARG B 19 -4.77 -1.17 10.95
CA ARG B 19 -3.38 -1.44 10.61
C ARG B 19 -2.77 -0.38 9.69
N CYS B 20 -3.05 0.90 9.92
CA CYS B 20 -2.47 1.97 9.09
C CYS B 20 -2.16 3.22 9.91
N SER B 21 -1.52 4.19 9.27
CA SER B 21 -1.14 5.44 9.93
C SER B 21 -2.38 6.26 10.31
N GLU B 22 -2.83 7.12 9.40
CA GLU B 22 -3.99 7.97 9.66
C GLU B 22 -4.48 8.63 8.37
N SER B 23 -3.54 9.12 7.58
CA SER B 23 -3.86 9.77 6.32
C SER B 23 -4.66 8.81 5.43
N THR B 24 -4.14 7.60 5.28
CA THR B 24 -4.81 6.58 4.47
C THR B 24 -6.22 6.32 5.00
N LYS B 25 -6.35 6.37 6.32
CA LYS B 25 -7.62 6.15 6.98
C LYS B 25 -8.62 7.24 6.61
N ARG B 26 -8.12 8.47 6.42
CA ARG B 26 -8.97 9.59 6.06
C ARG B 26 -9.77 9.29 4.79
N LYS B 27 -9.21 8.45 3.94
CA LYS B 27 -9.84 8.06 2.69
C LYS B 27 -10.89 6.96 2.93
N LEU B 28 -10.92 6.43 4.14
CA LEU B 28 -11.85 5.37 4.51
C LEU B 28 -12.42 5.61 5.90
N ALA B 29 -12.61 6.87 6.24
CA ALA B 29 -13.15 7.24 7.55
C ALA B 29 -14.63 6.90 7.65
N SER B 30 -15.31 6.90 6.50
CA SER B 30 -16.73 6.59 6.45
C SER B 30 -16.98 5.17 5.94
N ALA B 31 -16.06 4.68 5.12
CA ALA B 31 -16.17 3.34 4.56
C ALA B 31 -16.27 2.29 5.66
N VAL B 32 -17.31 1.47 5.59
CA VAL B 32 -17.53 0.42 6.58
C VAL B 32 -17.52 -0.97 5.93
N GLN A 1 2.74 4.46 19.29
CA GLN A 1 2.91 3.26 18.45
C GLN A 1 3.87 3.52 17.29
N LEU A 2 5.16 3.34 17.55
CA LEU A 2 6.18 3.57 16.54
C LEU A 2 5.97 2.65 15.35
N LYS A 3 6.05 3.20 14.15
CA LYS A 3 5.87 2.43 12.92
C LYS A 3 6.75 2.97 11.80
N LYS A 4 8.04 2.67 11.87
CA LYS A 4 8.98 3.14 10.86
C LYS A 4 8.69 2.50 9.52
N GLY A 5 8.06 1.34 9.55
CA GLY A 5 7.74 0.64 8.33
C GLY A 5 8.96 0.22 7.55
N SER A 6 8.94 -1.01 7.05
CA SER A 6 10.04 -1.53 6.25
C SER A 6 9.87 -1.12 4.79
N GLN A 7 10.45 -1.88 3.87
CA GLN A 7 10.32 -1.55 2.45
C GLN A 7 10.17 -2.79 1.59
N VAL A 8 9.73 -2.58 0.35
CA VAL A 8 9.53 -3.66 -0.60
C VAL A 8 9.51 -3.12 -2.02
N GLU A 9 10.60 -3.33 -2.76
CA GLU A 9 10.71 -2.87 -4.13
C GLU A 9 9.44 -3.16 -4.93
N ALA A 10 9.08 -2.24 -5.81
CA ALA A 10 7.89 -2.41 -6.65
C ALA A 10 8.26 -3.10 -7.95
N LEU A 11 7.29 -3.79 -8.53
CA LEU A 11 7.52 -4.51 -9.78
C LEU A 11 6.47 -4.19 -10.83
N PHE A 12 5.45 -3.42 -10.46
CA PHE A 12 4.39 -3.07 -11.38
C PHE A 12 3.90 -1.64 -11.17
N SER A 13 3.07 -1.18 -12.10
CA SER A 13 2.49 0.15 -12.02
C SER A 13 1.01 0.00 -11.71
N TYR A 14 0.67 0.16 -10.44
CA TYR A 14 -0.71 0.00 -9.99
C TYR A 14 -1.54 1.24 -10.28
N GLU A 15 -2.59 1.05 -11.08
CA GLU A 15 -3.50 2.13 -11.42
C GLU A 15 -4.38 2.45 -10.22
N ALA A 16 -4.13 3.59 -9.60
CA ALA A 16 -4.88 4.00 -8.42
C ALA A 16 -6.12 4.82 -8.80
N THR A 17 -7.29 4.23 -8.59
CA THR A 17 -8.55 4.90 -8.90
C THR A 17 -9.18 5.48 -7.64
N GLN A 18 -8.93 4.85 -6.51
CA GLN A 18 -9.46 5.32 -5.24
C GLN A 18 -8.42 6.11 -4.46
N PRO A 19 -8.83 6.82 -3.40
CA PRO A 19 -7.94 7.64 -2.58
C PRO A 19 -6.92 6.83 -1.78
N GLU A 20 -7.39 6.10 -0.77
CA GLU A 20 -6.51 5.31 0.09
C GLU A 20 -5.51 4.49 -0.71
N ASP A 21 -5.92 4.02 -1.88
CA ASP A 21 -5.06 3.21 -2.74
C ASP A 21 -3.79 3.97 -3.10
N LEU A 22 -2.66 3.47 -2.62
CA LEU A 22 -1.37 4.10 -2.91
C LEU A 22 -0.90 3.69 -4.30
N GLU A 23 -0.81 4.66 -5.20
CA GLU A 23 -0.39 4.41 -6.57
C GLU A 23 1.13 4.40 -6.67
N PHE A 24 1.66 3.44 -7.44
CA PHE A 24 3.12 3.35 -7.62
C PHE A 24 3.46 2.70 -8.95
N GLN A 25 4.70 2.88 -9.38
CA GLN A 25 5.17 2.31 -10.64
C GLN A 25 6.01 1.05 -10.39
N GLU A 26 6.34 0.35 -11.48
CA GLU A 26 7.14 -0.86 -11.39
C GLU A 26 8.59 -0.53 -11.04
N GLY A 27 9.30 -1.51 -10.49
CA GLY A 27 10.68 -1.30 -10.12
C GLY A 27 10.88 -0.06 -9.28
N ASP A 28 10.06 0.09 -8.24
CA ASP A 28 10.16 1.25 -7.36
C ASP A 28 10.58 0.86 -5.95
N ILE A 29 10.68 1.87 -5.09
CA ILE A 29 11.08 1.67 -3.72
C ILE A 29 10.07 2.29 -2.75
N ILE A 30 8.90 1.67 -2.63
CA ILE A 30 7.87 2.18 -1.73
C ILE A 30 8.17 1.77 -0.30
N LEU A 31 7.89 2.68 0.62
CA LEU A 31 8.14 2.43 2.04
C LEU A 31 6.93 1.73 2.67
N VAL A 32 7.15 0.51 3.14
CA VAL A 32 6.10 -0.27 3.78
C VAL A 32 5.92 0.20 5.20
N LEU A 33 4.82 0.86 5.49
CA LEU A 33 4.60 1.36 6.84
C LEU A 33 4.10 0.26 7.78
N SER A 34 3.56 -0.81 7.21
CA SER A 34 3.05 -1.93 8.02
C SER A 34 2.20 -2.88 7.20
N LYS A 35 1.96 -4.07 7.74
CA LYS A 35 1.12 -5.05 7.08
C LYS A 35 -0.34 -4.69 7.34
N VAL A 36 -1.15 -4.65 6.30
CA VAL A 36 -2.55 -4.25 6.46
C VAL A 36 -3.51 -5.45 6.37
N ASN A 37 -3.12 -6.52 5.68
CA ASN A 37 -3.98 -7.70 5.59
C ASN A 37 -3.34 -8.79 4.72
N GLU A 38 -2.00 -8.86 4.73
CA GLU A 38 -1.28 -9.85 3.95
C GLU A 38 -1.24 -9.46 2.46
N GLU A 39 -2.41 -9.27 1.87
CA GLU A 39 -2.52 -8.89 0.47
C GLU A 39 -2.46 -7.37 0.31
N TRP A 40 -2.20 -6.67 1.41
CA TRP A 40 -2.11 -5.22 1.40
C TRP A 40 -1.33 -4.75 2.61
N LEU A 41 -0.89 -3.51 2.56
CA LEU A 41 -0.11 -2.92 3.63
C LEU A 41 -0.14 -1.40 3.58
N GLU A 42 0.42 -0.77 4.59
CA GLU A 42 0.44 0.69 4.66
C GLU A 42 1.53 1.26 3.76
N GLY A 43 1.14 2.22 2.93
CA GLY A 43 2.06 2.81 2.01
C GLY A 43 2.32 4.29 2.25
N GLU A 44 3.59 4.64 2.42
CA GLU A 44 3.98 6.03 2.63
C GLU A 44 5.20 6.36 1.77
N SER A 45 4.96 6.91 0.59
CA SER A 45 6.05 7.25 -0.33
C SER A 45 6.26 8.75 -0.47
N LYS A 46 7.20 9.27 0.32
CA LYS A 46 7.54 10.70 0.29
C LYS A 46 6.31 11.60 0.34
N GLY A 47 6.08 12.20 1.51
CA GLY A 47 4.95 13.11 1.68
C GLY A 47 3.66 12.59 1.06
N LYS A 48 3.51 11.28 0.98
CA LYS A 48 2.31 10.69 0.42
C LYS A 48 1.93 9.43 1.17
N VAL A 49 0.73 9.43 1.73
CA VAL A 49 0.25 8.28 2.50
C VAL A 49 -0.84 7.54 1.76
N GLY A 50 -0.83 6.22 1.92
CA GLY A 50 -1.81 5.37 1.27
C GLY A 50 -1.54 3.91 1.59
N ILE A 51 -1.98 3.01 0.70
CA ILE A 51 -1.75 1.59 0.91
C ILE A 51 -1.64 0.85 -0.41
N PHE A 52 -0.94 -0.29 -0.39
CA PHE A 52 -0.76 -1.06 -1.61
C PHE A 52 -0.67 -2.56 -1.31
N PRO A 53 -0.90 -3.40 -2.33
CA PRO A 53 -0.86 -4.85 -2.19
C PRO A 53 0.55 -5.41 -2.36
N LYS A 54 1.03 -6.11 -1.34
CA LYS A 54 2.36 -6.69 -1.36
C LYS A 54 2.63 -7.49 -2.64
N VAL A 55 1.58 -7.99 -3.28
CA VAL A 55 1.74 -8.76 -4.50
C VAL A 55 2.47 -7.93 -5.57
N PHE A 56 2.42 -6.61 -5.43
CA PHE A 56 3.07 -5.72 -6.37
C PHE A 56 4.47 -5.34 -5.88
N VAL A 57 4.95 -6.04 -4.87
CA VAL A 57 6.27 -5.76 -4.31
C VAL A 57 6.84 -6.99 -3.60
N GLU A 58 7.42 -7.89 -4.38
CA GLU A 58 8.02 -9.11 -3.83
C GLU A 58 9.19 -8.79 -2.90
N ASP A 59 9.35 -7.52 -2.56
CA ASP A 59 10.41 -7.07 -1.67
C ASP A 59 11.79 -7.20 -2.31
N SER A 60 12.76 -6.48 -1.74
CA SER A 60 14.13 -6.49 -2.24
C SER A 60 15.07 -5.84 -1.24
N ALA A 61 14.63 -4.74 -0.62
CA ALA A 61 15.44 -4.02 0.35
C ALA A 61 16.74 -3.52 -0.28
N THR A 62 17.34 -2.50 0.34
CA THR A 62 18.57 -1.92 -0.16
C THR A 62 19.78 -2.76 0.27
N SER B 1 6.98 -3.36 -19.23
CA SER B 1 6.49 -4.34 -20.22
C SER B 1 5.70 -5.47 -19.55
N LYS B 2 6.07 -5.77 -18.30
CA LYS B 2 5.39 -6.81 -17.55
C LYS B 2 3.94 -6.45 -17.27
N PRO B 3 3.03 -7.42 -17.45
CA PRO B 3 1.59 -7.22 -17.21
C PRO B 3 1.25 -7.37 -15.75
N GLN B 4 1.13 -6.24 -15.05
CA GLN B 4 0.81 -6.25 -13.62
C GLN B 4 -0.35 -7.20 -13.31
N PRO B 5 -0.42 -7.65 -12.06
CA PRO B 5 -1.47 -8.55 -11.60
C PRO B 5 -2.78 -7.83 -11.37
N ALA B 6 -3.89 -8.57 -11.50
CA ALA B 6 -5.21 -8.00 -11.26
C ALA B 6 -5.32 -7.68 -9.78
N VAL B 7 -5.23 -6.41 -9.43
CA VAL B 7 -5.30 -6.01 -8.02
C VAL B 7 -6.49 -6.65 -7.32
N PRO B 8 -6.24 -7.21 -6.11
CA PRO B 8 -7.27 -7.90 -5.31
C PRO B 8 -8.24 -6.94 -4.62
N PRO B 9 -9.29 -7.48 -3.99
CA PRO B 9 -10.30 -6.69 -3.27
C PRO B 9 -9.73 -6.03 -2.02
N ARG B 10 -9.17 -4.86 -2.23
CA ARG B 10 -8.54 -4.07 -1.17
C ARG B 10 -9.34 -4.12 0.13
N PRO B 11 -8.63 -4.39 1.27
CA PRO B 11 -9.19 -4.47 2.61
C PRO B 11 -10.50 -3.71 2.80
N SER B 12 -11.26 -4.11 3.82
CA SER B 12 -12.54 -3.48 4.13
C SER B 12 -12.36 -2.16 4.87
N ALA B 13 -11.25 -1.47 4.61
CA ALA B 13 -10.96 -0.19 5.22
C ALA B 13 -10.70 -0.31 6.72
N ASP B 14 -11.68 -0.79 7.47
CA ASP B 14 -11.54 -0.93 8.92
C ASP B 14 -10.21 -1.58 9.31
N LEU B 15 -9.94 -2.81 8.86
CA LEU B 15 -8.67 -3.44 9.22
C LEU B 15 -7.53 -2.52 8.83
N ILE B 16 -7.76 -1.69 7.80
CA ILE B 16 -6.77 -0.72 7.39
C ILE B 16 -6.67 0.30 8.50
N LEU B 17 -7.85 0.76 8.92
CA LEU B 17 -7.96 1.71 10.01
C LEU B 17 -7.36 1.10 11.27
N ASN B 18 -7.28 -0.23 11.26
CA ASN B 18 -6.72 -0.98 12.36
C ASN B 18 -5.23 -1.19 12.17
N ARG B 19 -4.78 -1.14 10.91
CA ARG B 19 -3.37 -1.35 10.59
C ARG B 19 -2.82 -0.30 9.62
N CYS B 20 -3.02 0.98 9.92
CA CYS B 20 -2.51 2.05 9.07
C CYS B 20 -2.49 3.39 9.80
N SER B 21 -2.05 4.43 9.09
CA SER B 21 -1.98 5.77 9.66
C SER B 21 -3.30 6.51 9.48
N GLU B 22 -3.46 7.61 10.20
CA GLU B 22 -4.69 8.40 10.12
C GLU B 22 -4.89 8.95 8.72
N SER B 23 -3.79 9.25 8.04
CA SER B 23 -3.86 9.78 6.68
C SER B 23 -4.63 8.84 5.76
N THR B 24 -4.08 7.64 5.54
CA THR B 24 -4.72 6.65 4.70
C THR B 24 -6.11 6.30 5.25
N LYS B 25 -6.24 6.39 6.57
CA LYS B 25 -7.50 6.09 7.24
C LYS B 25 -8.59 7.06 6.83
N ARG B 26 -8.27 8.36 6.86
CA ARG B 26 -9.23 9.40 6.49
C ARG B 26 -9.90 9.09 5.16
N LYS B 27 -9.15 8.46 4.26
CA LYS B 27 -9.67 8.11 2.95
C LYS B 27 -10.76 7.05 3.06
N LEU B 28 -10.70 6.25 4.13
CA LEU B 28 -11.68 5.20 4.36
C LEU B 28 -12.43 5.44 5.67
N ALA B 29 -13.31 4.50 6.03
CA ALA B 29 -14.08 4.62 7.27
C ALA B 29 -14.91 3.37 7.50
N SER B 30 -15.49 2.83 6.43
CA SER B 30 -16.31 1.63 6.53
C SER B 30 -16.62 1.07 5.14
N ALA B 31 -15.65 1.17 4.24
CA ALA B 31 -15.81 0.68 2.88
C ALA B 31 -15.37 -0.77 2.77
N VAL B 32 -16.28 -1.63 2.33
CA VAL B 32 -15.97 -3.05 2.18
C VAL B 32 -15.25 -3.32 0.86
N GLN A 1 4.35 3.71 21.21
CA GLN A 1 3.42 4.74 20.71
C GLN A 1 3.17 4.59 19.21
N LEU A 2 4.23 4.79 18.43
CA LEU A 2 4.13 4.67 16.98
C LEU A 2 4.75 3.37 16.48
N LYS A 3 4.47 3.01 15.24
CA LYS A 3 5.00 1.79 14.65
C LYS A 3 5.63 2.08 13.30
N LYS A 4 6.76 1.42 13.03
CA LYS A 4 7.47 1.61 11.76
C LYS A 4 6.94 0.65 10.70
N GLY A 5 7.64 0.59 9.58
CA GLY A 5 7.25 -0.30 8.51
C GLY A 5 8.43 -0.66 7.64
N SER A 6 8.43 -1.90 7.17
CA SER A 6 9.50 -2.40 6.33
C SER A 6 9.44 -1.77 4.94
N GLN A 7 10.19 -2.34 3.99
CA GLN A 7 10.21 -1.81 2.63
C GLN A 7 10.47 -2.92 1.61
N VAL A 8 10.01 -2.69 0.38
CA VAL A 8 10.20 -3.64 -0.71
C VAL A 8 10.04 -2.97 -2.06
N GLU A 9 11.01 -3.16 -2.95
CA GLU A 9 10.95 -2.59 -4.27
C GLU A 9 9.68 -3.01 -4.98
N ALA A 10 9.20 -2.19 -5.89
CA ALA A 10 7.99 -2.50 -6.63
C ALA A 10 8.31 -3.27 -7.90
N LEU A 11 7.28 -3.77 -8.56
CA LEU A 11 7.47 -4.54 -9.80
C LEU A 11 6.45 -4.17 -10.87
N PHE A 12 5.49 -3.32 -10.52
CA PHE A 12 4.46 -2.92 -11.47
C PHE A 12 3.97 -1.51 -11.20
N SER A 13 3.16 -0.99 -12.12
CA SER A 13 2.58 0.33 -11.99
C SER A 13 1.08 0.20 -11.69
N TYR A 14 0.73 0.37 -10.43
CA TYR A 14 -0.66 0.26 -9.99
C TYR A 14 -1.41 1.54 -10.33
N GLU A 15 -2.46 1.40 -11.14
CA GLU A 15 -3.28 2.55 -11.55
C GLU A 15 -4.21 3.04 -10.46
N ALA A 16 -3.93 2.65 -9.23
CA ALA A 16 -4.75 3.06 -8.08
C ALA A 16 -5.19 4.51 -8.19
N THR A 17 -6.47 4.71 -8.47
CA THR A 17 -7.03 6.05 -8.60
C THR A 17 -7.74 6.46 -7.33
N GLN A 18 -8.48 5.51 -6.74
CA GLN A 18 -9.20 5.77 -5.49
C GLN A 18 -8.29 6.44 -4.47
N PRO A 19 -8.89 7.04 -3.42
CA PRO A 19 -8.14 7.76 -2.37
C PRO A 19 -7.10 6.90 -1.64
N GLU A 20 -7.57 6.07 -0.69
CA GLU A 20 -6.66 5.24 0.10
C GLU A 20 -5.67 4.46 -0.76
N ASP A 21 -6.13 3.87 -1.86
CA ASP A 21 -5.26 3.09 -2.73
C ASP A 21 -4.04 3.92 -3.15
N LEU A 22 -2.87 3.48 -2.70
CA LEU A 22 -1.62 4.16 -3.02
C LEU A 22 -1.15 3.79 -4.42
N GLU A 23 -1.06 4.78 -5.29
CA GLU A 23 -0.63 4.56 -6.66
C GLU A 23 0.89 4.65 -6.77
N PHE A 24 1.49 3.74 -7.53
CA PHE A 24 2.94 3.73 -7.71
C PHE A 24 3.33 3.05 -9.01
N GLN A 25 4.54 3.31 -9.47
CA GLN A 25 5.05 2.73 -10.71
C GLN A 25 5.73 1.39 -10.43
N GLU A 26 6.26 0.79 -11.49
CA GLU A 26 6.95 -0.49 -11.36
C GLU A 26 8.43 -0.30 -11.02
N GLY A 27 9.03 -1.31 -10.40
CA GLY A 27 10.43 -1.23 -10.03
C GLY A 27 10.77 0.05 -9.29
N ASP A 28 10.13 0.26 -8.14
CA ASP A 28 10.38 1.46 -7.35
C ASP A 28 10.63 1.13 -5.88
N ILE A 29 11.30 2.05 -5.20
CA ILE A 29 11.61 1.87 -3.79
C ILE A 29 10.48 2.39 -2.91
N ILE A 30 9.58 1.47 -2.54
CA ILE A 30 8.44 1.83 -1.70
C ILE A 30 8.76 1.64 -0.22
N LEU A 31 8.00 2.31 0.62
CA LEU A 31 8.20 2.22 2.07
C LEU A 31 6.97 1.60 2.72
N VAL A 32 7.05 0.30 2.99
CA VAL A 32 5.95 -0.40 3.64
C VAL A 32 5.81 0.11 5.05
N LEU A 33 4.71 0.78 5.36
CA LEU A 33 4.53 1.30 6.70
C LEU A 33 4.05 0.21 7.66
N SER A 34 3.46 -0.85 7.12
CA SER A 34 2.96 -1.96 7.94
C SER A 34 2.08 -2.90 7.12
N LYS A 35 1.85 -4.09 7.67
CA LYS A 35 0.98 -5.07 7.01
C LYS A 35 -0.46 -4.70 7.28
N VAL A 36 -1.29 -4.69 6.24
CA VAL A 36 -2.68 -4.30 6.40
C VAL A 36 -3.66 -5.47 6.26
N ASN A 37 -3.30 -6.49 5.48
CA ASN A 37 -4.18 -7.65 5.32
C ASN A 37 -3.54 -8.73 4.44
N GLU A 38 -2.22 -8.88 4.55
CA GLU A 38 -1.50 -9.87 3.76
C GLU A 38 -1.41 -9.45 2.29
N GLU A 39 -2.58 -9.25 1.68
CA GLU A 39 -2.65 -8.83 0.28
C GLU A 39 -2.65 -7.31 0.18
N TRP A 40 -2.37 -6.64 1.30
CA TRP A 40 -2.34 -5.19 1.34
C TRP A 40 -1.53 -4.73 2.55
N LEU A 41 -1.11 -3.48 2.51
CA LEU A 41 -0.32 -2.91 3.58
C LEU A 41 -0.36 -1.40 3.55
N GLU A 42 0.24 -0.78 4.57
CA GLU A 42 0.27 0.67 4.64
C GLU A 42 1.33 1.21 3.71
N GLY A 43 0.93 2.12 2.83
CA GLY A 43 1.85 2.67 1.87
C GLY A 43 2.14 4.14 2.06
N GLU A 44 3.41 4.48 2.19
CA GLU A 44 3.84 5.87 2.35
C GLU A 44 5.04 6.13 1.46
N SER A 45 4.79 6.66 0.26
CA SER A 45 5.86 6.92 -0.69
C SER A 45 5.85 8.38 -1.18
N LYS A 46 6.88 9.12 -0.81
CA LYS A 46 7.03 10.51 -1.20
C LYS A 46 5.90 11.38 -0.65
N GLY A 47 6.09 11.86 0.58
CA GLY A 47 5.11 12.73 1.22
C GLY A 47 3.67 12.40 0.84
N LYS A 48 3.35 11.12 0.82
CA LYS A 48 2.00 10.68 0.48
C LYS A 48 1.68 9.38 1.16
N VAL A 49 0.59 9.37 1.92
CA VAL A 49 0.20 8.17 2.65
C VAL A 49 -0.98 7.48 1.99
N GLY A 50 -0.97 6.17 2.03
CA GLY A 50 -2.01 5.36 1.45
C GLY A 50 -1.76 3.89 1.71
N ILE A 51 -2.18 3.03 0.78
CA ILE A 51 -1.96 1.59 0.95
C ILE A 51 -1.84 0.89 -0.40
N PHE A 52 -1.17 -0.26 -0.39
CA PHE A 52 -0.99 -1.00 -1.63
C PHE A 52 -0.78 -2.50 -1.38
N PRO A 53 -1.10 -3.33 -2.39
CA PRO A 53 -0.95 -4.78 -2.30
C PRO A 53 0.51 -5.21 -2.37
N LYS A 54 0.97 -5.94 -1.35
CA LYS A 54 2.34 -6.42 -1.30
C LYS A 54 2.75 -7.14 -2.57
N VAL A 55 1.79 -7.79 -3.23
CA VAL A 55 2.05 -8.51 -4.46
C VAL A 55 2.81 -7.64 -5.47
N PHE A 56 2.64 -6.33 -5.35
CA PHE A 56 3.31 -5.39 -6.25
C PHE A 56 4.68 -4.99 -5.72
N VAL A 57 5.17 -5.72 -4.71
CA VAL A 57 6.46 -5.42 -4.11
C VAL A 57 7.06 -6.66 -3.46
N GLU A 58 7.03 -7.78 -4.18
CA GLU A 58 7.57 -9.04 -3.67
C GLU A 58 9.09 -9.04 -3.63
N ASP A 59 9.69 -7.87 -3.77
CA ASP A 59 11.15 -7.76 -3.75
C ASP A 59 11.61 -6.70 -2.74
N SER A 60 12.75 -6.96 -2.11
CA SER A 60 13.32 -6.04 -1.13
C SER A 60 14.37 -5.14 -1.76
N ALA A 61 14.59 -3.99 -1.15
CA ALA A 61 15.57 -3.03 -1.65
C ALA A 61 16.88 -3.14 -0.88
N THR A 62 17.19 -4.35 -0.41
CA THR A 62 18.42 -4.58 0.33
C THR A 62 19.38 -5.47 -0.44
N SER B 1 5.31 -3.12 -19.99
CA SER B 1 5.87 -4.34 -20.62
C SER B 1 5.37 -5.59 -19.93
N LYS B 2 5.08 -5.48 -18.64
CA LYS B 2 4.59 -6.61 -17.86
C LYS B 2 3.16 -6.37 -17.38
N PRO B 3 2.32 -7.42 -17.39
CA PRO B 3 0.93 -7.35 -16.97
C PRO B 3 0.82 -7.43 -15.45
N GLN B 4 0.72 -6.28 -14.80
CA GLN B 4 0.61 -6.22 -13.35
C GLN B 4 -0.41 -7.22 -12.81
N PRO B 5 -0.25 -7.62 -11.56
CA PRO B 5 -1.14 -8.56 -10.91
C PRO B 5 -2.53 -7.98 -10.69
N ALA B 6 -3.56 -8.69 -11.11
CA ALA B 6 -4.93 -8.22 -10.92
C ALA B 6 -5.10 -7.87 -9.45
N VAL B 7 -5.25 -6.58 -9.14
CA VAL B 7 -5.37 -6.15 -7.76
C VAL B 7 -6.41 -6.98 -7.01
N PRO B 8 -6.08 -7.40 -5.78
CA PRO B 8 -6.96 -8.25 -4.96
C PRO B 8 -8.04 -7.47 -4.22
N PRO B 9 -9.03 -8.20 -3.67
CA PRO B 9 -10.14 -7.59 -2.92
C PRO B 9 -9.66 -6.71 -1.79
N ARG B 10 -9.46 -5.45 -2.14
CA ARG B 10 -8.99 -4.43 -1.20
C ARG B 10 -9.66 -4.58 0.16
N PRO B 11 -8.91 -4.28 1.24
CA PRO B 11 -9.39 -4.40 2.62
C PRO B 11 -10.75 -3.73 2.84
N SER B 12 -11.33 -3.98 4.00
CA SER B 12 -12.63 -3.41 4.35
C SER B 12 -12.46 -2.06 5.04
N ALA B 13 -11.34 -1.38 4.76
CA ALA B 13 -11.05 -0.08 5.35
C ALA B 13 -10.76 -0.20 6.85
N ASP B 14 -11.72 -0.69 7.60
CA ASP B 14 -11.55 -0.83 9.05
C ASP B 14 -10.24 -1.52 9.41
N LEU B 15 -10.02 -2.75 8.95
CA LEU B 15 -8.76 -3.42 9.28
C LEU B 15 -7.60 -2.53 8.88
N ILE B 16 -7.83 -1.68 7.87
CA ILE B 16 -6.84 -0.73 7.43
C ILE B 16 -6.68 0.29 8.54
N LEU B 17 -7.84 0.77 9.00
CA LEU B 17 -7.91 1.71 10.11
C LEU B 17 -7.28 1.08 11.35
N ASN B 18 -7.23 -0.25 11.33
CA ASN B 18 -6.66 -1.02 12.42
C ASN B 18 -5.17 -1.26 12.18
N ARG B 19 -4.74 -1.15 10.92
CA ARG B 19 -3.35 -1.39 10.56
C ARG B 19 -2.79 -0.32 9.62
N CYS B 20 -3.05 0.96 9.90
CA CYS B 20 -2.53 2.04 9.06
C CYS B 20 -2.51 3.38 9.80
N SER B 21 -1.99 4.40 9.13
CA SER B 21 -1.90 5.73 9.72
C SER B 21 -3.21 6.49 9.56
N GLU B 22 -3.34 7.60 10.27
CA GLU B 22 -4.54 8.42 10.21
C GLU B 22 -4.75 8.97 8.81
N SER B 23 -3.64 9.21 8.10
CA SER B 23 -3.70 9.73 6.74
C SER B 23 -4.53 8.82 5.84
N THR B 24 -4.04 7.60 5.64
CA THR B 24 -4.74 6.62 4.81
C THR B 24 -6.13 6.35 5.37
N LYS B 25 -6.21 6.33 6.70
CA LYS B 25 -7.48 6.08 7.38
C LYS B 25 -8.56 7.06 6.92
N ARG B 26 -8.19 8.34 6.86
CA ARG B 26 -9.13 9.38 6.44
C ARG B 26 -9.68 9.08 5.05
N LYS B 27 -8.89 8.35 4.25
CA LYS B 27 -9.30 7.98 2.90
C LYS B 27 -10.48 7.03 2.93
N LEU B 28 -10.54 6.20 3.96
CA LEU B 28 -11.62 5.23 4.13
C LEU B 28 -12.57 5.63 5.25
N ALA B 29 -12.21 5.29 6.48
CA ALA B 29 -13.04 5.62 7.64
C ALA B 29 -14.45 5.06 7.48
N SER B 30 -14.73 3.97 8.18
CA SER B 30 -16.05 3.34 8.12
C SER B 30 -16.37 2.89 6.70
N ALA B 31 -15.33 2.55 5.94
CA ALA B 31 -15.51 2.11 4.56
C ALA B 31 -16.20 3.19 3.73
N VAL B 32 -16.41 2.89 2.44
CA VAL B 32 -17.06 3.82 1.52
C VAL B 32 -16.61 5.26 1.74
N GLN A 1 9.50 0.95 19.46
CA GLN A 1 8.79 2.16 19.97
C GLN A 1 7.83 2.72 18.92
N LEU A 2 8.39 3.10 17.77
CA LEU A 2 7.59 3.65 16.69
C LEU A 2 7.05 2.55 15.79
N LYS A 3 5.90 2.80 15.17
CA LYS A 3 5.29 1.83 14.28
C LYS A 3 6.21 1.48 13.12
N LYS A 4 6.94 2.48 12.64
CA LYS A 4 7.88 2.31 11.53
C LYS A 4 7.27 1.44 10.41
N GLY A 5 8.14 0.95 9.53
CA GLY A 5 7.69 0.13 8.45
C GLY A 5 8.84 -0.42 7.63
N SER A 6 8.71 -1.65 7.17
CA SER A 6 9.74 -2.29 6.37
C SER A 6 9.63 -1.87 4.91
N GLN A 7 10.39 -2.54 4.03
CA GLN A 7 10.35 -2.22 2.61
C GLN A 7 10.11 -3.48 1.79
N VAL A 8 9.86 -3.28 0.50
CA VAL A 8 9.61 -4.41 -0.40
C VAL A 8 9.85 -4.05 -1.87
N GLU A 9 9.91 -2.75 -2.17
CA GLU A 9 10.13 -2.29 -3.54
C GLU A 9 9.02 -2.77 -4.47
N ALA A 10 8.64 -1.91 -5.41
CA ALA A 10 7.59 -2.24 -6.36
C ALA A 10 8.15 -2.88 -7.62
N LEU A 11 7.27 -3.44 -8.43
CA LEU A 11 7.65 -4.08 -9.69
C LEU A 11 6.68 -3.74 -10.82
N PHE A 12 5.62 -3.01 -10.49
CA PHE A 12 4.61 -2.64 -11.48
C PHE A 12 4.07 -1.24 -11.22
N SER A 13 3.28 -0.76 -12.17
CA SER A 13 2.64 0.55 -12.05
C SER A 13 1.17 0.34 -11.74
N TYR A 14 0.82 0.47 -10.46
CA TYR A 14 -0.54 0.26 -10.02
C TYR A 14 -1.43 1.46 -10.30
N GLU A 15 -2.42 1.26 -11.16
CA GLU A 15 -3.38 2.32 -11.50
C GLU A 15 -4.30 2.57 -10.31
N ALA A 16 -4.14 3.73 -9.69
CA ALA A 16 -4.95 4.08 -8.53
C ALA A 16 -6.24 4.78 -8.92
N THR A 17 -7.36 4.06 -8.79
CA THR A 17 -8.66 4.62 -9.12
C THR A 17 -9.39 5.08 -7.87
N GLN A 18 -9.08 4.43 -6.74
CA GLN A 18 -9.70 4.79 -5.47
C GLN A 18 -8.77 5.66 -4.63
N PRO A 19 -9.32 6.35 -3.62
CA PRO A 19 -8.54 7.26 -2.75
C PRO A 19 -7.41 6.56 -1.98
N GLU A 20 -7.77 5.89 -0.87
CA GLU A 20 -6.78 5.22 -0.02
C GLU A 20 -5.71 4.50 -0.82
N ASP A 21 -6.12 3.84 -1.91
CA ASP A 21 -5.19 3.10 -2.75
C ASP A 21 -3.97 3.94 -3.12
N LEU A 22 -2.80 3.50 -2.66
CA LEU A 22 -1.55 4.19 -2.93
C LEU A 22 -1.07 3.85 -4.33
N GLU A 23 -0.98 4.85 -5.19
CA GLU A 23 -0.54 4.65 -6.56
C GLU A 23 0.98 4.67 -6.66
N PHE A 24 1.54 3.77 -7.46
CA PHE A 24 2.99 3.72 -7.64
C PHE A 24 3.35 3.13 -8.99
N GLN A 25 4.58 3.38 -9.43
CA GLN A 25 5.06 2.87 -10.72
C GLN A 25 5.86 1.60 -10.53
N GLU A 26 6.26 0.98 -11.64
CA GLU A 26 7.03 -0.26 -11.60
C GLU A 26 8.43 0.00 -11.05
N GLY A 27 9.03 -1.03 -10.46
CA GLY A 27 10.36 -0.90 -9.90
C GLY A 27 10.50 0.34 -9.04
N ASP A 28 9.75 0.38 -7.93
CA ASP A 28 9.79 1.53 -7.04
C ASP A 28 10.25 1.16 -5.65
N ILE A 29 10.67 2.18 -4.91
CA ILE A 29 11.14 1.99 -3.54
C ILE A 29 10.09 2.45 -2.55
N ILE A 30 8.96 1.75 -2.52
CA ILE A 30 7.87 2.10 -1.62
C ILE A 30 8.15 1.60 -0.21
N LEU A 31 8.05 2.50 0.75
CA LEU A 31 8.29 2.16 2.15
C LEU A 31 7.07 1.47 2.75
N VAL A 32 7.21 0.19 3.06
CA VAL A 32 6.11 -0.55 3.67
C VAL A 32 5.92 -0.03 5.08
N LEU A 33 4.80 0.65 5.32
CA LEU A 33 4.56 1.20 6.64
C LEU A 33 4.07 0.14 7.61
N SER A 34 3.52 -0.95 7.08
CA SER A 34 3.01 -2.06 7.90
C SER A 34 2.10 -2.98 7.10
N LYS A 35 1.85 -4.17 7.63
CA LYS A 35 0.96 -5.14 6.98
C LYS A 35 -0.48 -4.73 7.26
N VAL A 36 -1.32 -4.69 6.24
CA VAL A 36 -2.70 -4.28 6.43
C VAL A 36 -3.70 -5.44 6.30
N ASN A 37 -3.34 -6.50 5.58
CA ASN A 37 -4.23 -7.64 5.45
C ASN A 37 -3.60 -8.76 4.60
N GLU A 38 -2.29 -8.93 4.73
CA GLU A 38 -1.57 -9.95 3.97
C GLU A 38 -1.45 -9.55 2.51
N GLU A 39 -2.59 -9.32 1.86
CA GLU A 39 -2.62 -8.91 0.46
C GLU A 39 -2.64 -7.39 0.35
N TRP A 40 -2.32 -6.72 1.46
CA TRP A 40 -2.29 -5.26 1.51
C TRP A 40 -1.44 -4.80 2.67
N LEU A 41 -1.00 -3.55 2.60
CA LEU A 41 -0.17 -2.97 3.63
C LEU A 41 -0.21 -1.45 3.58
N GLU A 42 0.36 -0.82 4.59
CA GLU A 42 0.38 0.64 4.64
C GLU A 42 1.47 1.20 3.74
N GLY A 43 1.06 2.08 2.85
CA GLY A 43 1.99 2.68 1.91
C GLY A 43 2.29 4.14 2.21
N GLU A 44 3.55 4.51 2.03
CA GLU A 44 3.98 5.89 2.28
C GLU A 44 5.24 6.19 1.47
N SER A 45 5.07 6.79 0.30
CA SER A 45 6.19 7.11 -0.57
C SER A 45 6.57 8.59 -0.49
N LYS A 46 7.61 8.88 0.28
CA LYS A 46 8.10 10.25 0.45
C LYS A 46 7.05 11.16 1.09
N GLY A 47 6.30 11.89 0.26
CA GLY A 47 5.30 12.80 0.79
C GLY A 47 3.89 12.42 0.37
N LYS A 48 3.56 11.14 0.51
CA LYS A 48 2.24 10.65 0.16
C LYS A 48 1.92 9.36 0.91
N VAL A 49 0.81 9.37 1.63
CA VAL A 49 0.40 8.21 2.40
C VAL A 49 -0.75 7.48 1.74
N GLY A 50 -0.76 6.17 1.89
CA GLY A 50 -1.80 5.34 1.30
C GLY A 50 -1.57 3.87 1.59
N ILE A 51 -2.03 3.00 0.71
CA ILE A 51 -1.85 1.57 0.90
C ILE A 51 -1.78 0.84 -0.42
N PHE A 52 -1.16 -0.34 -0.40
CA PHE A 52 -1.02 -1.14 -1.62
C PHE A 52 -0.85 -2.62 -1.30
N PRO A 53 -1.20 -3.50 -2.26
CA PRO A 53 -1.09 -4.94 -2.08
C PRO A 53 0.34 -5.43 -2.31
N LYS A 54 0.83 -6.22 -1.35
CA LYS A 54 2.19 -6.75 -1.41
C LYS A 54 2.49 -7.44 -2.74
N VAL A 55 1.45 -7.88 -3.44
CA VAL A 55 1.61 -8.54 -4.72
C VAL A 55 2.36 -7.67 -5.73
N PHE A 56 2.37 -6.35 -5.49
CA PHE A 56 3.06 -5.43 -6.39
C PHE A 56 4.43 -5.05 -5.88
N VAL A 57 5.02 -5.95 -5.09
CA VAL A 57 6.34 -5.69 -4.54
C VAL A 57 7.12 -6.98 -4.30
N GLU A 58 6.41 -8.04 -3.90
CA GLU A 58 7.04 -9.34 -3.62
C GLU A 58 8.34 -9.21 -2.83
N ASP A 59 8.51 -8.03 -2.23
CA ASP A 59 9.69 -7.70 -1.45
C ASP A 59 10.98 -7.92 -2.21
N SER A 60 12.03 -7.23 -1.76
CA SER A 60 13.34 -7.31 -2.38
C SER A 60 14.44 -6.85 -1.41
N ALA A 61 14.18 -5.76 -0.70
CA ALA A 61 15.14 -5.22 0.25
C ALA A 61 16.49 -4.96 -0.41
N THR A 62 16.46 -4.65 -1.70
CA THR A 62 17.68 -4.38 -2.45
C THR A 62 17.40 -3.47 -3.63
N SER B 1 7.47 -4.95 -21.92
CA SER B 1 6.62 -4.51 -20.79
C SER B 1 6.07 -5.70 -20.01
N LYS B 2 5.70 -5.46 -18.76
CA LYS B 2 5.15 -6.51 -17.90
C LYS B 2 3.72 -6.19 -17.49
N PRO B 3 2.83 -7.20 -17.55
CA PRO B 3 1.43 -7.05 -17.18
C PRO B 3 1.23 -7.17 -15.67
N GLN B 4 1.08 -6.02 -15.01
CA GLN B 4 0.89 -5.99 -13.56
C GLN B 4 -0.14 -7.00 -13.11
N PRO B 5 -0.06 -7.41 -11.83
CA PRO B 5 -0.97 -8.36 -11.24
C PRO B 5 -2.37 -7.80 -11.06
N ALA B 6 -3.37 -8.66 -11.13
CA ALA B 6 -4.74 -8.23 -10.90
C ALA B 6 -4.88 -7.82 -9.46
N VAL B 7 -5.06 -6.52 -9.20
CA VAL B 7 -5.14 -6.04 -7.82
C VAL B 7 -6.14 -6.88 -7.02
N PRO B 8 -5.75 -7.27 -5.79
CA PRO B 8 -6.56 -8.10 -4.90
C PRO B 8 -7.76 -7.36 -4.30
N PRO B 9 -8.63 -8.09 -3.58
CA PRO B 9 -9.81 -7.51 -2.94
C PRO B 9 -9.43 -6.61 -1.79
N ARG B 10 -9.28 -5.34 -2.10
CA ARG B 10 -8.90 -4.32 -1.14
C ARG B 10 -9.57 -4.53 0.22
N PRO B 11 -8.85 -4.21 1.31
CA PRO B 11 -9.32 -4.36 2.68
C PRO B 11 -10.69 -3.72 2.93
N SER B 12 -11.24 -3.95 4.11
CA SER B 12 -12.54 -3.39 4.47
C SER B 12 -12.39 -2.03 5.14
N ALA B 13 -11.30 -1.34 4.81
CA ALA B 13 -11.03 -0.01 5.37
C ALA B 13 -10.71 -0.08 6.86
N ASP B 14 -11.67 -0.54 7.65
CA ASP B 14 -11.49 -0.63 9.09
C ASP B 14 -10.18 -1.32 9.45
N LEU B 15 -9.96 -2.57 9.00
CA LEU B 15 -8.70 -3.24 9.32
C LEU B 15 -7.54 -2.36 8.88
N ILE B 16 -7.79 -1.53 7.86
CA ILE B 16 -6.78 -0.58 7.40
C ILE B 16 -6.61 0.45 8.49
N LEU B 17 -7.76 0.93 8.96
CA LEU B 17 -7.80 1.90 10.05
C LEU B 17 -7.19 1.28 11.29
N ASN B 18 -7.15 -0.05 11.30
CA ASN B 18 -6.59 -0.82 12.39
C ASN B 18 -5.10 -1.08 12.15
N ARG B 19 -4.69 -0.99 10.89
CA ARG B 19 -3.30 -1.26 10.53
C ARG B 19 -2.72 -0.20 9.56
N CYS B 20 -2.98 1.08 9.82
CA CYS B 20 -2.45 2.15 8.98
C CYS B 20 -2.42 3.48 9.71
N SER B 21 -1.85 4.49 9.04
CA SER B 21 -1.74 5.83 9.61
C SER B 21 -3.06 6.59 9.45
N GLU B 22 -3.18 7.70 10.17
CA GLU B 22 -4.38 8.53 10.11
C GLU B 22 -4.59 9.05 8.69
N SER B 23 -3.48 9.25 7.96
CA SER B 23 -3.55 9.74 6.60
C SER B 23 -4.40 8.83 5.72
N THR B 24 -3.90 7.61 5.48
CA THR B 24 -4.62 6.64 4.66
C THR B 24 -5.99 6.37 5.26
N LYS B 25 -6.07 6.42 6.59
CA LYS B 25 -7.32 6.18 7.29
C LYS B 25 -8.40 7.17 6.84
N ARG B 26 -7.98 8.42 6.61
CA ARG B 26 -8.91 9.45 6.18
C ARG B 26 -9.53 9.12 4.83
N LYS B 27 -8.92 8.18 4.11
CA LYS B 27 -9.43 7.76 2.81
C LYS B 27 -10.31 6.53 2.92
N LEU B 28 -10.98 6.39 4.06
CA LEU B 28 -11.87 5.25 4.29
C LEU B 28 -12.65 5.44 5.60
N ALA B 29 -13.04 6.68 5.87
CA ALA B 29 -13.78 6.98 7.08
C ALA B 29 -15.15 6.30 7.08
N SER B 30 -15.72 6.13 5.89
CA SER B 30 -17.02 5.49 5.75
C SER B 30 -17.27 5.09 4.30
N ALA B 31 -16.21 4.68 3.61
CA ALA B 31 -16.31 4.26 2.22
C ALA B 31 -17.25 3.07 2.07
N VAL B 32 -17.38 2.57 0.84
CA VAL B 32 -18.24 1.42 0.57
C VAL B 32 -17.42 0.19 0.21
N GLN A 1 2.30 1.75 14.72
CA GLN A 1 3.36 1.79 15.76
C GLN A 1 4.75 1.81 15.15
N LEU A 2 4.90 1.15 14.00
CA LEU A 2 6.18 1.10 13.31
C LEU A 2 6.46 2.40 12.58
N LYS A 3 7.57 3.05 12.94
CA LYS A 3 7.95 4.32 12.33
C LYS A 3 8.22 4.13 10.84
N LYS A 4 9.00 3.11 10.50
CA LYS A 4 9.34 2.83 9.11
C LYS A 4 8.64 1.56 8.62
N GLY A 5 8.05 0.82 9.54
CA GLY A 5 7.36 -0.40 9.18
C GLY A 5 8.26 -1.40 8.49
N SER A 6 8.38 -1.26 7.18
CA SER A 6 9.21 -2.12 6.35
C SER A 6 9.19 -1.60 4.92
N GLN A 7 10.01 -2.19 4.04
CA GLN A 7 10.05 -1.73 2.65
C GLN A 7 10.26 -2.88 1.67
N VAL A 8 9.84 -2.66 0.43
CA VAL A 8 9.98 -3.64 -0.64
C VAL A 8 9.87 -2.98 -2.00
N GLU A 9 10.90 -3.14 -2.82
CA GLU A 9 10.89 -2.56 -4.16
C GLU A 9 9.63 -2.97 -4.91
N ALA A 10 9.19 -2.13 -5.84
CA ALA A 10 7.99 -2.43 -6.61
C ALA A 10 8.35 -3.19 -7.87
N LEU A 11 7.34 -3.71 -8.56
CA LEU A 11 7.57 -4.47 -9.78
C LEU A 11 6.55 -4.11 -10.87
N PHE A 12 5.57 -3.28 -10.55
CA PHE A 12 4.56 -2.88 -11.51
C PHE A 12 4.02 -1.49 -11.20
N SER A 13 3.24 -0.96 -12.14
CA SER A 13 2.62 0.34 -11.98
C SER A 13 1.15 0.14 -11.63
N TYR A 14 0.83 0.33 -10.35
CA TYR A 14 -0.53 0.14 -9.88
C TYR A 14 -1.41 1.35 -10.19
N GLU A 15 -2.44 1.12 -10.98
CA GLU A 15 -3.38 2.18 -11.32
C GLU A 15 -4.27 2.48 -10.13
N ALA A 16 -4.05 3.62 -9.51
CA ALA A 16 -4.82 4.01 -8.33
C ALA A 16 -6.09 4.76 -8.72
N THR A 17 -7.23 4.14 -8.42
CA THR A 17 -8.52 4.74 -8.73
C THR A 17 -9.13 5.40 -7.50
N GLN A 18 -8.94 4.76 -6.34
CA GLN A 18 -9.48 5.28 -5.09
C GLN A 18 -8.40 6.06 -4.35
N PRO A 19 -8.78 6.80 -3.29
CA PRO A 19 -7.85 7.62 -2.51
C PRO A 19 -6.84 6.80 -1.70
N GLU A 20 -7.32 6.11 -0.67
CA GLU A 20 -6.44 5.31 0.20
C GLU A 20 -5.42 4.50 -0.60
N ASP A 21 -5.83 4.01 -1.77
CA ASP A 21 -4.96 3.20 -2.62
C ASP A 21 -3.69 3.98 -2.98
N LEU A 22 -2.55 3.48 -2.53
CA LEU A 22 -1.27 4.11 -2.82
C LEU A 22 -0.82 3.75 -4.23
N GLU A 23 -0.74 4.75 -5.09
CA GLU A 23 -0.33 4.53 -6.48
C GLU A 23 1.19 4.55 -6.59
N PHE A 24 1.72 3.65 -7.40
CA PHE A 24 3.17 3.58 -7.60
C PHE A 24 3.52 2.85 -8.90
N GLN A 25 4.63 3.24 -9.52
CA GLN A 25 5.07 2.62 -10.76
C GLN A 25 5.81 1.32 -10.48
N GLU A 26 6.40 0.74 -11.51
CA GLU A 26 7.13 -0.51 -11.38
C GLU A 26 8.58 -0.25 -10.94
N GLY A 27 9.20 -1.25 -10.32
CA GLY A 27 10.57 -1.10 -9.87
C GLY A 27 10.80 0.19 -9.11
N ASP A 28 10.10 0.36 -7.99
CA ASP A 28 10.24 1.56 -7.19
C ASP A 28 10.47 1.24 -5.73
N ILE A 29 11.02 2.22 -5.00
CA ILE A 29 11.31 2.06 -3.59
C ILE A 29 10.17 2.57 -2.73
N ILE A 30 9.29 1.67 -2.32
CA ILE A 30 8.14 2.03 -1.49
C ILE A 30 8.48 1.87 -0.02
N LEU A 31 7.78 2.63 0.82
CA LEU A 31 8.00 2.55 2.26
C LEU A 31 6.80 1.91 2.94
N VAL A 32 6.89 0.61 3.14
CA VAL A 32 5.82 -0.14 3.79
C VAL A 32 5.74 0.26 5.25
N LEU A 33 4.66 0.88 5.64
CA LEU A 33 4.51 1.28 7.03
C LEU A 33 4.08 0.12 7.90
N SER A 34 3.52 -0.92 7.29
CA SER A 34 3.07 -2.10 8.04
C SER A 34 2.21 -3.02 7.16
N LYS A 35 1.92 -4.21 7.69
CA LYS A 35 1.07 -5.16 6.98
C LYS A 35 -0.38 -4.79 7.24
N VAL A 36 -1.20 -4.79 6.20
CA VAL A 36 -2.60 -4.39 6.36
C VAL A 36 -3.58 -5.57 6.20
N ASN A 37 -3.19 -6.61 5.48
CA ASN A 37 -4.06 -7.77 5.33
C ASN A 37 -3.38 -8.89 4.54
N GLU A 38 -4.17 -9.88 4.12
CA GLU A 38 -3.66 -11.03 3.38
C GLU A 38 -2.83 -10.61 2.16
N GLU A 39 -3.15 -9.45 1.59
CA GLU A 39 -2.42 -8.97 0.42
C GLU A 39 -2.47 -7.44 0.34
N TRP A 40 -2.15 -6.79 1.45
CA TRP A 40 -2.15 -5.34 1.52
C TRP A 40 -1.31 -4.86 2.68
N LEU A 41 -0.91 -3.60 2.62
CA LEU A 41 -0.09 -3.00 3.65
C LEU A 41 -0.17 -1.48 3.60
N GLU A 42 0.38 -0.84 4.61
CA GLU A 42 0.37 0.61 4.67
C GLU A 42 1.45 1.19 3.78
N GLY A 43 1.06 2.16 2.96
CA GLY A 43 1.99 2.75 2.04
C GLY A 43 2.19 4.25 2.25
N GLU A 44 3.42 4.62 2.62
CA GLU A 44 3.76 6.02 2.83
C GLU A 44 5.07 6.33 2.12
N SER A 45 4.98 6.63 0.82
CA SER A 45 6.15 6.91 0.02
C SER A 45 6.50 8.40 0.03
N LYS A 46 6.99 8.91 -1.11
CA LYS A 46 7.40 10.31 -1.24
C LYS A 46 6.57 11.25 -0.35
N GLY A 47 5.42 11.69 -0.85
CA GLY A 47 4.59 12.59 -0.07
C GLY A 47 3.11 12.25 -0.18
N LYS A 48 2.77 11.00 0.08
CA LYS A 48 1.40 10.55 0.02
C LYS A 48 1.21 9.26 0.81
N VAL A 49 0.29 9.30 1.77
CA VAL A 49 0.03 8.14 2.60
C VAL A 49 -1.20 7.39 2.11
N GLY A 50 -0.98 6.15 1.72
CA GLY A 50 -2.05 5.30 1.24
C GLY A 50 -1.76 3.84 1.54
N ILE A 51 -2.27 2.95 0.70
CA ILE A 51 -2.03 1.52 0.91
C ILE A 51 -1.98 0.77 -0.41
N PHE A 52 -1.25 -0.34 -0.42
CA PHE A 52 -1.12 -1.15 -1.62
C PHE A 52 -0.93 -2.62 -1.28
N PRO A 53 -1.10 -3.51 -2.27
CA PRO A 53 -0.96 -4.94 -2.10
C PRO A 53 0.49 -5.40 -2.33
N LYS A 54 1.07 -6.01 -1.30
CA LYS A 54 2.45 -6.49 -1.35
C LYS A 54 2.77 -7.18 -2.68
N VAL A 55 1.77 -7.77 -3.31
CA VAL A 55 1.97 -8.46 -4.59
C VAL A 55 2.74 -7.59 -5.58
N PHE A 56 2.63 -6.27 -5.42
CA PHE A 56 3.31 -5.34 -6.32
C PHE A 56 4.68 -4.95 -5.76
N VAL A 57 5.15 -5.71 -4.77
CA VAL A 57 6.44 -5.42 -4.15
C VAL A 57 7.00 -6.69 -3.50
N GLU A 58 7.04 -7.78 -4.26
CA GLU A 58 7.55 -9.05 -3.75
C GLU A 58 9.07 -9.03 -3.58
N ASP A 59 9.66 -7.84 -3.62
CA ASP A 59 11.10 -7.70 -3.47
C ASP A 59 11.46 -6.72 -2.37
N SER A 60 12.46 -7.08 -1.57
CA SER A 60 12.92 -6.24 -0.48
C SER A 60 14.24 -5.57 -0.81
N ALA A 61 14.47 -4.39 -0.25
CA ALA A 61 15.69 -3.65 -0.49
C ALA A 61 16.49 -3.45 0.79
N THR A 62 17.12 -4.53 1.26
CA THR A 62 17.91 -4.49 2.48
C THR A 62 19.40 -4.30 2.16
N SER B 1 6.38 -2.42 -18.81
CA SER B 1 5.98 -3.69 -19.47
C SER B 1 5.44 -4.68 -18.44
N LYS B 2 5.28 -5.93 -18.86
CA LYS B 2 4.79 -6.99 -17.98
C LYS B 2 3.36 -6.70 -17.53
N PRO B 3 2.51 -7.73 -17.48
CA PRO B 3 1.12 -7.61 -17.05
C PRO B 3 0.99 -7.62 -15.54
N GLN B 4 0.92 -6.44 -14.94
CA GLN B 4 0.79 -6.32 -13.49
C GLN B 4 -0.26 -7.26 -12.93
N PRO B 5 -0.11 -7.63 -11.65
CA PRO B 5 -1.05 -8.52 -10.97
C PRO B 5 -2.42 -7.89 -10.79
N ALA B 6 -3.46 -8.52 -11.33
CA ALA B 6 -4.81 -8.00 -11.17
C ALA B 6 -5.07 -7.71 -9.71
N VAL B 7 -5.00 -6.43 -9.33
CA VAL B 7 -5.18 -6.05 -7.93
C VAL B 7 -6.45 -6.68 -7.35
N PRO B 8 -6.36 -7.20 -6.12
CA PRO B 8 -7.48 -7.85 -5.43
C PRO B 8 -8.42 -6.88 -4.73
N PRO B 9 -9.54 -7.39 -4.19
CA PRO B 9 -10.52 -6.57 -3.48
C PRO B 9 -9.92 -6.04 -2.18
N ARG B 10 -9.42 -4.82 -2.26
CA ARG B 10 -8.79 -4.16 -1.12
C ARG B 10 -9.50 -4.43 0.20
N PRO B 11 -8.76 -4.23 1.29
CA PRO B 11 -9.24 -4.44 2.66
C PRO B 11 -10.59 -3.79 2.92
N SER B 12 -11.13 -4.03 4.11
CA SER B 12 -12.42 -3.46 4.48
C SER B 12 -12.26 -2.10 5.16
N ALA B 13 -11.16 -1.42 4.85
CA ALA B 13 -10.87 -0.10 5.42
C ALA B 13 -10.55 -0.20 6.91
N ASP B 14 -11.49 -0.70 7.69
CA ASP B 14 -11.29 -0.83 9.14
C ASP B 14 -9.97 -1.51 9.47
N LEU B 15 -9.75 -2.75 9.01
CA LEU B 15 -8.48 -3.41 9.32
C LEU B 15 -7.33 -2.51 8.87
N ILE B 16 -7.60 -1.68 7.87
CA ILE B 16 -6.61 -0.73 7.40
C ILE B 16 -6.44 0.31 8.50
N LEU B 17 -7.58 0.76 9.00
CA LEU B 17 -7.62 1.71 10.09
C LEU B 17 -6.98 1.07 11.33
N ASN B 18 -6.93 -0.25 11.31
CA ASN B 18 -6.34 -1.02 12.38
C ASN B 18 -4.86 -1.27 12.10
N ARG B 19 -4.46 -1.13 10.84
CA ARG B 19 -3.08 -1.36 10.44
C ARG B 19 -2.54 -0.28 9.50
N CYS B 20 -2.90 0.98 9.74
CA CYS B 20 -2.41 2.08 8.90
C CYS B 20 -2.38 3.41 9.67
N SER B 21 -1.88 4.44 9.00
CA SER B 21 -1.78 5.78 9.59
C SER B 21 -3.12 6.50 9.50
N GLU B 22 -3.22 7.65 10.16
CA GLU B 22 -4.43 8.45 10.14
C GLU B 22 -4.66 9.04 8.76
N SER B 23 -3.56 9.30 8.05
CA SER B 23 -3.65 9.88 6.70
C SER B 23 -4.43 8.95 5.78
N THR B 24 -3.89 7.76 5.52
CA THR B 24 -4.55 6.79 4.67
C THR B 24 -5.93 6.46 5.21
N LYS B 25 -6.04 6.42 6.53
CA LYS B 25 -7.30 6.12 7.19
C LYS B 25 -8.38 7.12 6.78
N ARG B 26 -8.04 8.41 6.85
CA ARG B 26 -8.98 9.46 6.48
C ARG B 26 -9.62 9.17 5.12
N LYS B 27 -8.88 8.45 4.29
CA LYS B 27 -9.35 8.09 2.96
C LYS B 27 -10.54 7.15 3.06
N LEU B 28 -10.47 6.22 4.01
CA LEU B 28 -11.53 5.25 4.25
C LEU B 28 -12.41 5.68 5.42
N ALA B 29 -11.99 5.33 6.63
CA ALA B 29 -12.74 5.69 7.84
C ALA B 29 -14.24 5.46 7.68
N SER B 30 -14.59 4.48 6.86
CA SER B 30 -15.99 4.16 6.61
C SER B 30 -16.16 2.75 6.05
N ALA B 31 -15.31 2.39 5.10
CA ALA B 31 -15.36 1.07 4.48
C ALA B 31 -16.61 0.93 3.63
N VAL B 32 -16.69 -0.18 2.90
CA VAL B 32 -17.84 -0.45 2.03
C VAL B 32 -19.14 -0.48 2.85
N GLN A 1 14.88 8.79 16.12
CA GLN A 1 13.84 9.85 16.03
C GLN A 1 12.45 9.25 15.86
N LEU A 2 12.30 8.37 14.87
CA LEU A 2 11.02 7.73 14.61
C LEU A 2 11.22 6.42 13.85
N LYS A 3 10.62 5.35 14.36
CA LYS A 3 10.73 4.04 13.73
C LYS A 3 9.94 3.99 12.43
N LYS A 4 10.04 2.86 11.73
CA LYS A 4 9.33 2.69 10.47
C LYS A 4 8.67 1.31 10.40
N GLY A 5 8.03 1.03 9.27
CA GLY A 5 7.36 -0.25 9.09
C GLY A 5 8.27 -1.29 8.45
N SER A 6 8.43 -1.18 7.13
CA SER A 6 9.26 -2.08 6.36
C SER A 6 9.40 -1.56 4.95
N GLN A 7 10.07 -2.30 4.07
CA GLN A 7 10.24 -1.85 2.69
C GLN A 7 10.41 -3.01 1.72
N VAL A 8 9.94 -2.79 0.49
CA VAL A 8 10.03 -3.77 -0.58
C VAL A 8 9.89 -3.10 -1.93
N GLU A 9 10.94 -3.18 -2.76
CA GLU A 9 10.90 -2.57 -4.08
C GLU A 9 9.64 -2.99 -4.83
N ALA A 10 9.20 -2.17 -5.77
CA ALA A 10 8.01 -2.49 -6.54
C ALA A 10 8.35 -3.27 -7.79
N LEU A 11 7.34 -3.75 -8.50
CA LEU A 11 7.55 -4.52 -9.71
C LEU A 11 6.55 -4.16 -10.81
N PHE A 12 5.59 -3.30 -10.50
CA PHE A 12 4.59 -2.90 -11.48
C PHE A 12 4.05 -1.51 -11.18
N SER A 13 3.28 -0.98 -12.13
CA SER A 13 2.66 0.33 -11.97
C SER A 13 1.19 0.15 -11.65
N TYR A 14 0.84 0.34 -10.39
CA TYR A 14 -0.54 0.16 -9.94
C TYR A 14 -1.40 1.37 -10.27
N GLU A 15 -2.42 1.15 -11.10
CA GLU A 15 -3.34 2.21 -11.47
C GLU A 15 -4.26 2.51 -10.29
N ALA A 16 -4.09 3.69 -9.71
CA ALA A 16 -4.89 4.08 -8.56
C ALA A 16 -6.17 4.80 -8.97
N THR A 17 -7.31 4.19 -8.65
CA THR A 17 -8.61 4.77 -8.97
C THR A 17 -9.31 5.25 -7.70
N GLN A 18 -9.00 4.61 -6.58
CA GLN A 18 -9.61 4.99 -5.31
C GLN A 18 -8.63 5.81 -4.46
N PRO A 19 -9.14 6.52 -3.45
CA PRO A 19 -8.33 7.39 -2.58
C PRO A 19 -7.24 6.63 -1.81
N GLU A 20 -7.64 5.95 -0.74
CA GLU A 20 -6.69 5.21 0.11
C GLU A 20 -5.64 4.45 -0.71
N ASP A 21 -6.07 3.91 -1.85
CA ASP A 21 -5.17 3.16 -2.72
C ASP A 21 -3.96 4.00 -3.12
N LEU A 22 -2.79 3.59 -2.66
CA LEU A 22 -1.55 4.27 -2.97
C LEU A 22 -1.06 3.88 -4.35
N GLU A 23 -0.92 4.86 -5.23
CA GLU A 23 -0.48 4.62 -6.60
C GLU A 23 1.04 4.61 -6.68
N PHE A 24 1.59 3.69 -7.47
CA PHE A 24 3.04 3.62 -7.63
C PHE A 24 3.40 2.92 -8.95
N GLN A 25 4.59 3.23 -9.46
CA GLN A 25 5.05 2.65 -10.71
C GLN A 25 5.78 1.33 -10.45
N GLU A 26 6.29 0.73 -11.53
CA GLU A 26 7.01 -0.54 -11.42
C GLU A 26 8.45 -0.30 -11.00
N GLY A 27 9.05 -1.31 -10.36
CA GLY A 27 10.43 -1.19 -9.91
C GLY A 27 10.70 0.10 -9.17
N ASP A 28 10.07 0.26 -8.01
CA ASP A 28 10.26 1.46 -7.21
C ASP A 28 10.60 1.14 -5.77
N ILE A 29 11.18 2.12 -5.09
CA ILE A 29 11.58 1.95 -3.69
C ILE A 29 10.49 2.45 -2.75
N ILE A 30 9.52 1.58 -2.46
CA ILE A 30 8.42 1.92 -1.59
C ILE A 30 8.80 1.70 -0.12
N LEU A 31 8.24 2.53 0.75
CA LEU A 31 8.50 2.40 2.18
C LEU A 31 7.28 1.86 2.88
N VAL A 32 7.21 0.53 2.96
CA VAL A 32 6.09 -0.13 3.61
C VAL A 32 5.93 0.39 5.02
N LEU A 33 4.78 0.94 5.33
CA LEU A 33 4.54 1.47 6.65
C LEU A 33 4.20 0.37 7.65
N SER A 34 3.71 -0.76 7.14
CA SER A 34 3.33 -1.88 8.00
C SER A 34 2.65 -2.99 7.19
N LYS A 35 2.05 -3.92 7.92
CA LYS A 35 1.30 -5.02 7.31
C LYS A 35 -0.19 -4.82 7.57
N VAL A 36 -0.95 -4.60 6.51
CA VAL A 36 -2.38 -4.36 6.66
C VAL A 36 -3.17 -5.67 6.62
N ASN A 37 -3.64 -6.10 5.44
CA ASN A 37 -4.39 -7.35 5.35
C ASN A 37 -3.54 -8.46 4.75
N GLU A 38 -4.20 -9.53 4.30
CA GLU A 38 -3.50 -10.68 3.73
C GLU A 38 -2.68 -10.30 2.49
N GLU A 39 -3.13 -9.29 1.77
CA GLU A 39 -2.42 -8.84 0.57
C GLU A 39 -2.47 -7.32 0.42
N TRP A 40 -2.17 -6.63 1.52
CA TRP A 40 -2.19 -5.17 1.53
C TRP A 40 -1.38 -4.66 2.71
N LEU A 41 -0.98 -3.40 2.65
CA LEU A 41 -0.21 -2.78 3.70
C LEU A 41 -0.29 -1.28 3.63
N GLU A 42 0.25 -0.60 4.65
CA GLU A 42 0.22 0.84 4.69
C GLU A 42 1.32 1.40 3.80
N GLY A 43 0.93 2.25 2.88
CA GLY A 43 1.88 2.82 1.94
C GLY A 43 2.16 4.29 2.18
N GLU A 44 3.43 4.68 1.98
CA GLU A 44 3.86 6.05 2.15
C GLU A 44 5.10 6.31 1.29
N SER A 45 4.88 6.88 0.10
CA SER A 45 5.98 7.14 -0.82
C SER A 45 5.94 8.58 -1.34
N LYS A 46 6.94 9.36 -0.95
CA LYS A 46 7.05 10.75 -1.38
C LYS A 46 5.96 11.63 -0.79
N GLY A 47 6.16 12.04 0.47
CA GLY A 47 5.19 12.89 1.16
C GLY A 47 3.75 12.58 0.80
N LYS A 48 3.41 11.31 0.78
CA LYS A 48 2.05 10.89 0.46
C LYS A 48 1.76 9.53 1.08
N VAL A 49 0.70 9.47 1.87
CA VAL A 49 0.32 8.23 2.53
C VAL A 49 -0.85 7.55 1.84
N GLY A 50 -0.88 6.23 1.94
CA GLY A 50 -1.93 5.44 1.32
C GLY A 50 -1.72 3.97 1.62
N ILE A 51 -2.13 3.10 0.71
CA ILE A 51 -1.94 1.67 0.90
C ILE A 51 -1.82 0.93 -0.41
N PHE A 52 -1.26 -0.26 -0.36
CA PHE A 52 -1.08 -1.07 -1.56
C PHE A 52 -0.86 -2.54 -1.23
N PRO A 53 -1.10 -3.43 -2.22
CA PRO A 53 -0.93 -4.86 -2.04
C PRO A 53 0.51 -5.31 -2.26
N LYS A 54 1.07 -5.94 -1.24
CA LYS A 54 2.45 -6.42 -1.26
C LYS A 54 2.77 -7.17 -2.56
N VAL A 55 1.76 -7.72 -3.21
CA VAL A 55 1.96 -8.47 -4.45
C VAL A 55 2.77 -7.64 -5.47
N PHE A 56 2.63 -6.32 -5.40
CA PHE A 56 3.35 -5.43 -6.32
C PHE A 56 4.73 -5.08 -5.77
N VAL A 57 5.11 -5.71 -4.67
CA VAL A 57 6.40 -5.44 -4.04
C VAL A 57 6.96 -6.70 -3.38
N GLU A 58 7.00 -7.79 -4.14
CA GLU A 58 7.51 -9.06 -3.62
C GLU A 58 9.03 -9.07 -3.51
N ASP A 59 9.64 -7.89 -3.62
CA ASP A 59 11.09 -7.78 -3.53
C ASP A 59 11.49 -6.67 -2.57
N SER A 60 12.68 -6.78 -1.99
CA SER A 60 13.18 -5.78 -1.06
C SER A 60 14.66 -5.50 -1.29
N ALA A 61 15.15 -4.43 -0.68
CA ALA A 61 16.56 -4.05 -0.81
C ALA A 61 16.89 -3.75 -2.27
N THR A 62 17.92 -2.92 -2.48
CA THR A 62 18.35 -2.55 -3.81
C THR A 62 19.25 -3.63 -4.42
N SER B 1 5.89 -4.14 -20.40
CA SER B 1 6.50 -5.44 -20.79
C SER B 1 5.92 -6.59 -19.97
N LYS B 2 5.49 -6.29 -18.75
CA LYS B 2 4.91 -7.30 -17.88
C LYS B 2 3.51 -6.90 -17.43
N PRO B 3 2.58 -7.88 -17.39
CA PRO B 3 1.20 -7.65 -16.98
C PRO B 3 1.05 -7.65 -15.47
N GLN B 4 0.95 -6.46 -14.88
CA GLN B 4 0.82 -6.34 -13.43
C GLN B 4 -0.24 -7.28 -12.88
N PRO B 5 -0.09 -7.65 -11.60
CA PRO B 5 -1.01 -8.55 -10.92
C PRO B 5 -2.39 -7.92 -10.75
N ALA B 6 -3.42 -8.57 -11.29
CA ALA B 6 -4.78 -8.07 -11.14
C ALA B 6 -5.05 -7.76 -9.68
N VAL B 7 -5.01 -6.47 -9.33
CA VAL B 7 -5.21 -6.06 -7.95
C VAL B 7 -6.46 -6.71 -7.36
N PRO B 8 -6.37 -7.18 -6.11
CA PRO B 8 -7.47 -7.87 -5.41
C PRO B 8 -8.37 -6.92 -4.63
N PRO B 9 -9.60 -7.36 -4.32
CA PRO B 9 -10.56 -6.56 -3.55
C PRO B 9 -9.94 -6.04 -2.27
N ARG B 10 -9.47 -4.81 -2.35
CA ARG B 10 -8.82 -4.14 -1.24
C ARG B 10 -9.49 -4.43 0.10
N PRO B 11 -8.74 -4.18 1.18
CA PRO B 11 -9.19 -4.41 2.56
C PRO B 11 -10.57 -3.80 2.84
N SER B 12 -11.08 -4.04 4.04
CA SER B 12 -12.40 -3.54 4.42
C SER B 12 -12.30 -2.16 5.06
N ALA B 13 -11.23 -1.43 4.75
CA ALA B 13 -11.01 -0.09 5.29
C ALA B 13 -10.74 -0.14 6.80
N ASP B 14 -11.73 -0.58 7.57
CA ASP B 14 -11.58 -0.66 9.01
C ASP B 14 -10.30 -1.42 9.39
N LEU B 15 -10.13 -2.65 8.90
CA LEU B 15 -8.91 -3.39 9.22
C LEU B 15 -7.71 -2.53 8.85
N ILE B 16 -7.88 -1.69 7.83
CA ILE B 16 -6.84 -0.77 7.42
C ILE B 16 -6.66 0.23 8.55
N LEU B 17 -7.80 0.77 8.97
CA LEU B 17 -7.83 1.70 10.08
C LEU B 17 -7.24 1.05 11.32
N ASN B 18 -7.27 -0.28 11.32
CA ASN B 18 -6.74 -1.09 12.39
C ASN B 18 -5.27 -1.43 12.13
N ARG B 19 -4.86 -1.33 10.86
CA ARG B 19 -3.51 -1.68 10.47
C ARG B 19 -2.86 -0.61 9.56
N CYS B 20 -3.16 0.68 9.80
CA CYS B 20 -2.58 1.75 8.98
C CYS B 20 -2.40 3.04 9.78
N SER B 21 -1.92 4.07 9.08
CA SER B 21 -1.70 5.37 9.68
C SER B 21 -2.97 6.23 9.61
N GLU B 22 -2.99 7.32 10.35
CA GLU B 22 -4.14 8.21 10.36
C GLU B 22 -4.38 8.81 8.97
N SER B 23 -3.30 8.98 8.22
CA SER B 23 -3.39 9.54 6.88
C SER B 23 -4.26 8.67 5.98
N THR B 24 -3.78 7.46 5.68
CA THR B 24 -4.53 6.54 4.83
C THR B 24 -5.90 6.28 5.43
N LYS B 25 -5.97 6.24 6.76
CA LYS B 25 -7.22 6.00 7.46
C LYS B 25 -8.29 7.00 7.03
N ARG B 26 -7.89 8.26 6.84
CA ARG B 26 -8.82 9.30 6.42
C ARG B 26 -9.39 9.01 5.04
N LYS B 27 -8.75 8.09 4.30
CA LYS B 27 -9.21 7.74 2.97
C LYS B 27 -10.11 6.51 3.00
N LEU B 28 -10.79 6.30 4.13
CA LEU B 28 -11.70 5.17 4.29
C LEU B 28 -12.54 5.32 5.56
N ALA B 29 -12.88 6.55 5.89
CA ALA B 29 -13.68 6.83 7.07
C ALA B 29 -15.09 6.29 6.93
N SER B 30 -15.26 5.03 7.33
CA SER B 30 -16.58 4.38 7.25
C SER B 30 -17.06 4.33 5.80
N ALA B 31 -16.12 4.22 4.87
CA ALA B 31 -16.45 4.16 3.46
C ALA B 31 -16.31 2.73 2.92
N VAL B 32 -16.57 1.76 3.78
CA VAL B 32 -16.47 0.35 3.39
C VAL B 32 -17.79 -0.14 2.82
N GLN A 1 8.59 5.92 18.01
CA GLN A 1 8.65 4.77 17.07
C GLN A 1 9.68 5.02 15.96
N LEU A 2 10.46 3.98 15.64
CA LEU A 2 11.47 4.10 14.61
C LEU A 2 10.84 4.45 13.26
N LYS A 3 11.32 5.54 12.66
CA LYS A 3 10.80 5.99 11.37
C LYS A 3 11.00 4.92 10.30
N LYS A 4 10.19 5.00 9.25
CA LYS A 4 10.27 4.04 8.16
C LYS A 4 9.95 2.63 8.64
N GLY A 5 8.78 2.13 8.27
CA GLY A 5 8.40 0.79 8.66
C GLY A 5 9.35 -0.24 8.09
N SER A 6 9.16 -0.58 6.83
CA SER A 6 10.02 -1.54 6.14
C SER A 6 10.01 -1.25 4.64
N GLN A 7 10.47 -2.18 3.84
CA GLN A 7 10.48 -1.99 2.39
C GLN A 7 10.25 -3.30 1.64
N VAL A 8 9.96 -3.16 0.35
CA VAL A 8 9.70 -4.32 -0.50
C VAL A 8 9.88 -3.99 -1.99
N GLU A 9 9.99 -2.71 -2.31
CA GLU A 9 10.15 -2.28 -3.70
C GLU A 9 9.00 -2.75 -4.57
N ALA A 10 8.61 -1.91 -5.53
CA ALA A 10 7.52 -2.24 -6.44
C ALA A 10 8.01 -2.97 -7.68
N LEU A 11 7.09 -3.54 -8.42
CA LEU A 11 7.42 -4.27 -9.64
C LEU A 11 6.40 -4.01 -10.75
N PHE A 12 5.34 -3.28 -10.43
CA PHE A 12 4.30 -2.98 -11.41
C PHE A 12 3.72 -1.59 -11.21
N SER A 13 3.31 -0.97 -12.30
CA SER A 13 2.70 0.36 -12.25
C SER A 13 1.23 0.20 -11.89
N TYR A 14 0.91 0.33 -10.61
CA TYR A 14 -0.46 0.18 -10.14
C TYR A 14 -1.28 1.42 -10.39
N GLU A 15 -2.34 1.27 -11.20
CA GLU A 15 -3.23 2.38 -11.50
C GLU A 15 -4.11 2.68 -10.30
N ALA A 16 -3.89 3.81 -9.66
CA ALA A 16 -4.65 4.20 -8.49
C ALA A 16 -5.93 4.92 -8.86
N THR A 17 -7.05 4.26 -8.65
CA THR A 17 -8.36 4.85 -8.96
C THR A 17 -9.01 5.39 -7.69
N GLN A 18 -8.71 4.76 -6.57
CA GLN A 18 -9.27 5.19 -5.29
C GLN A 18 -8.22 5.97 -4.48
N PRO A 19 -8.67 6.74 -3.47
CA PRO A 19 -7.79 7.56 -2.64
C PRO A 19 -6.77 6.74 -1.84
N GLU A 20 -7.23 6.05 -0.80
CA GLU A 20 -6.34 5.26 0.07
C GLU A 20 -5.32 4.44 -0.75
N ASP A 21 -5.74 3.96 -1.91
CA ASP A 21 -4.86 3.16 -2.76
C ASP A 21 -3.60 3.93 -3.11
N LEU A 22 -2.45 3.41 -2.68
CA LEU A 22 -1.17 4.03 -2.95
C LEU A 22 -0.72 3.70 -4.37
N GLU A 23 -0.64 4.72 -5.22
CA GLU A 23 -0.22 4.54 -6.61
C GLU A 23 1.29 4.49 -6.71
N PHE A 24 1.79 3.58 -7.53
CA PHE A 24 3.23 3.44 -7.72
C PHE A 24 3.56 2.87 -9.10
N GLN A 25 4.71 3.26 -9.63
CA GLN A 25 5.14 2.79 -10.95
C GLN A 25 6.06 1.58 -10.83
N GLU A 26 6.20 0.84 -11.92
CA GLU A 26 7.05 -0.35 -11.96
C GLU A 26 8.41 -0.08 -11.30
N GLY A 27 8.93 -1.10 -10.63
CA GLY A 27 10.22 -0.96 -9.97
C GLY A 27 10.33 0.32 -9.16
N ASP A 28 9.68 0.35 -8.00
CA ASP A 28 9.71 1.54 -7.15
C ASP A 28 10.20 1.22 -5.75
N ILE A 29 10.66 2.25 -5.06
CA ILE A 29 11.14 2.11 -3.70
C ILE A 29 10.11 2.62 -2.70
N ILE A 30 9.01 1.88 -2.59
CA ILE A 30 7.94 2.25 -1.67
C ILE A 30 8.28 1.84 -0.24
N LEU A 31 8.06 2.77 0.68
CA LEU A 31 8.32 2.50 2.09
C LEU A 31 7.12 1.81 2.72
N VAL A 32 7.33 0.58 3.18
CA VAL A 32 6.26 -0.17 3.80
C VAL A 32 6.05 0.31 5.23
N LEU A 33 4.91 0.92 5.47
CA LEU A 33 4.64 1.44 6.80
C LEU A 33 4.17 0.32 7.74
N SER A 34 3.66 -0.77 7.17
CA SER A 34 3.18 -1.91 7.97
C SER A 34 2.33 -2.85 7.13
N LYS A 35 2.02 -4.01 7.70
CA LYS A 35 1.16 -4.99 7.02
C LYS A 35 -0.30 -4.61 7.29
N VAL A 36 -1.13 -4.62 6.26
CA VAL A 36 -2.53 -4.22 6.43
C VAL A 36 -3.50 -5.41 6.32
N ASN A 37 -3.10 -6.46 5.61
CA ASN A 37 -3.97 -7.64 5.50
C ASN A 37 -3.29 -8.77 4.73
N GLU A 38 -4.07 -9.77 4.35
CA GLU A 38 -3.55 -10.94 3.62
C GLU A 38 -2.80 -10.55 2.36
N GLU A 39 -3.14 -9.40 1.78
CA GLU A 39 -2.49 -8.95 0.54
C GLU A 39 -2.47 -7.44 0.44
N TRP A 40 -2.15 -6.78 1.55
CA TRP A 40 -2.09 -5.32 1.58
C TRP A 40 -1.23 -4.84 2.75
N LEU A 41 -0.78 -3.61 2.64
CA LEU A 41 0.05 -3.00 3.66
C LEU A 41 0.00 -1.48 3.58
N GLU A 42 0.56 -0.82 4.59
CA GLU A 42 0.55 0.63 4.63
C GLU A 42 1.62 1.20 3.72
N GLY A 43 1.21 2.10 2.84
CA GLY A 43 2.14 2.70 1.90
C GLY A 43 2.36 4.19 2.14
N GLU A 44 3.62 4.58 2.26
CA GLU A 44 3.97 5.99 2.48
C GLU A 44 5.18 6.37 1.62
N SER A 45 4.92 7.10 0.54
CA SER A 45 6.01 7.51 -0.36
C SER A 45 5.99 9.01 -0.63
N LYS A 46 6.99 9.70 -0.09
CA LYS A 46 7.13 11.15 -0.28
C LYS A 46 5.84 11.91 0.07
N GLY A 47 5.82 12.50 1.26
CA GLY A 47 4.67 13.27 1.72
C GLY A 47 3.33 12.74 1.21
N LYS A 48 3.20 11.43 1.13
CA LYS A 48 1.97 10.81 0.66
C LYS A 48 1.71 9.50 1.39
N VAL A 49 0.52 9.37 1.95
CA VAL A 49 0.17 8.16 2.68
C VAL A 49 -0.98 7.41 2.00
N GLY A 50 -0.80 6.11 1.87
CA GLY A 50 -1.79 5.25 1.25
C GLY A 50 -1.50 3.81 1.54
N ILE A 51 -1.92 2.90 0.67
CA ILE A 51 -1.66 1.48 0.87
C ILE A 51 -1.52 0.74 -0.46
N PHE A 52 -0.85 -0.40 -0.41
CA PHE A 52 -0.63 -1.20 -1.62
C PHE A 52 -0.50 -2.69 -1.30
N PRO A 53 -0.83 -3.55 -2.27
CA PRO A 53 -0.75 -5.00 -2.10
C PRO A 53 0.68 -5.52 -2.20
N LYS A 54 1.08 -6.34 -1.24
CA LYS A 54 2.43 -6.89 -1.22
C LYS A 54 2.73 -7.66 -2.50
N VAL A 55 1.70 -8.22 -3.12
CA VAL A 55 1.87 -8.97 -4.36
C VAL A 55 2.58 -8.11 -5.40
N PHE A 56 2.41 -6.79 -5.28
CA PHE A 56 3.02 -5.84 -6.20
C PHE A 56 4.45 -5.51 -5.77
N VAL A 57 4.89 -6.09 -4.66
CA VAL A 57 6.22 -5.84 -4.14
C VAL A 57 6.79 -7.11 -3.53
N GLU A 58 7.21 -8.03 -4.38
CA GLU A 58 7.79 -9.31 -3.95
C GLU A 58 9.07 -9.12 -3.12
N ASP A 59 9.32 -7.89 -2.69
CA ASP A 59 10.49 -7.56 -1.88
C ASP A 59 11.75 -7.48 -2.72
N SER A 60 12.72 -6.71 -2.21
CA SER A 60 14.00 -6.53 -2.90
C SER A 60 15.12 -6.24 -1.91
N ALA A 61 14.86 -5.33 -0.97
CA ALA A 61 15.84 -4.97 0.04
C ALA A 61 15.21 -4.93 1.43
N THR A 62 15.43 -5.98 2.20
CA THR A 62 14.89 -6.07 3.55
C THR A 62 15.99 -5.92 4.59
N SER B 1 7.76 -5.18 -20.98
CA SER B 1 6.65 -4.87 -20.04
C SER B 1 6.30 -6.09 -19.20
N LYS B 2 5.16 -6.02 -18.52
CA LYS B 2 4.70 -7.12 -17.67
C LYS B 2 3.25 -6.93 -17.26
N PRO B 3 2.48 -8.03 -17.18
CA PRO B 3 1.07 -8.01 -16.81
C PRO B 3 0.90 -7.97 -15.30
N GLN B 4 0.83 -6.75 -14.75
CA GLN B 4 0.68 -6.56 -13.31
C GLN B 4 -0.39 -7.48 -12.73
N PRO B 5 -0.28 -7.79 -11.44
CA PRO B 5 -1.23 -8.64 -10.74
C PRO B 5 -2.60 -8.00 -10.62
N ALA B 6 -3.63 -8.67 -11.11
CA ALA B 6 -4.99 -8.14 -11.00
C ALA B 6 -5.25 -7.80 -9.55
N VAL B 7 -5.19 -6.51 -9.22
CA VAL B 7 -5.37 -6.07 -7.84
C VAL B 7 -6.62 -6.70 -7.23
N PRO B 8 -6.50 -7.19 -5.98
CA PRO B 8 -7.60 -7.85 -5.26
C PRO B 8 -8.53 -6.88 -4.55
N PRO B 9 -9.63 -7.40 -3.98
CA PRO B 9 -10.61 -6.58 -3.25
C PRO B 9 -10.01 -6.02 -1.98
N ARG B 10 -9.37 -4.87 -2.12
CA ARG B 10 -8.70 -4.18 -1.02
C ARG B 10 -9.52 -4.26 0.27
N PRO B 11 -8.85 -4.54 1.40
CA PRO B 11 -9.45 -4.66 2.73
C PRO B 11 -10.66 -3.76 2.92
N SER B 12 -11.50 -4.11 3.89
CA SER B 12 -12.71 -3.35 4.18
C SER B 12 -12.41 -2.05 4.95
N ALA B 13 -11.28 -1.42 4.63
CA ALA B 13 -10.89 -0.16 5.28
C ALA B 13 -10.59 -0.35 6.76
N ASP B 14 -11.59 -0.79 7.52
CA ASP B 14 -11.43 -0.99 8.96
C ASP B 14 -10.10 -1.65 9.32
N LEU B 15 -9.84 -2.88 8.87
CA LEU B 15 -8.57 -3.51 9.22
C LEU B 15 -7.42 -2.60 8.82
N ILE B 16 -7.63 -1.79 7.79
CA ILE B 16 -6.62 -0.82 7.38
C ILE B 16 -6.53 0.22 8.49
N LEU B 17 -7.71 0.66 8.93
CA LEU B 17 -7.81 1.59 10.03
C LEU B 17 -7.17 0.97 11.27
N ASN B 18 -7.11 -0.35 11.25
CA ASN B 18 -6.53 -1.14 12.31
C ASN B 18 -5.03 -1.37 12.07
N ARG B 19 -4.62 -1.27 10.81
CA ARG B 19 -3.23 -1.51 10.44
C ARG B 19 -2.65 -0.40 9.54
N CYS B 20 -2.98 0.86 9.83
CA CYS B 20 -2.45 1.97 9.04
C CYS B 20 -2.49 3.29 9.82
N SER B 21 -2.03 4.35 9.17
CA SER B 21 -2.00 5.68 9.78
C SER B 21 -3.30 6.43 9.52
N GLU B 22 -3.53 7.50 10.26
CA GLU B 22 -4.73 8.30 10.11
C GLU B 22 -4.81 8.90 8.70
N SER B 23 -3.65 9.13 8.10
CA SER B 23 -3.60 9.70 6.75
C SER B 23 -4.32 8.80 5.76
N THR B 24 -3.87 7.55 5.64
CA THR B 24 -4.49 6.60 4.72
C THR B 24 -5.92 6.30 5.15
N LYS B 25 -6.17 6.40 6.45
CA LYS B 25 -7.49 6.15 6.99
C LYS B 25 -8.48 7.23 6.59
N ARG B 26 -8.00 8.48 6.51
CA ARG B 26 -8.84 9.60 6.13
C ARG B 26 -9.53 9.33 4.80
N LYS B 27 -8.93 8.48 3.98
CA LYS B 27 -9.50 8.15 2.68
C LYS B 27 -10.64 7.14 2.83
N LEU B 28 -10.42 6.12 3.65
CA LEU B 28 -11.43 5.11 3.89
C LEU B 28 -12.37 5.51 5.04
N ALA B 29 -11.92 5.30 6.26
CA ALA B 29 -12.72 5.65 7.44
C ALA B 29 -14.04 4.87 7.45
N SER B 30 -13.94 3.56 7.23
CA SER B 30 -15.11 2.70 7.22
C SER B 30 -15.96 2.94 5.96
N ALA B 31 -15.56 2.32 4.86
CA ALA B 31 -16.27 2.47 3.59
C ALA B 31 -16.34 3.93 3.18
N VAL B 32 -17.09 4.20 2.10
CA VAL B 32 -17.23 5.55 1.60
C VAL B 32 -18.71 5.95 1.53
N GLN A 1 16.23 7.52 8.01
CA GLN A 1 16.54 7.40 9.46
C GLN A 1 15.50 8.12 10.30
N LEU A 2 14.23 7.81 10.09
CA LEU A 2 13.15 8.43 10.84
C LEU A 2 12.18 7.40 11.37
N LYS A 3 12.66 6.17 11.56
CA LYS A 3 11.84 5.08 12.08
C LYS A 3 10.64 4.83 11.16
N LYS A 4 10.69 3.75 10.40
CA LYS A 4 9.62 3.40 9.48
C LYS A 4 9.18 1.95 9.68
N GLY A 5 8.12 1.56 8.97
CA GLY A 5 7.61 0.20 9.07
C GLY A 5 8.54 -0.81 8.42
N SER A 6 8.52 -0.84 7.09
CA SER A 6 9.35 -1.75 6.31
C SER A 6 9.47 -1.23 4.87
N GLN A 7 10.08 -2.01 3.99
CA GLN A 7 10.22 -1.58 2.60
C GLN A 7 10.40 -2.76 1.64
N VAL A 8 10.00 -2.54 0.40
CA VAL A 8 10.10 -3.55 -0.67
C VAL A 8 10.02 -2.89 -2.03
N GLU A 9 10.88 -3.33 -2.95
CA GLU A 9 10.89 -2.78 -4.30
C GLU A 9 9.60 -3.17 -5.02
N ALA A 10 9.17 -2.33 -5.96
CA ALA A 10 7.96 -2.60 -6.70
C ALA A 10 8.27 -3.40 -7.97
N LEU A 11 7.24 -3.99 -8.56
CA LEU A 11 7.42 -4.78 -9.77
C LEU A 11 6.41 -4.42 -10.85
N PHE A 12 5.46 -3.55 -10.52
CA PHE A 12 4.44 -3.13 -11.48
C PHE A 12 4.00 -1.71 -11.22
N SER A 13 3.17 -1.19 -12.13
CA SER A 13 2.62 0.15 -12.01
C SER A 13 1.13 0.04 -11.71
N TYR A 14 0.79 0.22 -10.45
CA TYR A 14 -0.60 0.11 -10.01
C TYR A 14 -1.39 1.38 -10.32
N GLU A 15 -2.42 1.24 -11.15
CA GLU A 15 -3.28 2.36 -11.50
C GLU A 15 -4.17 2.71 -10.31
N ALA A 16 -3.89 3.84 -9.69
CA ALA A 16 -4.65 4.28 -8.53
C ALA A 16 -5.84 5.13 -8.92
N THR A 17 -7.04 4.62 -8.63
CA THR A 17 -8.27 5.34 -8.93
C THR A 17 -8.91 5.90 -7.66
N GLN A 18 -8.66 5.23 -6.54
CA GLN A 18 -9.20 5.67 -5.26
C GLN A 18 -8.13 6.38 -4.43
N PRO A 19 -8.53 7.06 -3.35
CA PRO A 19 -7.63 7.83 -2.48
C PRO A 19 -6.66 6.95 -1.68
N GLU A 20 -7.18 6.23 -0.68
CA GLU A 20 -6.36 5.38 0.17
C GLU A 20 -5.39 4.52 -0.66
N ASP A 21 -5.80 4.15 -1.87
CA ASP A 21 -4.98 3.33 -2.74
C ASP A 21 -3.69 4.06 -3.12
N LEU A 22 -2.57 3.52 -2.66
CA LEU A 22 -1.27 4.11 -2.97
C LEU A 22 -0.83 3.71 -4.36
N GLU A 23 -0.62 4.71 -5.22
CA GLU A 23 -0.19 4.47 -6.58
C GLU A 23 1.33 4.39 -6.66
N PHE A 24 1.83 3.44 -7.46
CA PHE A 24 3.27 3.29 -7.61
C PHE A 24 3.62 2.56 -8.90
N GLN A 25 4.69 3.00 -9.55
CA GLN A 25 5.14 2.38 -10.80
C GLN A 25 5.94 1.10 -10.52
N GLU A 26 6.30 0.40 -11.58
CA GLU A 26 7.06 -0.84 -11.45
C GLU A 26 8.50 -0.55 -11.06
N GLY A 27 9.16 -1.54 -10.45
CA GLY A 27 10.54 -1.36 -10.02
C GLY A 27 10.76 -0.06 -9.28
N ASP A 28 10.07 0.11 -8.16
CA ASP A 28 10.20 1.32 -7.35
C ASP A 28 10.54 1.00 -5.90
N ILE A 29 11.09 2.00 -5.21
CA ILE A 29 11.47 1.85 -3.82
C ILE A 29 10.41 2.44 -2.89
N ILE A 30 9.36 1.66 -2.64
CA ILE A 30 8.28 2.10 -1.78
C ILE A 30 8.65 1.92 -0.31
N LEU A 31 8.01 2.69 0.56
CA LEU A 31 8.26 2.60 1.99
C LEU A 31 7.05 2.00 2.68
N VAL A 32 7.15 0.72 3.01
CA VAL A 32 6.06 0.03 3.69
C VAL A 32 5.97 0.54 5.10
N LEU A 33 4.79 0.96 5.51
CA LEU A 33 4.63 1.47 6.87
C LEU A 33 4.21 0.37 7.82
N SER A 34 3.62 -0.70 7.28
CA SER A 34 3.17 -1.83 8.10
C SER A 34 2.32 -2.80 7.29
N LYS A 35 2.10 -3.98 7.84
CA LYS A 35 1.27 -4.99 7.19
C LYS A 35 -0.20 -4.65 7.45
N VAL A 36 -1.02 -4.67 6.41
CA VAL A 36 -2.42 -4.31 6.58
C VAL A 36 -3.36 -5.53 6.49
N ASN A 37 -2.98 -6.55 5.72
CA ASN A 37 -3.81 -7.74 5.61
C ASN A 37 -3.14 -8.84 4.77
N GLU A 38 -3.93 -9.80 4.32
CA GLU A 38 -3.42 -10.93 3.54
C GLU A 38 -2.73 -10.51 2.24
N GLU A 39 -3.10 -9.36 1.69
CA GLU A 39 -2.50 -8.90 0.44
C GLU A 39 -2.47 -7.37 0.32
N TRP A 40 -2.20 -6.71 1.43
CA TRP A 40 -2.12 -5.25 1.44
C TRP A 40 -1.33 -4.78 2.66
N LEU A 41 -0.90 -3.54 2.62
CA LEU A 41 -0.13 -2.96 3.69
C LEU A 41 -0.17 -1.44 3.65
N GLU A 42 0.41 -0.81 4.66
CA GLU A 42 0.43 0.65 4.73
C GLU A 42 1.51 1.19 3.80
N GLY A 43 1.10 2.10 2.91
CA GLY A 43 2.04 2.66 1.96
C GLY A 43 2.21 4.15 2.09
N GLU A 44 3.46 4.58 2.27
CA GLU A 44 3.80 6.00 2.38
C GLU A 44 4.99 6.30 1.48
N SER A 45 4.73 6.91 0.33
CA SER A 45 5.80 7.21 -0.62
C SER A 45 5.77 8.68 -1.06
N LYS A 46 6.79 9.43 -0.65
CA LYS A 46 6.91 10.84 -1.01
C LYS A 46 5.75 11.68 -0.45
N GLY A 47 5.93 12.17 0.79
CA GLY A 47 4.92 13.00 1.42
C GLY A 47 3.50 12.62 1.06
N LYS A 48 3.22 11.33 1.02
CA LYS A 48 1.89 10.84 0.68
C LYS A 48 1.62 9.51 1.37
N VAL A 49 0.53 9.45 2.12
CA VAL A 49 0.17 8.24 2.83
C VAL A 49 -1.01 7.53 2.18
N GLY A 50 -0.88 6.21 2.07
CA GLY A 50 -1.91 5.39 1.49
C GLY A 50 -1.63 3.93 1.73
N ILE A 51 -2.11 3.05 0.86
CA ILE A 51 -1.87 1.62 1.02
C ILE A 51 -1.78 0.92 -0.32
N PHE A 52 -1.13 -0.24 -0.32
CA PHE A 52 -0.97 -1.00 -1.56
C PHE A 52 -0.83 -2.50 -1.28
N PRO A 53 -1.03 -3.34 -2.31
CA PRO A 53 -0.93 -4.78 -2.19
C PRO A 53 0.50 -5.27 -2.38
N LYS A 54 1.03 -5.93 -1.35
CA LYS A 54 2.39 -6.45 -1.36
C LYS A 54 2.71 -7.23 -2.65
N VAL A 55 1.67 -7.79 -3.28
CA VAL A 55 1.87 -8.57 -4.50
C VAL A 55 2.63 -7.77 -5.55
N PHE A 56 2.58 -6.43 -5.45
CA PHE A 56 3.27 -5.57 -6.40
C PHE A 56 4.67 -5.22 -5.91
N VAL A 57 5.05 -5.78 -4.76
CA VAL A 57 6.36 -5.54 -4.18
C VAL A 57 6.89 -6.79 -3.50
N GLU A 58 6.92 -7.89 -4.24
CA GLU A 58 7.40 -9.17 -3.70
C GLU A 58 8.91 -9.19 -3.53
N ASP A 59 9.53 -8.03 -3.60
CA ASP A 59 10.99 -7.93 -3.44
C ASP A 59 11.36 -6.81 -2.49
N SER A 60 12.49 -7.00 -1.80
CA SER A 60 12.97 -5.99 -0.85
C SER A 60 13.59 -4.81 -1.58
N ALA A 61 13.72 -3.68 -0.87
CA ALA A 61 14.29 -2.48 -1.45
C ALA A 61 15.37 -1.89 -0.55
N THR A 62 16.07 -2.76 0.17
CA THR A 62 17.12 -2.33 1.08
C THR A 62 18.41 -2.04 0.30
N SER B 1 8.05 -4.33 -19.06
CA SER B 1 6.65 -3.90 -18.77
C SER B 1 5.94 -4.87 -17.85
N LYS B 2 5.75 -6.10 -18.33
CA LYS B 2 5.09 -7.13 -17.54
C LYS B 2 3.64 -6.75 -17.23
N PRO B 3 2.71 -7.71 -17.34
CA PRO B 3 1.30 -7.49 -17.05
C PRO B 3 1.01 -7.57 -15.56
N GLN B 4 0.90 -6.42 -14.92
CA GLN B 4 0.64 -6.36 -13.48
C GLN B 4 -0.47 -7.31 -13.07
N PRO B 5 -0.48 -7.69 -11.79
CA PRO B 5 -1.49 -8.58 -11.24
C PRO B 5 -2.81 -7.89 -10.99
N ALA B 6 -3.91 -8.51 -11.41
CA ALA B 6 -5.23 -7.93 -11.17
C ALA B 6 -5.36 -7.62 -9.69
N VAL B 7 -5.35 -6.34 -9.34
CA VAL B 7 -5.41 -5.94 -7.93
C VAL B 7 -6.56 -6.66 -7.21
N PRO B 8 -6.27 -7.21 -6.02
CA PRO B 8 -7.25 -7.95 -5.22
C PRO B 8 -8.25 -7.06 -4.49
N PRO B 9 -9.26 -7.67 -3.83
CA PRO B 9 -10.29 -6.94 -3.09
C PRO B 9 -9.71 -6.22 -1.87
N ARG B 10 -9.21 -5.03 -2.12
CA ARG B 10 -8.60 -4.19 -1.09
C ARG B 10 -9.36 -4.25 0.24
N PRO B 11 -8.62 -4.48 1.35
CA PRO B 11 -9.15 -4.56 2.71
C PRO B 11 -10.45 -3.77 2.91
N SER B 12 -11.23 -4.18 3.91
CA SER B 12 -12.50 -3.52 4.19
C SER B 12 -12.30 -2.22 4.97
N ALA B 13 -11.21 -1.51 4.68
CA ALA B 13 -10.91 -0.23 5.34
C ALA B 13 -10.63 -0.41 6.82
N ASP B 14 -11.61 -0.88 7.57
CA ASP B 14 -11.47 -1.07 9.01
C ASP B 14 -10.14 -1.70 9.39
N LEU B 15 -9.86 -2.94 8.95
CA LEU B 15 -8.60 -3.56 9.31
C LEU B 15 -7.45 -2.64 8.92
N ILE B 16 -7.69 -1.81 7.91
CA ILE B 16 -6.68 -0.82 7.50
C ILE B 16 -6.60 0.20 8.62
N LEU B 17 -7.78 0.64 9.04
CA LEU B 17 -7.92 1.58 10.14
C LEU B 17 -7.32 0.96 11.39
N ASN B 18 -7.23 -0.36 11.37
CA ASN B 18 -6.67 -1.12 12.48
C ASN B 18 -5.16 -1.30 12.28
N ARG B 19 -4.72 -1.22 11.03
CA ARG B 19 -3.31 -1.43 10.71
C ARG B 19 -2.76 -0.35 9.76
N CYS B 20 -3.09 0.92 10.01
CA CYS B 20 -2.59 2.02 9.18
C CYS B 20 -2.69 3.37 9.91
N SER B 21 -2.10 4.39 9.29
CA SER B 21 -2.12 5.73 9.87
C SER B 21 -3.45 6.42 9.61
N GLU B 22 -3.69 7.52 10.32
CA GLU B 22 -4.93 8.28 10.16
C GLU B 22 -5.02 8.84 8.74
N SER B 23 -3.87 9.12 8.14
CA SER B 23 -3.82 9.66 6.79
C SER B 23 -4.54 8.74 5.81
N THR B 24 -4.00 7.54 5.63
CA THR B 24 -4.60 6.56 4.73
C THR B 24 -6.03 6.26 5.17
N LYS B 25 -6.24 6.28 6.47
CA LYS B 25 -7.55 6.00 7.05
C LYS B 25 -8.57 7.06 6.64
N ARG B 26 -8.17 8.33 6.72
CA ARG B 26 -9.06 9.44 6.36
C ARG B 26 -9.73 9.18 5.02
N LYS B 27 -9.06 8.41 4.17
CA LYS B 27 -9.58 8.07 2.84
C LYS B 27 -10.71 7.04 2.95
N LEU B 28 -10.51 6.04 3.80
CA LEU B 28 -11.50 4.99 4.01
C LEU B 28 -12.44 5.34 5.17
N ALA B 29 -13.20 4.36 5.63
CA ALA B 29 -14.17 4.54 6.73
C ALA B 29 -15.56 4.76 6.17
N SER B 30 -15.62 5.22 4.92
CA SER B 30 -16.90 5.47 4.26
C SER B 30 -16.88 4.94 2.82
N ALA B 31 -15.85 4.15 2.50
CA ALA B 31 -15.73 3.58 1.16
C ALA B 31 -16.35 2.19 1.09
N VAL B 32 -16.49 1.67 -0.12
CA VAL B 32 -17.07 0.34 -0.33
C VAL B 32 -16.61 -0.26 -1.64
N GLN A 1 10.02 3.49 17.06
CA GLN A 1 8.53 3.42 16.94
C GLN A 1 8.03 4.37 15.86
N LEU A 2 8.43 5.63 15.94
CA LEU A 2 8.01 6.64 14.97
C LEU A 2 9.03 6.77 13.84
N LYS A 3 9.89 5.77 13.69
CA LYS A 3 10.91 5.78 12.65
C LYS A 3 10.30 5.43 11.28
N LYS A 4 10.02 4.15 11.08
CA LYS A 4 9.44 3.69 9.82
C LYS A 4 9.13 2.20 9.88
N GLY A 5 8.23 1.76 9.02
CA GLY A 5 7.88 0.35 8.98
C GLY A 5 8.97 -0.48 8.33
N SER A 6 8.77 -0.83 7.06
CA SER A 6 9.73 -1.61 6.30
C SER A 6 9.74 -1.13 4.85
N GLN A 7 10.28 -1.93 3.94
CA GLN A 7 10.32 -1.51 2.54
C GLN A 7 10.32 -2.71 1.59
N VAL A 8 9.91 -2.44 0.35
CA VAL A 8 9.84 -3.46 -0.67
C VAL A 8 9.80 -2.82 -2.06
N GLU A 9 10.79 -3.13 -2.90
CA GLU A 9 10.85 -2.57 -4.24
C GLU A 9 9.58 -2.92 -5.02
N ALA A 10 9.19 -2.05 -5.95
CA ALA A 10 7.99 -2.28 -6.74
C ALA A 10 8.34 -3.05 -8.02
N LEU A 11 7.33 -3.67 -8.61
CA LEU A 11 7.54 -4.44 -9.84
C LEU A 11 6.44 -4.19 -10.86
N PHE A 12 5.40 -3.46 -10.48
CA PHE A 12 4.30 -3.17 -11.40
C PHE A 12 3.76 -1.76 -11.19
N SER A 13 3.36 -1.14 -12.30
CA SER A 13 2.77 0.19 -12.24
C SER A 13 1.31 0.03 -11.86
N TYR A 14 1.02 0.19 -10.58
CA TYR A 14 -0.33 0.02 -10.07
C TYR A 14 -1.21 1.22 -10.35
N GLU A 15 -2.27 0.98 -11.11
CA GLU A 15 -3.22 2.04 -11.44
C GLU A 15 -4.08 2.36 -10.23
N ALA A 16 -3.87 3.53 -9.66
CA ALA A 16 -4.60 3.94 -8.47
C ALA A 16 -5.88 4.69 -8.84
N THR A 17 -7.03 4.07 -8.59
CA THR A 17 -8.31 4.67 -8.88
C THR A 17 -8.92 5.26 -7.61
N GLN A 18 -8.64 4.60 -6.49
CA GLN A 18 -9.15 5.06 -5.19
C GLN A 18 -8.08 5.84 -4.45
N PRO A 19 -8.49 6.71 -3.51
CA PRO A 19 -7.56 7.54 -2.74
C PRO A 19 -6.59 6.72 -1.88
N GLU A 20 -7.13 5.98 -0.92
CA GLU A 20 -6.31 5.17 -0.01
C GLU A 20 -5.25 4.36 -0.77
N ASP A 21 -5.62 3.88 -1.95
CA ASP A 21 -4.70 3.09 -2.77
C ASP A 21 -3.47 3.89 -3.15
N LEU A 22 -2.31 3.42 -2.70
CA LEU A 22 -1.04 4.09 -3.01
C LEU A 22 -0.59 3.70 -4.40
N GLU A 23 -0.53 4.69 -5.30
CA GLU A 23 -0.11 4.44 -6.67
C GLU A 23 1.41 4.45 -6.79
N PHE A 24 1.94 3.53 -7.60
CA PHE A 24 3.39 3.46 -7.79
C PHE A 24 3.73 2.86 -9.15
N GLN A 25 5.00 2.95 -9.53
CA GLN A 25 5.45 2.43 -10.81
C GLN A 25 5.80 0.95 -10.72
N GLU A 26 6.42 0.43 -11.79
CA GLU A 26 6.81 -0.98 -11.83
C GLU A 26 8.25 -1.20 -11.39
N GLY A 27 8.78 -0.27 -10.62
CA GLY A 27 10.15 -0.40 -10.15
C GLY A 27 10.57 0.74 -9.25
N ASP A 28 10.09 0.73 -8.01
CA ASP A 28 10.44 1.78 -7.06
C ASP A 28 10.58 1.25 -5.65
N ILE A 29 11.28 2.02 -4.83
CA ILE A 29 11.52 1.65 -3.45
C ILE A 29 10.53 2.35 -2.52
N ILE A 30 9.34 1.78 -2.40
CA ILE A 30 8.30 2.34 -1.55
C ILE A 30 8.56 1.97 -0.09
N LEU A 31 8.09 2.83 0.82
CA LEU A 31 8.27 2.58 2.24
C LEU A 31 7.04 1.89 2.81
N VAL A 32 7.19 0.62 3.15
CA VAL A 32 6.09 -0.14 3.72
C VAL A 32 5.89 0.28 5.15
N LEU A 33 4.75 0.87 5.45
CA LEU A 33 4.50 1.32 6.81
C LEU A 33 4.06 0.19 7.72
N SER A 34 3.52 -0.88 7.13
CA SER A 34 3.06 -2.04 7.91
C SER A 34 2.19 -2.98 7.07
N LYS A 35 1.90 -4.15 7.63
CA LYS A 35 1.04 -5.12 6.97
C LYS A 35 -0.41 -4.74 7.26
N VAL A 36 -1.24 -4.66 6.23
CA VAL A 36 -2.63 -4.26 6.41
C VAL A 36 -3.61 -5.44 6.34
N ASN A 37 -3.28 -6.46 5.56
CA ASN A 37 -4.16 -7.63 5.44
C ASN A 37 -3.54 -8.72 4.57
N GLU A 38 -2.22 -8.88 4.66
CA GLU A 38 -1.52 -9.88 3.87
C GLU A 38 -1.47 -9.47 2.40
N GLU A 39 -2.65 -9.30 1.80
CA GLU A 39 -2.73 -8.90 0.40
C GLU A 39 -2.74 -7.37 0.27
N TRP A 40 -2.43 -6.69 1.37
CA TRP A 40 -2.39 -5.23 1.41
C TRP A 40 -1.55 -4.75 2.57
N LEU A 41 -1.06 -3.54 2.47
CA LEU A 41 -0.23 -2.97 3.52
C LEU A 41 -0.23 -1.45 3.45
N GLU A 42 0.34 -0.82 4.47
CA GLU A 42 0.38 0.64 4.52
C GLU A 42 1.49 1.17 3.64
N GLY A 43 1.11 2.05 2.72
CA GLY A 43 2.07 2.64 1.81
C GLY A 43 2.28 4.13 2.02
N GLU A 44 3.53 4.52 2.30
CA GLU A 44 3.84 5.93 2.51
C GLU A 44 5.10 6.31 1.75
N SER A 45 4.93 7.02 0.64
CA SER A 45 6.07 7.42 -0.19
C SER A 45 6.14 8.93 -0.38
N LYS A 46 7.12 9.55 0.27
CA LYS A 46 7.32 11.00 0.17
C LYS A 46 6.05 11.80 0.43
N GLY A 47 5.96 12.36 1.64
CA GLY A 47 4.81 13.16 2.03
C GLY A 47 3.50 12.69 1.44
N LYS A 48 3.35 11.37 1.30
CA LYS A 48 2.13 10.79 0.74
C LYS A 48 1.82 9.46 1.41
N VAL A 49 0.62 9.35 1.95
CA VAL A 49 0.21 8.12 2.61
C VAL A 49 -0.91 7.41 1.86
N GLY A 50 -0.81 6.10 1.79
CA GLY A 50 -1.78 5.28 1.10
C GLY A 50 -1.56 3.83 1.41
N ILE A 51 -2.03 2.94 0.54
CA ILE A 51 -1.86 1.50 0.76
C ILE A 51 -1.79 0.73 -0.54
N PHE A 52 -1.14 -0.43 -0.50
CA PHE A 52 -1.01 -1.25 -1.69
C PHE A 52 -0.83 -2.73 -1.35
N PRO A 53 -1.11 -3.62 -2.32
CA PRO A 53 -0.98 -5.07 -2.14
C PRO A 53 0.46 -5.54 -2.23
N LYS A 54 0.93 -6.24 -1.20
CA LYS A 54 2.29 -6.75 -1.16
C LYS A 54 2.65 -7.49 -2.45
N VAL A 55 1.65 -8.04 -3.11
CA VAL A 55 1.87 -8.76 -4.36
C VAL A 55 2.41 -7.82 -5.45
N PHE A 56 2.25 -6.52 -5.24
CA PHE A 56 2.71 -5.53 -6.19
C PHE A 56 4.13 -5.05 -5.91
N VAL A 57 4.84 -5.77 -5.05
CA VAL A 57 6.20 -5.39 -4.72
C VAL A 57 7.09 -6.58 -4.39
N GLU A 58 6.55 -7.80 -4.51
CA GLU A 58 7.32 -9.00 -4.22
C GLU A 58 8.13 -8.81 -2.95
N ASP A 59 9.40 -8.51 -3.15
CA ASP A 59 10.30 -8.27 -2.03
C ASP A 59 11.67 -7.80 -2.51
N SER A 60 12.32 -6.97 -1.69
CA SER A 60 13.64 -6.44 -2.02
C SER A 60 14.41 -6.08 -0.75
N ALA A 61 13.94 -5.05 -0.06
CA ALA A 61 14.59 -4.61 1.18
C ALA A 61 15.98 -4.06 0.89
N THR A 62 16.94 -4.96 0.68
CA THR A 62 18.32 -4.58 0.40
C THR A 62 18.47 -4.17 -1.07
N SER B 1 6.65 -4.00 -19.08
CA SER B 1 6.98 -5.30 -19.73
C SER B 1 6.52 -6.48 -18.87
N LYS B 2 5.33 -6.34 -18.26
CA LYS B 2 4.79 -7.39 -17.42
C LYS B 2 3.33 -7.10 -17.06
N PRO B 3 2.50 -8.14 -17.02
CA PRO B 3 1.08 -8.02 -16.69
C PRO B 3 0.87 -7.98 -15.18
N GLN B 4 0.75 -6.77 -14.65
CA GLN B 4 0.56 -6.58 -13.20
C GLN B 4 -0.52 -7.51 -12.66
N PRO B 5 -0.45 -7.78 -11.35
CA PRO B 5 -1.42 -8.64 -10.68
C PRO B 5 -2.80 -8.02 -10.59
N ALA B 6 -3.79 -8.68 -11.16
CA ALA B 6 -5.16 -8.17 -11.09
C ALA B 6 -5.48 -7.82 -9.65
N VAL B 7 -5.47 -6.52 -9.33
CA VAL B 7 -5.72 -6.09 -7.97
C VAL B 7 -6.96 -6.74 -7.37
N PRO B 8 -6.85 -7.25 -6.14
CA PRO B 8 -7.94 -7.94 -5.44
C PRO B 8 -8.87 -6.98 -4.71
N PRO B 9 -9.97 -7.50 -4.14
CA PRO B 9 -10.93 -6.69 -3.38
C PRO B 9 -10.28 -6.12 -2.13
N ARG B 10 -9.80 -4.90 -2.26
CA ARG B 10 -9.11 -4.19 -1.17
C ARG B 10 -9.77 -4.45 0.18
N PRO B 11 -8.99 -4.19 1.23
CA PRO B 11 -9.41 -4.36 2.63
C PRO B 11 -10.76 -3.73 2.92
N SER B 12 -11.28 -3.98 4.11
CA SER B 12 -12.58 -3.44 4.51
C SER B 12 -12.41 -2.09 5.20
N ALA B 13 -11.33 -1.38 4.86
CA ALA B 13 -11.06 -0.07 5.44
C ALA B 13 -10.73 -0.18 6.92
N ASP B 14 -11.70 -0.62 7.71
CA ASP B 14 -11.50 -0.76 9.15
C ASP B 14 -10.20 -1.48 9.48
N LEU B 15 -10.00 -2.69 8.98
CA LEU B 15 -8.75 -3.39 9.26
C LEU B 15 -7.59 -2.50 8.84
N ILE B 16 -7.82 -1.66 7.84
CA ILE B 16 -6.80 -0.73 7.40
C ILE B 16 -6.61 0.27 8.52
N LEU B 17 -7.75 0.76 9.02
CA LEU B 17 -7.77 1.68 10.13
C LEU B 17 -7.10 1.02 11.34
N ASN B 18 -7.09 -0.30 11.32
CA ASN B 18 -6.47 -1.09 12.36
C ASN B 18 -5.01 -1.37 12.05
N ARG B 19 -4.64 -1.25 10.77
CA ARG B 19 -3.27 -1.51 10.34
C ARG B 19 -2.70 -0.40 9.45
N CYS B 20 -3.05 0.87 9.73
CA CYS B 20 -2.53 1.99 8.94
C CYS B 20 -2.52 3.29 9.73
N SER B 21 -2.05 4.36 9.08
CA SER B 21 -1.98 5.67 9.71
C SER B 21 -3.29 6.43 9.56
N GLU B 22 -3.35 7.63 10.15
CA GLU B 22 -4.54 8.46 10.09
C GLU B 22 -4.75 8.99 8.67
N SER B 23 -3.65 9.24 7.97
CA SER B 23 -3.72 9.76 6.61
C SER B 23 -4.51 8.82 5.71
N THR B 24 -4.00 7.60 5.53
CA THR B 24 -4.67 6.61 4.71
C THR B 24 -6.05 6.28 5.27
N LYS B 25 -6.17 6.39 6.58
CA LYS B 25 -7.43 6.12 7.26
C LYS B 25 -8.51 7.10 6.83
N ARG B 26 -8.11 8.36 6.67
CA ARG B 26 -9.05 9.41 6.25
C ARG B 26 -9.67 9.05 4.90
N LYS B 27 -9.01 8.17 4.16
CA LYS B 27 -9.50 7.73 2.85
C LYS B 27 -10.30 6.44 2.97
N LEU B 28 -10.96 6.26 4.12
CA LEU B 28 -11.76 5.07 4.39
C LEU B 28 -12.48 5.19 5.72
N ALA B 29 -12.94 6.39 6.03
CA ALA B 29 -13.66 6.64 7.27
C ALA B 29 -15.04 6.00 7.24
N SER B 30 -15.62 5.93 6.04
CA SER B 30 -16.94 5.34 5.87
C SER B 30 -16.85 3.97 5.21
N ALA B 31 -15.80 3.76 4.45
CA ALA B 31 -15.59 2.48 3.77
C ALA B 31 -16.69 2.22 2.74
N VAL B 32 -16.29 1.90 1.52
CA VAL B 32 -17.24 1.63 0.44
C VAL B 32 -17.84 0.24 0.58
N GLN A 1 1.82 6.78 18.47
CA GLN A 1 2.55 5.99 17.45
C GLN A 1 4.06 6.00 17.73
N LEU A 2 4.72 4.91 17.37
CA LEU A 2 6.16 4.79 17.57
C LEU A 2 6.68 3.46 17.02
N LYS A 3 6.17 3.07 15.86
CA LYS A 3 6.58 1.82 15.22
C LYS A 3 6.67 1.99 13.71
N LYS A 4 7.86 1.78 13.16
CA LYS A 4 8.07 1.90 11.72
C LYS A 4 7.37 0.76 10.98
N GLY A 5 7.71 0.60 9.71
CA GLY A 5 7.10 -0.45 8.91
C GLY A 5 8.13 -1.42 8.32
N SER A 6 8.50 -1.17 7.08
CA SER A 6 9.48 -1.99 6.37
C SER A 6 9.66 -1.46 4.96
N GLN A 7 10.15 -2.29 4.05
CA GLN A 7 10.35 -1.85 2.67
C GLN A 7 10.20 -3.00 1.68
N VAL A 8 9.82 -2.65 0.46
CA VAL A 8 9.62 -3.63 -0.60
C VAL A 8 9.65 -2.95 -1.97
N GLU A 9 10.61 -3.34 -2.81
CA GLU A 9 10.73 -2.76 -4.14
C GLU A 9 9.48 -3.07 -4.96
N ALA A 10 9.12 -2.16 -5.86
CA ALA A 10 7.95 -2.36 -6.69
C ALA A 10 8.32 -3.07 -7.99
N LEU A 11 7.35 -3.73 -8.60
CA LEU A 11 7.60 -4.47 -9.82
C LEU A 11 6.58 -4.13 -10.92
N PHE A 12 5.58 -3.33 -10.57
CA PHE A 12 4.56 -2.94 -11.54
C PHE A 12 4.02 -1.55 -11.25
N SER A 13 3.22 -1.04 -12.19
CA SER A 13 2.60 0.26 -12.05
C SER A 13 1.13 0.08 -11.69
N TYR A 14 0.81 0.24 -10.42
CA TYR A 14 -0.55 0.05 -9.94
C TYR A 14 -1.42 1.27 -10.22
N GLU A 15 -2.42 1.07 -11.07
CA GLU A 15 -3.36 2.13 -11.40
C GLU A 15 -4.29 2.37 -10.22
N ALA A 16 -4.06 3.44 -9.50
CA ALA A 16 -4.85 3.78 -8.33
C ALA A 16 -6.07 4.62 -8.69
N THR A 17 -7.25 4.02 -8.54
CA THR A 17 -8.50 4.71 -8.84
C THR A 17 -9.15 5.23 -7.56
N GLN A 18 -8.90 4.51 -6.46
CA GLN A 18 -9.46 4.90 -5.16
C GLN A 18 -8.45 5.71 -4.37
N PRO A 19 -8.92 6.46 -3.35
CA PRO A 19 -8.05 7.32 -2.52
C PRO A 19 -6.98 6.54 -1.75
N GLU A 20 -7.37 5.88 -0.66
CA GLU A 20 -6.44 5.13 0.18
C GLU A 20 -5.43 4.33 -0.65
N ASP A 21 -5.85 3.85 -1.81
CA ASP A 21 -4.97 3.07 -2.67
C ASP A 21 -3.74 3.88 -3.08
N LEU A 22 -2.59 3.44 -2.60
CA LEU A 22 -1.33 4.11 -2.91
C LEU A 22 -0.84 3.68 -4.29
N GLU A 23 -0.74 4.64 -5.21
CA GLU A 23 -0.28 4.35 -6.55
C GLU A 23 1.24 4.34 -6.61
N PHE A 24 1.78 3.50 -7.49
CA PHE A 24 3.23 3.41 -7.64
C PHE A 24 3.59 2.69 -8.94
N GLN A 25 4.76 3.04 -9.49
CA GLN A 25 5.23 2.43 -10.72
C GLN A 25 6.01 1.15 -10.45
N GLU A 26 6.54 0.55 -11.50
CA GLU A 26 7.32 -0.69 -11.37
C GLU A 26 8.75 -0.39 -10.97
N GLY A 27 9.42 -1.40 -10.40
CA GLY A 27 10.81 -1.21 -9.97
C GLY A 27 11.00 0.05 -9.16
N ASP A 28 10.21 0.20 -8.10
CA ASP A 28 10.30 1.39 -7.25
C ASP A 28 10.66 1.04 -5.82
N ILE A 29 11.13 2.04 -5.09
CA ILE A 29 11.52 1.85 -3.70
C ILE A 29 10.54 2.54 -2.75
N ILE A 30 9.37 1.94 -2.60
CA ILE A 30 8.35 2.50 -1.71
C ILE A 30 8.64 2.14 -0.26
N LEU A 31 8.10 2.91 0.67
CA LEU A 31 8.31 2.67 2.08
C LEU A 31 7.09 1.98 2.69
N VAL A 32 7.27 0.73 3.09
CA VAL A 32 6.18 -0.01 3.71
C VAL A 32 6.02 0.43 5.13
N LEU A 33 4.85 0.92 5.48
CA LEU A 33 4.62 1.37 6.83
C LEU A 33 4.16 0.23 7.74
N SER A 34 3.62 -0.83 7.16
CA SER A 34 3.14 -1.98 7.92
C SER A 34 2.26 -2.90 7.07
N LYS A 35 2.00 -4.09 7.59
CA LYS A 35 1.14 -5.05 6.91
C LYS A 35 -0.31 -4.68 7.20
N VAL A 36 -1.16 -4.67 6.18
CA VAL A 36 -2.56 -4.29 6.38
C VAL A 36 -3.52 -5.48 6.26
N ASN A 37 -3.15 -6.51 5.49
CA ASN A 37 -4.00 -7.67 5.36
C ASN A 37 -3.32 -8.78 4.55
N GLU A 38 -4.11 -9.77 4.14
CA GLU A 38 -3.60 -10.91 3.38
C GLU A 38 -2.81 -10.48 2.15
N GLU A 39 -3.15 -9.33 1.59
CA GLU A 39 -2.46 -8.83 0.39
C GLU A 39 -2.52 -7.31 0.32
N TRP A 40 -2.20 -6.66 1.42
CA TRP A 40 -2.20 -5.21 1.50
C TRP A 40 -1.37 -4.72 2.67
N LEU A 41 -0.90 -3.49 2.58
CA LEU A 41 -0.07 -2.91 3.62
C LEU A 41 -0.11 -1.39 3.57
N GLU A 42 0.46 -0.76 4.59
CA GLU A 42 0.46 0.70 4.67
C GLU A 42 1.55 1.27 3.78
N GLY A 43 1.15 2.15 2.88
CA GLY A 43 2.08 2.74 1.94
C GLY A 43 2.29 4.24 2.16
N GLU A 44 3.54 4.63 2.36
CA GLU A 44 3.89 6.04 2.55
C GLU A 44 5.10 6.40 1.70
N SER A 45 4.86 7.04 0.55
CA SER A 45 5.94 7.41 -0.34
C SER A 45 5.85 8.87 -0.79
N LYS A 46 6.83 9.67 -0.38
CA LYS A 46 6.88 11.08 -0.74
C LYS A 46 5.67 11.86 -0.23
N GLY A 47 5.79 12.39 0.98
CA GLY A 47 4.71 13.19 1.58
C GLY A 47 3.32 12.75 1.15
N LYS A 48 3.11 11.44 1.08
CA LYS A 48 1.82 10.90 0.67
C LYS A 48 1.57 9.56 1.36
N VAL A 49 0.43 9.46 2.03
CA VAL A 49 0.08 8.24 2.74
C VAL A 49 -1.06 7.50 2.05
N GLY A 50 -0.90 6.19 1.96
CA GLY A 50 -1.89 5.34 1.34
C GLY A 50 -1.60 3.89 1.62
N ILE A 51 -2.11 2.99 0.78
CA ILE A 51 -1.86 1.57 0.97
C ILE A 51 -1.80 0.82 -0.35
N PHE A 52 -1.10 -0.31 -0.36
CA PHE A 52 -0.97 -1.10 -1.57
C PHE A 52 -0.79 -2.58 -1.26
N PRO A 53 -1.09 -3.46 -2.23
CA PRO A 53 -0.97 -4.90 -2.08
C PRO A 53 0.45 -5.39 -2.34
N LYS A 54 1.00 -6.10 -1.36
CA LYS A 54 2.35 -6.64 -1.44
C LYS A 54 2.60 -7.40 -2.74
N VAL A 55 1.53 -7.91 -3.36
CA VAL A 55 1.66 -8.65 -4.61
C VAL A 55 2.42 -7.84 -5.65
N PHE A 56 2.40 -6.51 -5.50
CA PHE A 56 3.10 -5.63 -6.44
C PHE A 56 4.49 -5.29 -5.94
N VAL A 57 4.96 -6.02 -4.93
CA VAL A 57 6.28 -5.77 -4.37
C VAL A 57 6.81 -7.02 -3.67
N GLU A 58 7.38 -7.92 -4.45
CA GLU A 58 7.94 -9.17 -3.92
C GLU A 58 9.09 -8.89 -2.95
N ASP A 59 9.27 -7.63 -2.58
CA ASP A 59 10.32 -7.22 -1.66
C ASP A 59 11.70 -7.34 -2.28
N SER A 60 12.51 -6.29 -2.08
CA SER A 60 13.87 -6.26 -2.60
C SER A 60 14.48 -4.87 -2.41
N ALA A 61 14.20 -4.25 -1.26
CA ALA A 61 14.74 -2.92 -0.96
C ALA A 61 15.55 -2.94 0.33
N THR A 62 16.85 -2.72 0.21
CA THR A 62 17.74 -2.70 1.37
C THR A 62 18.54 -1.41 1.42
N SER B 1 8.13 -4.03 -19.55
CA SER B 1 6.92 -4.69 -20.13
C SER B 1 6.52 -5.92 -19.31
N LYS B 2 5.36 -5.84 -18.68
CA LYS B 2 4.86 -6.95 -17.86
C LYS B 2 3.42 -6.71 -17.45
N PRO B 3 2.61 -7.79 -17.42
CA PRO B 3 1.20 -7.73 -17.05
C PRO B 3 1.03 -7.73 -15.54
N GLN B 4 0.93 -6.54 -14.94
CA GLN B 4 0.78 -6.40 -13.50
C GLN B 4 -0.28 -7.35 -12.96
N PRO B 5 -0.16 -7.68 -11.67
CA PRO B 5 -1.09 -8.59 -10.99
C PRO B 5 -2.48 -7.98 -10.82
N ALA B 6 -3.50 -8.66 -11.31
CA ALA B 6 -4.86 -8.16 -11.15
C ALA B 6 -5.12 -7.83 -9.69
N VAL B 7 -5.06 -6.55 -9.35
CA VAL B 7 -5.25 -6.13 -7.97
C VAL B 7 -6.49 -6.77 -7.35
N PRO B 8 -6.39 -7.25 -6.10
CA PRO B 8 -7.49 -7.92 -5.40
C PRO B 8 -8.44 -6.93 -4.72
N PRO B 9 -9.56 -7.44 -4.18
CA PRO B 9 -10.54 -6.61 -3.48
C PRO B 9 -9.97 -6.06 -2.19
N ARG B 10 -9.46 -4.84 -2.27
CA ARG B 10 -8.85 -4.17 -1.12
C ARG B 10 -9.61 -4.42 0.18
N PRO B 11 -8.90 -4.24 1.29
CA PRO B 11 -9.42 -4.44 2.64
C PRO B 11 -10.77 -3.76 2.85
N SER B 12 -11.37 -3.97 4.01
CA SER B 12 -12.66 -3.38 4.33
C SER B 12 -12.51 -2.01 4.99
N ALA B 13 -11.38 -1.35 4.72
CA ALA B 13 -11.10 -0.03 5.28
C ALA B 13 -10.84 -0.11 6.79
N ASP B 14 -11.80 -0.65 7.53
CA ASP B 14 -11.66 -0.78 8.97
C ASP B 14 -10.41 -1.58 9.33
N LEU B 15 -10.22 -2.75 8.71
CA LEU B 15 -9.02 -3.52 9.03
C LEU B 15 -7.80 -2.69 8.69
N ILE B 16 -7.93 -1.81 7.69
CA ILE B 16 -6.85 -0.92 7.32
C ILE B 16 -6.65 0.07 8.45
N LEU B 17 -7.77 0.56 8.96
CA LEU B 17 -7.77 1.49 10.07
C LEU B 17 -7.07 0.86 11.28
N ASN B 18 -7.00 -0.46 11.26
CA ASN B 18 -6.34 -1.22 12.31
C ASN B 18 -4.87 -1.44 11.97
N ARG B 19 -4.41 -0.88 10.85
CA ARG B 19 -3.03 -1.05 10.41
C ARG B 19 -2.57 0.10 9.51
N CYS B 20 -2.74 1.34 9.98
CA CYS B 20 -2.32 2.50 9.20
C CYS B 20 -2.10 3.72 10.09
N SER B 21 -1.37 4.70 9.58
CA SER B 21 -1.08 5.92 10.33
C SER B 21 -2.36 6.68 10.64
N GLU B 22 -2.85 7.44 9.68
CA GLU B 22 -4.06 8.24 9.85
C GLU B 22 -4.50 8.83 8.52
N SER B 23 -3.54 9.35 7.77
CA SER B 23 -3.82 9.95 6.47
C SER B 23 -4.54 8.95 5.57
N THR B 24 -4.07 7.71 5.58
CA THR B 24 -4.67 6.65 4.79
C THR B 24 -6.06 6.33 5.33
N LYS B 25 -6.18 6.38 6.64
CA LYS B 25 -7.44 6.10 7.30
C LYS B 25 -8.50 7.13 6.94
N ARG B 26 -8.07 8.39 6.84
CA ARG B 26 -8.97 9.48 6.48
C ARG B 26 -9.67 9.19 5.15
N LYS B 27 -8.97 8.47 4.28
CA LYS B 27 -9.52 8.12 2.98
C LYS B 27 -10.64 7.10 3.12
N LEU B 28 -10.58 6.31 4.18
CA LEU B 28 -11.60 5.29 4.44
C LEU B 28 -12.37 5.60 5.71
N ALA B 29 -12.51 6.89 6.01
CA ALA B 29 -13.23 7.32 7.21
C ALA B 29 -14.70 6.94 7.13
N SER B 30 -15.04 5.80 7.71
CA SER B 30 -16.42 5.32 7.71
C SER B 30 -16.93 5.13 6.28
N ALA B 31 -16.03 4.72 5.38
CA ALA B 31 -16.38 4.49 3.99
C ALA B 31 -15.30 3.69 3.27
N VAL B 32 -15.71 2.87 2.31
CA VAL B 32 -14.79 2.05 1.56
C VAL B 32 -14.10 2.86 0.46
N GLN A 1 2.70 -2.30 17.77
CA GLN A 1 3.16 -1.32 18.79
C GLN A 1 3.96 -0.19 18.16
N LEU A 2 5.02 -0.55 17.44
CA LEU A 2 5.87 0.44 16.78
C LEU A 2 5.17 1.02 15.55
N LYS A 3 5.39 2.30 15.29
CA LYS A 3 4.79 2.97 14.16
C LYS A 3 5.79 3.14 13.03
N LYS A 4 6.71 2.18 12.92
CA LYS A 4 7.73 2.22 11.87
C LYS A 4 7.21 1.61 10.58
N GLY A 5 8.11 1.42 9.62
CA GLY A 5 7.72 0.86 8.35
C GLY A 5 8.88 0.23 7.60
N SER A 6 8.69 -1.01 7.18
CA SER A 6 9.72 -1.73 6.42
C SER A 6 9.72 -1.23 4.98
N GLN A 7 10.18 -2.06 4.04
CA GLN A 7 10.21 -1.67 2.64
C GLN A 7 10.08 -2.86 1.70
N VAL A 8 9.69 -2.57 0.46
CA VAL A 8 9.52 -3.59 -0.57
C VAL A 8 9.56 -2.96 -1.95
N GLU A 9 10.54 -3.37 -2.76
CA GLU A 9 10.67 -2.82 -4.11
C GLU A 9 9.41 -3.12 -4.93
N ALA A 10 9.08 -2.21 -5.83
CA ALA A 10 7.91 -2.38 -6.68
C ALA A 10 8.27 -3.10 -7.98
N LEU A 11 7.28 -3.68 -8.64
CA LEU A 11 7.53 -4.40 -9.87
C LEU A 11 6.51 -4.08 -10.95
N PHE A 12 5.50 -3.28 -10.60
CA PHE A 12 4.47 -2.90 -11.56
C PHE A 12 3.94 -1.50 -11.29
N SER A 13 3.11 -1.01 -12.21
CA SER A 13 2.51 0.30 -12.08
C SER A 13 1.03 0.14 -11.71
N TYR A 14 0.73 0.28 -10.43
CA TYR A 14 -0.63 0.12 -9.95
C TYR A 14 -1.48 1.35 -10.21
N GLU A 15 -2.49 1.20 -11.07
CA GLU A 15 -3.40 2.29 -11.37
C GLU A 15 -4.35 2.49 -10.20
N ALA A 16 -4.09 3.52 -9.42
CA ALA A 16 -4.90 3.82 -8.25
C ALA A 16 -6.06 4.75 -8.58
N THR A 17 -7.27 4.26 -8.37
CA THR A 17 -8.47 5.04 -8.63
C THR A 17 -9.01 5.63 -7.33
N GLN A 18 -8.94 4.84 -6.26
CA GLN A 18 -9.40 5.29 -4.96
C GLN A 18 -8.28 6.00 -4.20
N PRO A 19 -8.62 6.88 -3.25
CA PRO A 19 -7.64 7.63 -2.48
C PRO A 19 -6.72 6.74 -1.63
N GLU A 20 -7.30 6.00 -0.69
CA GLU A 20 -6.51 5.13 0.19
C GLU A 20 -5.51 4.29 -0.60
N ASP A 21 -5.84 3.98 -1.85
CA ASP A 21 -4.97 3.19 -2.70
C ASP A 21 -3.72 3.97 -3.09
N LEU A 22 -2.58 3.51 -2.60
CA LEU A 22 -1.30 4.14 -2.89
C LEU A 22 -0.81 3.72 -4.26
N GLU A 23 -0.76 4.67 -5.19
CA GLU A 23 -0.31 4.37 -6.54
C GLU A 23 1.21 4.36 -6.63
N PHE A 24 1.75 3.52 -7.49
CA PHE A 24 3.19 3.43 -7.66
C PHE A 24 3.55 2.73 -8.96
N GLN A 25 4.71 3.07 -9.51
CA GLN A 25 5.18 2.46 -10.76
C GLN A 25 5.99 1.21 -10.49
N GLU A 26 6.42 0.54 -11.56
CA GLU A 26 7.20 -0.69 -11.43
C GLU A 26 8.63 -0.37 -11.01
N GLY A 27 9.30 -1.35 -10.42
CA GLY A 27 10.67 -1.16 -9.97
C GLY A 27 10.83 0.11 -9.16
N ASP A 28 10.14 0.20 -8.03
CA ASP A 28 10.21 1.38 -7.18
C ASP A 28 10.56 1.03 -5.75
N ILE A 29 11.05 2.02 -5.01
CA ILE A 29 11.43 1.83 -3.62
C ILE A 29 10.41 2.46 -2.69
N ILE A 30 9.25 1.83 -2.56
CA ILE A 30 8.19 2.33 -1.69
C ILE A 30 8.49 1.98 -0.23
N LEU A 31 7.87 2.72 0.68
CA LEU A 31 8.07 2.48 2.11
C LEU A 31 6.87 1.79 2.72
N VAL A 32 7.07 0.58 3.20
CA VAL A 32 6.00 -0.19 3.83
C VAL A 32 5.84 0.25 5.27
N LEU A 33 4.76 0.93 5.57
CA LEU A 33 4.56 1.39 6.94
C LEU A 33 4.03 0.29 7.85
N SER A 34 3.46 -0.77 7.25
CA SER A 34 2.92 -1.88 8.04
C SER A 34 2.10 -2.83 7.18
N LYS A 35 1.81 -4.01 7.74
CA LYS A 35 0.98 -4.99 7.06
C LYS A 35 -0.48 -4.62 7.26
N VAL A 36 -1.29 -4.69 6.21
CA VAL A 36 -2.69 -4.30 6.32
C VAL A 36 -3.66 -5.48 6.18
N ASN A 37 -3.27 -6.53 5.48
CA ASN A 37 -4.14 -7.69 5.32
C ASN A 37 -3.49 -8.78 4.48
N GLU A 38 -2.16 -8.94 4.61
CA GLU A 38 -1.43 -9.94 3.85
C GLU A 38 -1.29 -9.51 2.39
N GLU A 39 -2.44 -9.31 1.73
CA GLU A 39 -2.46 -8.87 0.34
C GLU A 39 -2.50 -7.34 0.25
N TRP A 40 -2.23 -6.69 1.37
CA TRP A 40 -2.23 -5.23 1.44
C TRP A 40 -1.41 -4.76 2.63
N LEU A 41 -0.99 -3.51 2.59
CA LEU A 41 -0.19 -2.93 3.64
C LEU A 41 -0.24 -1.40 3.59
N GLU A 42 0.30 -0.75 4.61
CA GLU A 42 0.29 0.70 4.65
C GLU A 42 1.39 1.26 3.77
N GLY A 43 1.02 2.25 2.97
CA GLY A 43 1.96 2.85 2.06
C GLY A 43 2.22 4.32 2.36
N GLU A 44 3.48 4.65 2.60
CA GLU A 44 3.87 6.03 2.89
C GLU A 44 5.19 6.36 2.21
N SER A 45 5.11 6.77 0.94
CA SER A 45 6.30 7.11 0.17
C SER A 45 6.61 8.61 0.25
N LYS A 46 7.19 9.13 -0.82
CA LYS A 46 7.56 10.54 -0.89
C LYS A 46 6.37 11.45 -0.61
N GLY A 47 6.26 11.93 0.63
CA GLY A 47 5.17 12.81 1.01
C GLY A 47 3.82 12.37 0.47
N LYS A 48 3.52 11.09 0.65
CA LYS A 48 2.25 10.55 0.18
C LYS A 48 1.85 9.34 1.01
N VAL A 49 0.64 9.38 1.57
CA VAL A 49 0.16 8.28 2.39
C VAL A 49 -0.95 7.51 1.67
N GLY A 50 -0.94 6.21 1.82
CA GLY A 50 -1.91 5.35 1.20
C GLY A 50 -1.65 3.89 1.52
N ILE A 51 -2.03 3.00 0.61
CA ILE A 51 -1.81 1.57 0.82
C ILE A 51 -1.63 0.84 -0.49
N PHE A 52 -0.92 -0.28 -0.45
CA PHE A 52 -0.68 -1.07 -1.65
C PHE A 52 -0.57 -2.56 -1.34
N PRO A 53 -0.99 -3.41 -2.29
CA PRO A 53 -0.93 -4.86 -2.13
C PRO A 53 0.46 -5.41 -2.38
N LYS A 54 1.01 -6.09 -1.37
CA LYS A 54 2.34 -6.67 -1.45
C LYS A 54 2.59 -7.41 -2.76
N VAL A 55 1.52 -7.93 -3.37
CA VAL A 55 1.65 -8.66 -4.63
C VAL A 55 2.40 -7.83 -5.67
N PHE A 56 2.37 -6.51 -5.51
CA PHE A 56 3.05 -5.60 -6.44
C PHE A 56 4.44 -5.24 -5.93
N VAL A 57 4.91 -5.96 -4.92
CA VAL A 57 6.22 -5.69 -4.36
C VAL A 57 6.79 -6.93 -3.66
N GLU A 58 7.37 -7.82 -4.43
CA GLU A 58 7.96 -9.04 -3.89
C GLU A 58 9.10 -8.73 -2.92
N ASP A 59 9.26 -7.46 -2.59
CA ASP A 59 10.29 -6.99 -1.67
C ASP A 59 11.69 -7.17 -2.24
N SER A 60 12.63 -6.41 -1.67
CA SER A 60 14.02 -6.46 -2.09
C SER A 60 14.96 -6.06 -0.96
N ALA A 61 14.59 -5.00 -0.23
CA ALA A 61 15.41 -4.52 0.88
C ALA A 61 14.97 -5.17 2.19
N THR A 62 15.38 -6.42 2.40
CA THR A 62 15.02 -7.14 3.61
C THR A 62 16.02 -6.85 4.73
N SER B 1 8.45 -5.63 -20.66
CA SER B 1 6.96 -5.55 -20.52
C SER B 1 6.44 -6.67 -19.60
N LYS B 2 5.39 -6.37 -18.85
CA LYS B 2 4.80 -7.34 -17.95
C LYS B 2 3.41 -6.91 -17.51
N PRO B 3 2.45 -7.86 -17.48
CA PRO B 3 1.07 -7.60 -17.09
C PRO B 3 0.91 -7.62 -15.58
N GLN B 4 0.81 -6.43 -14.98
CA GLN B 4 0.66 -6.31 -13.53
C GLN B 4 -0.40 -7.28 -12.99
N PRO B 5 -0.27 -7.64 -11.72
CA PRO B 5 -1.21 -8.54 -11.05
C PRO B 5 -2.58 -7.92 -10.87
N ALA B 6 -3.62 -8.56 -11.40
CA ALA B 6 -4.98 -8.05 -11.23
C ALA B 6 -5.22 -7.76 -9.76
N VAL B 7 -5.17 -6.48 -9.40
CA VAL B 7 -5.35 -6.09 -8.00
C VAL B 7 -6.60 -6.75 -7.40
N PRO B 8 -6.48 -7.25 -6.16
CA PRO B 8 -7.57 -7.93 -5.46
C PRO B 8 -8.52 -6.98 -4.75
N PRO B 9 -9.62 -7.52 -4.19
CA PRO B 9 -10.60 -6.72 -3.45
C PRO B 9 -10.00 -6.14 -2.18
N ARG B 10 -9.53 -4.92 -2.30
CA ARG B 10 -8.87 -4.21 -1.19
C ARG B 10 -9.56 -4.47 0.15
N PRO B 11 -8.79 -4.22 1.22
CA PRO B 11 -9.24 -4.41 2.61
C PRO B 11 -10.59 -3.78 2.87
N SER B 12 -11.14 -4.05 4.06
CA SER B 12 -12.44 -3.51 4.44
C SER B 12 -12.28 -2.16 5.15
N ALA B 13 -11.21 -1.45 4.82
CA ALA B 13 -10.94 -0.14 5.42
C ALA B 13 -10.64 -0.26 6.90
N ASP B 14 -11.61 -0.69 7.68
CA ASP B 14 -11.44 -0.85 9.12
C ASP B 14 -10.11 -1.52 9.47
N LEU B 15 -9.87 -2.75 8.99
CA LEU B 15 -8.61 -3.40 9.31
C LEU B 15 -7.46 -2.50 8.88
N ILE B 16 -7.72 -1.67 7.88
CA ILE B 16 -6.72 -0.69 7.43
C ILE B 16 -6.58 0.32 8.56
N LEU B 17 -7.72 0.78 9.03
CA LEU B 17 -7.78 1.71 10.14
C LEU B 17 -7.15 1.07 11.37
N ASN B 18 -7.10 -0.26 11.35
CA ASN B 18 -6.51 -1.03 12.41
C ASN B 18 -5.03 -1.26 12.16
N ARG B 19 -4.62 -1.14 10.88
CA ARG B 19 -3.23 -1.37 10.51
C ARG B 19 -2.71 -0.30 9.54
N CYS B 20 -3.00 0.98 9.83
CA CYS B 20 -2.51 2.07 8.97
C CYS B 20 -2.44 3.40 9.73
N SER B 21 -2.00 4.44 9.04
CA SER B 21 -1.89 5.77 9.61
C SER B 21 -3.21 6.53 9.50
N GLU B 22 -3.30 7.65 10.19
CA GLU B 22 -4.51 8.46 10.17
C GLU B 22 -4.77 9.00 8.78
N SER B 23 -3.71 9.23 8.01
CA SER B 23 -3.81 9.74 6.66
C SER B 23 -4.64 8.80 5.79
N THR B 24 -4.13 7.59 5.59
CA THR B 24 -4.82 6.59 4.78
C THR B 24 -6.17 6.26 5.39
N LYS B 25 -6.24 6.34 6.71
CA LYS B 25 -7.47 6.05 7.43
C LYS B 25 -8.61 6.98 7.02
N ARG B 26 -8.27 8.23 6.74
CA ARG B 26 -9.26 9.22 6.33
C ARG B 26 -9.75 8.95 4.90
N LYS B 27 -9.11 8.01 4.22
CA LYS B 27 -9.49 7.67 2.85
C LYS B 27 -10.37 6.43 2.82
N LEU B 28 -11.19 6.28 3.86
CA LEU B 28 -12.10 5.14 3.98
C LEU B 28 -13.10 5.36 5.11
N ALA B 29 -12.72 5.01 6.33
CA ALA B 29 -13.60 5.18 7.49
C ALA B 29 -15.00 4.63 7.22
N SER B 30 -15.08 3.64 6.32
CA SER B 30 -16.36 3.04 5.97
C SER B 30 -16.18 1.95 4.92
N ALA B 31 -15.56 2.32 3.80
CA ALA B 31 -15.32 1.38 2.72
C ALA B 31 -16.63 0.89 2.12
N VAL B 32 -17.07 1.54 1.05
CA VAL B 32 -18.32 1.17 0.38
C VAL B 32 -18.06 0.63 -1.03
N GLN A 1 7.43 11.45 18.95
CA GLN A 1 7.92 10.06 18.81
C GLN A 1 8.33 9.75 17.38
N LEU A 2 9.27 8.82 17.22
CA LEU A 2 9.75 8.44 15.90
C LEU A 2 9.71 6.93 15.72
N LYS A 3 9.56 6.49 14.47
CA LYS A 3 9.50 5.07 14.16
C LYS A 3 9.41 4.85 12.66
N LYS A 4 9.71 3.62 12.23
CA LYS A 4 9.66 3.28 10.81
C LYS A 4 9.06 1.89 10.60
N GLY A 5 8.49 1.68 9.42
CA GLY A 5 7.90 0.39 9.12
C GLY A 5 8.88 -0.52 8.39
N SER A 6 8.58 -0.82 7.14
CA SER A 6 9.43 -1.66 6.32
C SER A 6 9.41 -1.17 4.88
N GLN A 7 10.12 -1.85 3.98
CA GLN A 7 10.15 -1.42 2.59
C GLN A 7 10.40 -2.59 1.63
N VAL A 8 9.97 -2.40 0.39
CA VAL A 8 10.15 -3.41 -0.66
C VAL A 8 10.02 -2.78 -2.04
N GLU A 9 10.99 -3.04 -2.91
CA GLU A 9 10.95 -2.48 -4.25
C GLU A 9 9.69 -2.95 -4.97
N ALA A 10 9.19 -2.15 -5.90
CA ALA A 10 7.99 -2.51 -6.63
C ALA A 10 8.34 -3.30 -7.88
N LEU A 11 7.34 -3.92 -8.50
CA LEU A 11 7.56 -4.72 -9.69
C LEU A 11 6.54 -4.40 -10.79
N PHE A 12 5.55 -3.58 -10.46
CA PHE A 12 4.53 -3.23 -11.43
C PHE A 12 4.05 -1.79 -11.24
N SER A 13 3.15 -1.36 -12.11
CA SER A 13 2.58 -0.03 -12.03
C SER A 13 1.08 -0.12 -11.72
N TYR A 14 0.75 0.10 -10.46
CA TYR A 14 -0.63 0.03 -10.01
C TYR A 14 -1.37 1.31 -10.37
N GLU A 15 -2.45 1.16 -11.14
CA GLU A 15 -3.27 2.29 -11.59
C GLU A 15 -4.19 2.82 -10.49
N ALA A 16 -3.87 2.48 -9.25
CA ALA A 16 -4.65 2.91 -8.10
C ALA A 16 -5.15 4.35 -8.24
N THR A 17 -6.45 4.49 -8.45
CA THR A 17 -7.06 5.81 -8.61
C THR A 17 -7.70 6.25 -7.29
N GLN A 18 -8.36 5.32 -6.62
CA GLN A 18 -9.02 5.61 -5.36
C GLN A 18 -8.06 6.32 -4.40
N PRO A 19 -8.60 6.96 -3.35
CA PRO A 19 -7.80 7.71 -2.37
C PRO A 19 -6.76 6.85 -1.63
N GLU A 20 -7.20 6.10 -0.64
CA GLU A 20 -6.30 5.27 0.17
C GLU A 20 -5.33 4.46 -0.71
N ASP A 21 -5.82 3.92 -1.82
CA ASP A 21 -4.99 3.13 -2.72
C ASP A 21 -3.75 3.91 -3.16
N LEU A 22 -2.59 3.45 -2.71
CA LEU A 22 -1.33 4.09 -3.05
C LEU A 22 -0.89 3.68 -4.46
N GLU A 23 -0.80 4.65 -5.36
CA GLU A 23 -0.40 4.40 -6.73
C GLU A 23 1.12 4.47 -6.87
N PHE A 24 1.68 3.53 -7.62
CA PHE A 24 3.13 3.50 -7.83
C PHE A 24 3.48 2.76 -9.11
N GLN A 25 4.69 3.00 -9.62
CA GLN A 25 5.15 2.35 -10.84
C GLN A 25 6.02 1.14 -10.52
N GLU A 26 6.28 0.32 -11.53
CA GLU A 26 7.11 -0.88 -11.35
C GLU A 26 8.52 -0.50 -10.95
N GLY A 27 9.23 -1.45 -10.32
CA GLY A 27 10.59 -1.20 -9.88
C GLY A 27 10.74 0.12 -9.15
N ASP A 28 9.96 0.30 -8.09
CA ASP A 28 10.00 1.53 -7.31
C ASP A 28 10.39 1.27 -5.86
N ILE A 29 10.89 2.31 -5.21
CA ILE A 29 11.30 2.21 -3.82
C ILE A 29 10.20 2.69 -2.88
N ILE A 30 9.23 1.83 -2.62
CA ILE A 30 8.12 2.16 -1.75
C ILE A 30 8.52 2.03 -0.28
N LEU A 31 7.77 2.71 0.59
CA LEU A 31 8.04 2.66 2.02
C LEU A 31 6.85 2.02 2.74
N VAL A 32 6.96 0.73 3.00
CA VAL A 32 5.90 0.01 3.68
C VAL A 32 5.82 0.47 5.11
N LEU A 33 4.76 1.16 5.47
CA LEU A 33 4.62 1.64 6.83
C LEU A 33 4.13 0.55 7.78
N SER A 34 3.54 -0.50 7.22
CA SER A 34 3.04 -1.61 8.03
C SER A 34 2.28 -2.62 7.20
N LYS A 35 2.06 -3.80 7.78
CA LYS A 35 1.30 -4.85 7.12
C LYS A 35 -0.18 -4.60 7.39
N VAL A 36 -1.00 -4.63 6.36
CA VAL A 36 -2.43 -4.37 6.55
C VAL A 36 -3.27 -5.64 6.50
N ASN A 37 -3.37 -6.29 5.35
CA ASN A 37 -4.16 -7.53 5.26
C ASN A 37 -3.38 -8.64 4.56
N GLU A 38 -4.10 -9.69 4.14
CA GLU A 38 -3.49 -10.82 3.46
C GLU A 38 -2.71 -10.41 2.23
N GLU A 39 -3.19 -9.38 1.53
CA GLU A 39 -2.53 -8.92 0.30
C GLU A 39 -2.58 -7.40 0.21
N TRP A 40 -2.26 -6.74 1.32
CA TRP A 40 -2.25 -5.28 1.37
C TRP A 40 -1.44 -4.80 2.56
N LEU A 41 -1.02 -3.56 2.51
CA LEU A 41 -0.23 -2.97 3.58
C LEU A 41 -0.30 -1.45 3.53
N GLU A 42 0.28 -0.82 4.53
CA GLU A 42 0.28 0.63 4.60
C GLU A 42 1.35 1.20 3.68
N GLY A 43 0.93 2.10 2.80
CA GLY A 43 1.85 2.69 1.86
C GLY A 43 2.04 4.19 2.04
N GLU A 44 3.27 4.59 2.36
CA GLU A 44 3.60 5.99 2.54
C GLU A 44 4.87 6.32 1.77
N SER A 45 4.74 6.73 0.51
CA SER A 45 5.89 7.03 -0.31
C SER A 45 6.21 8.53 -0.32
N LYS A 46 6.46 9.08 0.86
CA LYS A 46 6.78 10.50 1.02
C LYS A 46 6.00 11.38 0.04
N GLY A 47 4.86 11.89 0.49
CA GLY A 47 4.06 12.74 -0.37
C GLY A 47 2.58 12.40 -0.29
N LYS A 48 2.29 11.13 -0.04
CA LYS A 48 0.90 10.68 0.05
C LYS A 48 0.82 9.37 0.80
N VAL A 49 0.02 9.34 1.85
CA VAL A 49 -0.13 8.13 2.64
C VAL A 49 -1.35 7.34 2.21
N GLY A 50 -1.10 6.15 1.70
CA GLY A 50 -2.15 5.28 1.25
C GLY A 50 -1.82 3.83 1.55
N ILE A 51 -2.25 2.93 0.68
CA ILE A 51 -1.97 1.51 0.87
C ILE A 51 -1.84 0.79 -0.46
N PHE A 52 -1.22 -0.39 -0.44
CA PHE A 52 -1.03 -1.15 -1.65
C PHE A 52 -0.77 -2.63 -1.38
N PRO A 53 -1.09 -3.49 -2.36
CA PRO A 53 -0.88 -4.95 -2.25
C PRO A 53 0.59 -5.33 -2.34
N LYS A 54 1.08 -6.04 -1.34
CA LYS A 54 2.47 -6.47 -1.28
C LYS A 54 2.88 -7.20 -2.57
N VAL A 55 1.93 -7.85 -3.22
CA VAL A 55 2.21 -8.58 -4.46
C VAL A 55 2.95 -7.67 -5.46
N PHE A 56 2.74 -6.37 -5.34
CA PHE A 56 3.39 -5.41 -6.22
C PHE A 56 4.75 -4.98 -5.69
N VAL A 57 5.23 -5.69 -4.67
CA VAL A 57 6.51 -5.37 -4.06
C VAL A 57 7.11 -6.60 -3.38
N GLU A 58 7.08 -7.73 -4.07
CA GLU A 58 7.60 -8.98 -3.54
C GLU A 58 9.12 -8.98 -3.42
N ASP A 59 9.72 -7.81 -3.55
CA ASP A 59 11.18 -7.69 -3.46
C ASP A 59 11.58 -6.56 -2.51
N SER A 60 12.72 -6.75 -1.84
CA SER A 60 13.23 -5.76 -0.90
C SER A 60 14.04 -4.69 -1.62
N ALA A 61 14.31 -3.60 -0.92
CA ALA A 61 15.08 -2.50 -1.49
C ALA A 61 16.33 -2.21 -0.66
N THR A 62 16.87 -3.25 -0.04
CA THR A 62 18.06 -3.11 0.78
C THR A 62 19.26 -3.79 0.13
N SER B 1 6.31 -4.46 -20.15
CA SER B 1 7.36 -5.48 -19.89
C SER B 1 6.80 -6.65 -19.09
N LYS B 2 5.81 -6.36 -18.25
CA LYS B 2 5.19 -7.39 -17.42
C LYS B 2 3.74 -7.03 -17.10
N PRO B 3 2.84 -8.03 -17.15
CA PRO B 3 1.42 -7.85 -16.86
C PRO B 3 1.15 -7.87 -15.36
N GLN B 4 1.03 -6.69 -14.77
CA GLN B 4 0.79 -6.57 -13.33
C GLN B 4 -0.32 -7.50 -12.87
N PRO B 5 -0.31 -7.84 -11.58
CA PRO B 5 -1.31 -8.73 -10.99
C PRO B 5 -2.65 -8.03 -10.82
N ALA B 6 -3.71 -8.62 -11.38
CA ALA B 6 -5.04 -8.04 -11.24
C ALA B 6 -5.31 -7.73 -9.78
N VAL B 7 -5.20 -6.46 -9.41
CA VAL B 7 -5.40 -6.07 -8.01
C VAL B 7 -6.69 -6.66 -7.45
N PRO B 8 -6.62 -7.18 -6.22
CA PRO B 8 -7.76 -7.81 -5.55
C PRO B 8 -8.66 -6.80 -4.83
N PRO B 9 -9.80 -7.26 -4.30
CA PRO B 9 -10.73 -6.40 -3.56
C PRO B 9 -10.11 -5.94 -2.25
N ARG B 10 -9.56 -4.74 -2.30
CA ARG B 10 -8.89 -4.13 -1.16
C ARG B 10 -9.63 -4.39 0.15
N PRO B 11 -8.88 -4.25 1.26
CA PRO B 11 -9.38 -4.46 2.62
C PRO B 11 -10.71 -3.78 2.87
N SER B 12 -11.27 -4.01 4.06
CA SER B 12 -12.55 -3.41 4.42
C SER B 12 -12.36 -2.04 5.07
N ALA B 13 -11.24 -1.40 4.77
CA ALA B 13 -10.93 -0.08 5.32
C ALA B 13 -10.65 -0.15 6.82
N ASP B 14 -11.64 -0.61 7.58
CA ASP B 14 -11.49 -0.71 9.02
C ASP B 14 -10.20 -1.45 9.41
N LEU B 15 -10.03 -2.70 8.96
CA LEU B 15 -8.80 -3.40 9.31
C LEU B 15 -7.60 -2.57 8.89
N ILE B 16 -7.79 -1.76 7.85
CA ILE B 16 -6.75 -0.85 7.41
C ILE B 16 -6.56 0.18 8.50
N LEU B 17 -7.69 0.71 8.95
CA LEU B 17 -7.71 1.67 10.04
C LEU B 17 -7.09 1.03 11.28
N ASN B 18 -7.11 -0.29 11.29
CA ASN B 18 -6.54 -1.07 12.37
C ASN B 18 -5.06 -1.39 12.10
N ARG B 19 -4.68 -1.33 10.82
CA ARG B 19 -3.32 -1.64 10.41
C ARG B 19 -2.71 -0.55 9.51
N CYS B 20 -3.00 0.72 9.78
CA CYS B 20 -2.44 1.81 8.98
C CYS B 20 -2.31 3.10 9.76
N SER B 21 -1.81 4.13 9.08
CA SER B 21 -1.62 5.45 9.69
C SER B 21 -2.90 6.27 9.63
N GLU B 22 -2.96 7.32 10.44
CA GLU B 22 -4.14 8.18 10.47
C GLU B 22 -4.36 8.84 9.11
N SER B 23 -3.27 9.04 8.37
CA SER B 23 -3.36 9.65 7.05
C SER B 23 -4.16 8.77 6.09
N THR B 24 -3.65 7.58 5.81
CA THR B 24 -4.34 6.64 4.93
C THR B 24 -5.73 6.32 5.47
N LYS B 25 -5.85 6.34 6.79
CA LYS B 25 -7.12 6.05 7.46
C LYS B 25 -8.19 7.03 7.01
N ARG B 26 -7.87 8.31 7.04
CA ARG B 26 -8.82 9.35 6.63
C ARG B 26 -9.39 9.05 5.25
N LYS B 27 -8.60 8.38 4.43
CA LYS B 27 -9.03 8.02 3.08
C LYS B 27 -10.19 7.05 3.13
N LEU B 28 -10.26 6.26 4.19
CA LEU B 28 -11.33 5.29 4.37
C LEU B 28 -12.14 5.58 5.62
N ALA B 29 -13.11 4.72 5.93
CA ALA B 29 -13.96 4.89 7.09
C ALA B 29 -14.79 3.64 7.35
N SER B 30 -15.39 3.11 6.28
CA SER B 30 -16.22 1.92 6.39
C SER B 30 -16.14 1.08 5.11
N ALA B 31 -15.07 1.27 4.35
CA ALA B 31 -14.87 0.53 3.11
C ALA B 31 -15.99 0.81 2.10
N VAL B 32 -17.13 0.13 2.28
CA VAL B 32 -18.28 0.31 1.40
C VAL B 32 -19.44 0.96 2.13
N GLN A 1 6.56 3.01 21.17
CA GLN A 1 7.81 2.93 20.37
C GLN A 1 7.83 1.68 19.51
N LEU A 2 6.78 1.50 18.72
CA LEU A 2 6.67 0.33 17.83
C LEU A 2 6.10 0.73 16.48
N LYS A 3 6.35 1.96 16.07
CA LYS A 3 5.86 2.47 14.80
C LYS A 3 6.94 2.36 13.72
N LYS A 4 6.85 1.31 12.90
CA LYS A 4 7.83 1.10 11.83
C LYS A 4 7.27 0.15 10.78
N GLY A 5 7.93 0.11 9.63
CA GLY A 5 7.53 -0.75 8.56
C GLY A 5 8.67 -1.02 7.61
N SER A 6 8.70 -2.23 7.08
CA SER A 6 9.75 -2.63 6.15
C SER A 6 9.57 -1.95 4.80
N GLN A 7 10.32 -2.42 3.80
CA GLN A 7 10.23 -1.82 2.46
C GLN A 7 10.56 -2.84 1.38
N VAL A 8 10.12 -2.54 0.15
CA VAL A 8 10.36 -3.41 -0.99
C VAL A 8 10.19 -2.64 -2.30
N GLU A 9 11.08 -2.88 -3.25
CA GLU A 9 11.01 -2.20 -4.54
C GLU A 9 9.75 -2.63 -5.28
N ALA A 10 9.27 -1.78 -6.19
CA ALA A 10 8.08 -2.10 -6.95
C ALA A 10 8.43 -2.83 -8.24
N LEU A 11 7.43 -3.38 -8.91
CA LEU A 11 7.65 -4.11 -10.16
C LEU A 11 6.62 -3.75 -11.24
N PHE A 12 5.61 -2.97 -10.86
CA PHE A 12 4.58 -2.57 -11.81
C PHE A 12 4.04 -1.19 -11.48
N SER A 13 3.15 -0.71 -12.36
CA SER A 13 2.51 0.58 -12.16
C SER A 13 1.05 0.37 -11.77
N TYR A 14 0.75 0.52 -10.50
CA TYR A 14 -0.60 0.31 -10.00
C TYR A 14 -1.50 1.50 -10.28
N GLU A 15 -2.50 1.29 -11.14
CA GLU A 15 -3.45 2.34 -11.46
C GLU A 15 -4.36 2.58 -10.26
N ALA A 16 -4.16 3.71 -9.61
CA ALA A 16 -4.93 4.05 -8.42
C ALA A 16 -6.19 4.83 -8.77
N THR A 17 -7.34 4.22 -8.49
CA THR A 17 -8.64 4.85 -8.76
C THR A 17 -9.19 5.46 -7.48
N GLN A 18 -8.92 4.81 -6.35
CA GLN A 18 -9.37 5.28 -5.06
C GLN A 18 -8.24 6.00 -4.33
N PRO A 19 -8.57 6.87 -3.35
CA PRO A 19 -7.58 7.64 -2.60
C PRO A 19 -6.64 6.78 -1.77
N GLU A 20 -7.17 6.08 -0.76
CA GLU A 20 -6.36 5.24 0.12
C GLU A 20 -5.38 4.36 -0.66
N ASP A 21 -5.78 3.93 -1.85
CA ASP A 21 -4.92 3.10 -2.68
C ASP A 21 -3.60 3.80 -2.97
N LEU A 22 -2.50 3.18 -2.58
CA LEU A 22 -1.18 3.74 -2.79
C LEU A 22 -0.73 3.50 -4.24
N GLU A 23 -0.78 4.55 -5.03
CA GLU A 23 -0.39 4.46 -6.43
C GLU A 23 1.11 4.53 -6.59
N PHE A 24 1.65 3.78 -7.54
CA PHE A 24 3.09 3.77 -7.78
C PHE A 24 3.41 3.17 -9.15
N GLN A 25 4.65 3.36 -9.58
CA GLN A 25 5.11 2.85 -10.86
C GLN A 25 5.98 1.61 -10.67
N GLU A 26 6.32 0.95 -11.78
CA GLU A 26 7.14 -0.25 -11.72
C GLU A 26 8.57 0.09 -11.30
N GLY A 27 9.25 -0.89 -10.70
CA GLY A 27 10.62 -0.67 -10.26
C GLY A 27 10.78 0.62 -9.47
N ASP A 28 10.08 0.72 -8.34
CA ASP A 28 10.15 1.91 -7.51
C ASP A 28 10.50 1.56 -6.08
N ILE A 29 10.99 2.56 -5.34
CA ILE A 29 11.37 2.37 -3.94
C ILE A 29 10.22 2.73 -3.02
N ILE A 30 9.41 1.74 -2.69
CA ILE A 30 8.26 1.95 -1.80
C ILE A 30 8.63 1.64 -0.36
N LEU A 31 7.85 2.17 0.57
CA LEU A 31 8.08 1.96 1.99
C LEU A 31 6.86 1.29 2.64
N VAL A 32 7.06 0.06 3.10
CA VAL A 32 5.98 -0.67 3.76
C VAL A 32 5.89 -0.23 5.19
N LEU A 33 4.80 0.42 5.57
CA LEU A 33 4.67 0.89 6.94
C LEU A 33 4.23 -0.21 7.90
N SER A 34 3.65 -1.29 7.38
CA SER A 34 3.19 -2.39 8.22
C SER A 34 2.37 -3.41 7.42
N LYS A 35 1.61 -4.23 8.15
CA LYS A 35 0.73 -5.22 7.55
C LYS A 35 -0.71 -4.80 7.80
N VAL A 36 -1.52 -4.75 6.75
CA VAL A 36 -2.90 -4.30 6.91
C VAL A 36 -3.93 -5.44 6.85
N ASN A 37 -3.61 -6.55 6.19
CA ASN A 37 -4.56 -7.66 6.13
C ASN A 37 -3.88 -8.98 5.80
N GLU A 38 -3.08 -8.99 4.73
CA GLU A 38 -2.36 -10.19 4.29
C GLU A 38 -1.98 -10.01 2.83
N GLU A 39 -2.88 -9.41 2.08
CA GLU A 39 -2.67 -9.12 0.67
C GLU A 39 -2.74 -7.61 0.46
N TRP A 40 -2.45 -6.89 1.54
CA TRP A 40 -2.46 -5.43 1.56
C TRP A 40 -1.74 -4.95 2.80
N LEU A 41 -1.25 -3.73 2.75
CA LEU A 41 -0.55 -3.16 3.89
C LEU A 41 -0.48 -1.65 3.81
N GLU A 42 0.19 -1.05 4.80
CA GLU A 42 0.30 0.39 4.87
C GLU A 42 1.38 0.88 3.91
N GLY A 43 1.02 1.88 3.11
CA GLY A 43 1.95 2.42 2.14
C GLY A 43 2.25 3.90 2.34
N GLU A 44 3.52 4.21 2.57
CA GLU A 44 3.94 5.59 2.77
C GLU A 44 5.20 5.86 1.95
N SER A 45 5.00 6.28 0.70
CA SER A 45 6.13 6.56 -0.19
C SER A 45 6.47 8.05 -0.19
N LYS A 46 6.96 8.55 -1.33
CA LYS A 46 7.36 9.94 -1.48
C LYS A 46 6.23 10.90 -1.08
N GLY A 47 6.30 11.41 0.15
CA GLY A 47 5.30 12.35 0.63
C GLY A 47 3.88 11.96 0.25
N LYS A 48 3.53 10.70 0.48
CA LYS A 48 2.19 10.22 0.16
C LYS A 48 1.83 9.02 1.03
N VAL A 49 0.70 9.11 1.72
CA VAL A 49 0.25 8.04 2.59
C VAL A 49 -0.93 7.30 1.99
N GLY A 50 -0.85 5.98 2.02
CA GLY A 50 -1.89 5.13 1.48
C GLY A 50 -1.61 3.67 1.81
N ILE A 51 -2.06 2.77 0.95
CA ILE A 51 -1.83 1.35 1.17
C ILE A 51 -1.70 0.61 -0.15
N PHE A 52 -1.12 -0.58 -0.10
CA PHE A 52 -0.96 -1.38 -1.31
C PHE A 52 -1.02 -2.87 -1.03
N PRO A 53 -1.33 -3.68 -2.06
CA PRO A 53 -1.45 -5.13 -1.93
C PRO A 53 -0.12 -5.87 -1.77
N LYS A 54 0.97 -5.11 -1.64
CA LYS A 54 2.29 -5.68 -1.47
C LYS A 54 2.63 -6.74 -2.52
N VAL A 55 1.78 -6.89 -3.53
CA VAL A 55 2.03 -7.86 -4.59
C VAL A 55 2.83 -7.20 -5.72
N PHE A 56 2.85 -5.86 -5.70
CA PHE A 56 3.56 -5.09 -6.69
C PHE A 56 4.95 -4.73 -6.17
N VAL A 57 5.39 -5.43 -5.13
CA VAL A 57 6.69 -5.18 -4.53
C VAL A 57 7.28 -6.46 -3.95
N GLU A 58 7.30 -7.52 -4.76
CA GLU A 58 7.82 -8.80 -4.32
C GLU A 58 9.35 -8.81 -4.23
N ASP A 59 9.95 -7.63 -4.28
CA ASP A 59 11.40 -7.51 -4.20
C ASP A 59 11.81 -6.48 -3.15
N SER A 60 12.87 -6.80 -2.41
CA SER A 60 13.37 -5.90 -1.38
C SER A 60 14.40 -4.92 -1.93
N ALA A 61 14.55 -3.79 -1.27
CA ALA A 61 15.49 -2.76 -1.70
C ALA A 61 15.55 -1.61 -0.71
N THR A 62 16.47 -1.70 0.25
CA THR A 62 16.62 -0.67 1.26
C THR A 62 17.90 0.14 1.03
N SER B 1 6.75 -4.22 -20.81
CA SER B 1 5.73 -5.26 -21.08
C SER B 1 5.65 -6.27 -19.94
N LYS B 2 4.66 -6.10 -19.07
CA LYS B 2 4.48 -7.00 -17.93
C LYS B 2 3.14 -6.74 -17.25
N PRO B 3 2.08 -7.40 -17.73
CA PRO B 3 0.73 -7.27 -17.16
C PRO B 3 0.74 -7.34 -15.64
N GLN B 4 0.65 -6.18 -15.00
CA GLN B 4 0.67 -6.12 -13.53
C GLN B 4 -0.28 -7.14 -12.91
N PRO B 5 -0.04 -7.45 -11.64
CA PRO B 5 -0.86 -8.41 -10.90
C PRO B 5 -2.27 -7.90 -10.67
N ALA B 6 -3.27 -8.66 -11.09
CA ALA B 6 -4.65 -8.27 -10.88
C ALA B 6 -4.84 -7.91 -9.41
N VAL B 7 -5.02 -6.64 -9.12
CA VAL B 7 -5.15 -6.18 -7.73
C VAL B 7 -6.18 -7.03 -6.99
N PRO B 8 -5.83 -7.45 -5.75
CA PRO B 8 -6.70 -8.29 -4.92
C PRO B 8 -7.87 -7.54 -4.30
N PRO B 9 -8.79 -8.27 -3.63
CA PRO B 9 -9.96 -7.68 -2.98
C PRO B 9 -9.57 -6.79 -1.80
N ARG B 10 -9.33 -5.53 -2.11
CA ARG B 10 -8.93 -4.54 -1.12
C ARG B 10 -9.68 -4.69 0.19
N PRO B 11 -8.98 -4.48 1.32
CA PRO B 11 -9.54 -4.59 2.68
C PRO B 11 -10.85 -3.84 2.84
N SER B 12 -11.47 -3.99 4.01
CA SER B 12 -12.73 -3.33 4.30
C SER B 12 -12.49 -1.96 4.93
N ALA B 13 -11.33 -1.35 4.64
CA ALA B 13 -10.98 -0.04 5.17
C ALA B 13 -10.77 -0.08 6.67
N ASP B 14 -11.81 -0.43 7.41
CA ASP B 14 -11.73 -0.49 8.87
C ASP B 14 -10.47 -1.21 9.35
N LEU B 15 -10.25 -2.47 8.94
CA LEU B 15 -9.05 -3.15 9.40
C LEU B 15 -7.82 -2.32 9.03
N ILE B 16 -7.95 -1.52 7.96
CA ILE B 16 -6.87 -0.63 7.57
C ILE B 16 -6.78 0.44 8.65
N LEU B 17 -7.95 0.94 9.03
CA LEU B 17 -8.06 1.93 10.09
C LEU B 17 -7.52 1.33 11.38
N ASN B 18 -7.49 0.00 11.40
CA ASN B 18 -7.00 -0.76 12.53
C ASN B 18 -5.50 -1.04 12.37
N ARG B 19 -5.01 -1.00 11.13
CA ARG B 19 -3.61 -1.29 10.86
C ARG B 19 -2.96 -0.27 9.90
N CYS B 20 -3.22 1.03 10.12
CA CYS B 20 -2.62 2.06 9.27
C CYS B 20 -2.61 3.43 9.95
N SER B 21 -2.06 4.42 9.25
CA SER B 21 -1.98 5.78 9.77
C SER B 21 -3.30 6.52 9.57
N GLU B 22 -3.38 7.73 10.13
CA GLU B 22 -4.58 8.54 10.02
C GLU B 22 -4.77 9.05 8.60
N SER B 23 -3.67 9.39 7.94
CA SER B 23 -3.72 9.89 6.57
C SER B 23 -4.50 8.94 5.67
N THR B 24 -3.99 7.71 5.53
CA THR B 24 -4.65 6.71 4.72
C THR B 24 -6.07 6.45 5.21
N LYS B 25 -6.24 6.54 6.53
CA LYS B 25 -7.53 6.31 7.15
C LYS B 25 -8.55 7.34 6.69
N ARG B 26 -8.21 8.62 6.83
CA ARG B 26 -9.10 9.71 6.43
C ARG B 26 -9.71 9.46 5.06
N LYS B 27 -8.97 8.73 4.22
CA LYS B 27 -9.44 8.42 2.87
C LYS B 27 -10.60 7.44 2.91
N LEU B 28 -10.33 6.22 3.38
CA LEU B 28 -11.36 5.19 3.48
C LEU B 28 -12.45 5.61 4.47
N ALA B 29 -12.05 5.96 5.69
CA ALA B 29 -12.99 6.38 6.71
C ALA B 29 -14.06 5.31 6.94
N SER B 30 -13.64 4.05 6.91
CA SER B 30 -14.54 2.92 7.12
C SER B 30 -15.44 2.71 5.91
N ALA B 31 -14.88 2.94 4.72
CA ALA B 31 -15.63 2.78 3.48
C ALA B 31 -16.89 3.63 3.47
N VAL B 32 -17.61 3.61 2.36
CA VAL B 32 -18.84 4.37 2.22
C VAL B 32 -18.56 5.87 2.33
N GLN A 1 15.21 8.60 17.06
CA GLN A 1 15.29 7.57 15.99
C GLN A 1 13.93 7.31 15.38
N LEU A 2 13.88 6.39 14.41
CA LEU A 2 12.63 6.05 13.74
C LEU A 2 12.45 4.53 13.68
N LYS A 3 11.24 4.08 13.99
CA LYS A 3 10.93 2.66 13.97
C LYS A 3 10.48 2.22 12.57
N LYS A 4 9.89 3.15 11.83
CA LYS A 4 9.40 2.88 10.48
C LYS A 4 8.65 1.55 10.40
N GLY A 5 8.39 1.10 9.17
CA GLY A 5 7.69 -0.15 8.97
C GLY A 5 8.54 -1.17 8.24
N SER A 6 8.59 -1.05 6.92
CA SER A 6 9.37 -1.94 6.07
C SER A 6 9.47 -1.34 4.67
N GLN A 7 10.07 -2.08 3.74
CA GLN A 7 10.20 -1.58 2.37
C GLN A 7 10.38 -2.70 1.36
N VAL A 8 9.90 -2.47 0.14
CA VAL A 8 9.99 -3.44 -0.94
C VAL A 8 9.84 -2.77 -2.30
N GLU A 9 10.88 -2.84 -3.13
CA GLU A 9 10.83 -2.23 -4.46
C GLU A 9 9.57 -2.66 -5.20
N ALA A 10 9.12 -1.83 -6.14
CA ALA A 10 7.93 -2.14 -6.91
C ALA A 10 8.30 -2.91 -8.18
N LEU A 11 7.29 -3.38 -8.90
CA LEU A 11 7.51 -4.13 -10.13
C LEU A 11 6.52 -3.72 -11.22
N PHE A 12 5.32 -3.32 -10.83
CA PHE A 12 4.30 -2.91 -11.80
C PHE A 12 3.71 -1.55 -11.43
N SER A 13 3.42 -0.75 -12.44
CA SER A 13 2.80 0.54 -12.21
C SER A 13 1.34 0.30 -11.83
N TYR A 14 1.05 0.44 -10.54
CA TYR A 14 -0.28 0.21 -10.03
C TYR A 14 -1.20 1.38 -10.30
N GLU A 15 -2.23 1.15 -11.12
CA GLU A 15 -3.20 2.17 -11.44
C GLU A 15 -4.05 2.49 -10.22
N ALA A 16 -3.81 3.65 -9.63
CA ALA A 16 -4.55 4.06 -8.44
C ALA A 16 -5.85 4.74 -8.79
N THR A 17 -6.97 4.06 -8.54
CA THR A 17 -8.28 4.59 -8.81
C THR A 17 -8.91 5.14 -7.53
N GLN A 18 -8.54 4.53 -6.40
CA GLN A 18 -9.04 4.97 -5.11
C GLN A 18 -7.98 5.78 -4.37
N PRO A 19 -8.39 6.61 -3.40
CA PRO A 19 -7.47 7.46 -2.64
C PRO A 19 -6.47 6.67 -1.80
N GLU A 20 -6.98 5.91 -0.83
CA GLU A 20 -6.13 5.13 0.06
C GLU A 20 -5.09 4.30 -0.71
N ASP A 21 -5.47 3.81 -1.88
CA ASP A 21 -4.57 3.01 -2.70
C ASP A 21 -3.29 3.77 -3.01
N LEU A 22 -2.17 3.22 -2.57
CA LEU A 22 -0.86 3.83 -2.80
C LEU A 22 -0.39 3.51 -4.22
N GLU A 23 -0.40 4.53 -5.08
CA GLU A 23 0.00 4.36 -6.47
C GLU A 23 1.52 4.35 -6.61
N PHE A 24 2.01 3.60 -7.58
CA PHE A 24 3.45 3.52 -7.83
C PHE A 24 3.72 3.05 -9.26
N GLN A 25 5.01 3.03 -9.63
CA GLN A 25 5.41 2.62 -10.97
C GLN A 25 5.76 1.13 -11.01
N GLU A 26 6.46 0.72 -12.06
CA GLU A 26 6.85 -0.68 -12.22
C GLU A 26 8.24 -0.96 -11.64
N GLY A 27 8.67 -0.12 -10.72
CA GLY A 27 9.97 -0.31 -10.11
C GLY A 27 10.41 0.88 -9.28
N ASP A 28 9.88 0.98 -8.07
CA ASP A 28 10.22 2.08 -7.18
C ASP A 28 10.43 1.62 -5.74
N ILE A 29 11.13 2.45 -4.98
CA ILE A 29 11.41 2.14 -3.58
C ILE A 29 10.29 2.65 -2.68
N ILE A 30 9.27 1.83 -2.51
CA ILE A 30 8.14 2.19 -1.66
C ILE A 30 8.47 1.95 -0.19
N LEU A 31 8.00 2.85 0.67
CA LEU A 31 8.25 2.73 2.09
C LEU A 31 7.05 2.08 2.77
N VAL A 32 7.15 0.78 3.03
CA VAL A 32 6.08 0.07 3.69
C VAL A 32 6.03 0.51 5.14
N LEU A 33 4.87 0.94 5.59
CA LEU A 33 4.75 1.42 6.96
C LEU A 33 4.30 0.32 7.92
N SER A 34 3.72 -0.74 7.40
CA SER A 34 3.24 -1.83 8.25
C SER A 34 2.56 -2.93 7.44
N LYS A 35 1.91 -3.84 8.17
CA LYS A 35 1.17 -4.94 7.57
C LYS A 35 -0.32 -4.69 7.80
N VAL A 36 -1.10 -4.63 6.72
CA VAL A 36 -2.52 -4.37 6.84
C VAL A 36 -3.35 -5.66 6.83
N ASN A 37 -3.80 -6.11 5.67
CA ASN A 37 -4.59 -7.34 5.61
C ASN A 37 -3.76 -8.52 5.08
N GLU A 38 -4.43 -9.65 4.84
CA GLU A 38 -3.76 -10.85 4.35
C GLU A 38 -2.95 -10.61 3.08
N GLU A 39 -3.35 -9.62 2.30
CA GLU A 39 -2.65 -9.31 1.05
C GLU A 39 -2.65 -7.81 0.78
N TRP A 40 -2.32 -7.04 1.81
CA TRP A 40 -2.26 -5.59 1.71
C TRP A 40 -1.47 -5.02 2.89
N LEU A 41 -1.03 -3.79 2.76
CA LEU A 41 -0.28 -3.14 3.81
C LEU A 41 -0.30 -1.62 3.66
N GLU A 42 0.31 -0.94 4.62
CA GLU A 42 0.35 0.51 4.61
C GLU A 42 1.41 1.02 3.65
N GLY A 43 1.19 2.23 3.14
CA GLY A 43 2.12 2.82 2.20
C GLY A 43 2.36 4.30 2.43
N GLU A 44 3.64 4.67 2.55
CA GLU A 44 4.01 6.07 2.75
C GLU A 44 5.22 6.42 1.89
N SER A 45 4.98 6.68 0.61
CA SER A 45 6.04 7.00 -0.32
C SER A 45 6.33 8.50 -0.35
N LYS A 46 7.35 8.90 0.41
CA LYS A 46 7.77 10.29 0.48
C LYS A 46 6.71 11.18 1.13
N GLY A 47 5.86 11.81 0.30
CA GLY A 47 4.83 12.68 0.83
C GLY A 47 3.43 12.23 0.46
N LYS A 48 3.18 10.94 0.54
CA LYS A 48 1.87 10.39 0.22
C LYS A 48 1.60 9.12 1.03
N VAL A 49 0.50 9.13 1.77
CA VAL A 49 0.13 7.98 2.58
C VAL A 49 -1.03 7.21 1.97
N GLY A 50 -0.76 5.97 1.61
CA GLY A 50 -1.76 5.10 1.02
C GLY A 50 -1.52 3.66 1.40
N ILE A 51 -2.00 2.74 0.58
CA ILE A 51 -1.81 1.31 0.85
C ILE A 51 -1.77 0.50 -0.43
N PHE A 52 -1.21 -0.71 -0.35
CA PHE A 52 -1.11 -1.57 -1.51
C PHE A 52 -1.22 -3.04 -1.14
N PRO A 53 -1.45 -3.91 -2.14
CA PRO A 53 -1.59 -5.35 -1.94
C PRO A 53 -0.25 -6.07 -1.80
N LYS A 54 0.83 -5.30 -1.71
CA LYS A 54 2.16 -5.84 -1.57
C LYS A 54 2.50 -6.88 -2.64
N VAL A 55 1.62 -7.05 -3.62
CA VAL A 55 1.88 -7.98 -4.70
C VAL A 55 2.70 -7.29 -5.80
N PHE A 56 2.67 -5.96 -5.78
CA PHE A 56 3.41 -5.14 -6.72
C PHE A 56 4.76 -4.75 -6.14
N VAL A 57 5.16 -5.46 -5.08
CA VAL A 57 6.42 -5.18 -4.41
C VAL A 57 6.95 -6.43 -3.70
N GLU A 58 7.12 -7.51 -4.45
CA GLU A 58 7.61 -8.77 -3.88
C GLU A 58 9.08 -8.69 -3.48
N ASP A 59 9.62 -7.47 -3.44
CA ASP A 59 11.01 -7.27 -3.07
C ASP A 59 11.24 -7.61 -1.59
N SER A 60 12.36 -7.16 -1.05
CA SER A 60 12.69 -7.42 0.35
C SER A 60 13.86 -6.54 0.81
N ALA A 61 13.52 -5.34 1.28
CA ALA A 61 14.54 -4.40 1.75
C ALA A 61 14.74 -4.53 3.25
N THR A 62 13.64 -4.57 4.00
CA THR A 62 13.69 -4.70 5.44
C THR A 62 13.56 -6.15 5.88
N SER B 1 7.30 -5.19 -21.53
CA SER B 1 6.21 -4.87 -20.58
C SER B 1 5.85 -6.07 -19.71
N LYS B 2 4.73 -5.97 -18.99
CA LYS B 2 4.27 -7.05 -18.12
C LYS B 2 2.86 -6.79 -17.61
N PRO B 3 2.04 -7.84 -17.53
CA PRO B 3 0.66 -7.76 -17.06
C PRO B 3 0.60 -7.75 -15.53
N GLN B 4 0.53 -6.55 -14.95
CA GLN B 4 0.48 -6.42 -13.49
C GLN B 4 -0.51 -7.39 -12.86
N PRO B 5 -0.31 -7.68 -11.58
CA PRO B 5 -1.17 -8.58 -10.83
C PRO B 5 -2.57 -8.02 -10.65
N ALA B 6 -3.56 -8.71 -11.17
CA ALA B 6 -4.95 -8.27 -11.03
C ALA B 6 -5.21 -7.96 -9.56
N VAL B 7 -5.24 -6.68 -9.22
CA VAL B 7 -5.44 -6.27 -7.83
C VAL B 7 -6.65 -6.97 -7.23
N PRO B 8 -6.49 -7.50 -6.00
CA PRO B 8 -7.55 -8.23 -5.29
C PRO B 8 -8.53 -7.31 -4.58
N PRO B 9 -9.62 -7.88 -4.01
CA PRO B 9 -10.61 -7.11 -3.26
C PRO B 9 -10.01 -6.51 -2.00
N ARG B 10 -9.52 -5.29 -2.15
CA ARG B 10 -8.87 -4.57 -1.06
C ARG B 10 -9.57 -4.77 0.28
N PRO B 11 -8.84 -4.51 1.36
CA PRO B 11 -9.31 -4.64 2.74
C PRO B 11 -10.66 -3.98 2.96
N SER B 12 -11.20 -4.13 4.17
CA SER B 12 -12.51 -3.55 4.49
C SER B 12 -12.37 -2.14 5.03
N ALA B 13 -11.25 -1.48 4.72
CA ALA B 13 -11.00 -0.12 5.17
C ALA B 13 -10.78 -0.06 6.69
N ASP B 14 -11.79 -0.48 7.46
CA ASP B 14 -11.68 -0.46 8.91
C ASP B 14 -10.43 -1.21 9.37
N LEU B 15 -10.26 -2.47 8.95
CA LEU B 15 -9.07 -3.21 9.35
C LEU B 15 -7.84 -2.41 8.94
N ILE B 16 -7.97 -1.65 7.85
CA ILE B 16 -6.89 -0.78 7.41
C ILE B 16 -6.73 0.29 8.46
N LEU B 17 -7.87 0.85 8.87
CA LEU B 17 -7.90 1.85 9.92
C LEU B 17 -7.32 1.26 11.20
N ASN B 18 -7.39 -0.06 11.27
CA ASN B 18 -6.87 -0.80 12.40
C ASN B 18 -5.41 -1.19 12.17
N ARG B 19 -4.99 -1.14 10.90
CA ARG B 19 -3.63 -1.52 10.53
C ARG B 19 -2.94 -0.47 9.62
N CYS B 20 -3.24 0.81 9.84
CA CYS B 20 -2.61 1.87 9.03
C CYS B 20 -2.54 3.19 9.79
N SER B 21 -2.03 4.22 9.10
CA SER B 21 -1.89 5.55 9.67
C SER B 21 -3.19 6.35 9.51
N GLU B 22 -3.22 7.54 10.12
CA GLU B 22 -4.39 8.40 10.04
C GLU B 22 -4.61 8.91 8.62
N SER B 23 -3.52 9.26 7.95
CA SER B 23 -3.60 9.76 6.57
C SER B 23 -4.35 8.80 5.68
N THR B 24 -3.77 7.62 5.47
CA THR B 24 -4.40 6.60 4.63
C THR B 24 -5.77 6.21 5.18
N LYS B 25 -5.97 6.46 6.47
CA LYS B 25 -7.22 6.13 7.14
C LYS B 25 -8.34 7.09 6.70
N ARG B 26 -8.07 8.39 6.81
CA ARG B 26 -9.06 9.40 6.45
C ARG B 26 -9.66 9.12 5.07
N LYS B 27 -8.89 8.45 4.22
CA LYS B 27 -9.35 8.11 2.88
C LYS B 27 -10.48 7.08 2.93
N LEU B 28 -10.46 6.24 3.98
CA LEU B 28 -11.48 5.22 4.16
C LEU B 28 -12.27 5.46 5.43
N ALA B 29 -13.17 4.54 5.75
CA ALA B 29 -14.00 4.65 6.96
C ALA B 29 -14.73 3.35 7.25
N SER B 30 -15.50 2.87 6.28
CA SER B 30 -16.25 1.63 6.43
C SER B 30 -16.49 0.97 5.08
N ALA B 31 -15.45 0.96 4.24
CA ALA B 31 -15.54 0.35 2.91
C ALA B 31 -16.49 1.14 2.01
N VAL B 32 -17.77 1.06 2.30
CA VAL B 32 -18.78 1.77 1.51
C VAL B 32 -18.53 3.28 1.53
#